data_3F6J
# 
_entry.id   3F6J 
# 
_audit_conform.dict_name       mmcif_pdbx.dic 
_audit_conform.dict_version    5.398 
_audit_conform.dict_location   http://mmcif.pdb.org/dictionaries/ascii/mmcif_pdbx.dic 
# 
loop_
_database_2.database_id 
_database_2.database_code 
_database_2.pdbx_database_accession 
_database_2.pdbx_DOI 
PDB   3F6J         pdb_00003f6j 10.2210/pdb3f6j/pdb 
RCSB  RCSB050208   ?            ?                   
WWPDB D_1000050208 ?            ?                   
# 
loop_
_pdbx_audit_revision_history.ordinal 
_pdbx_audit_revision_history.data_content_type 
_pdbx_audit_revision_history.major_revision 
_pdbx_audit_revision_history.minor_revision 
_pdbx_audit_revision_history.revision_date 
1 'Structure model' 1 0 2009-11-17 
2 'Structure model' 1 1 2011-07-13 
3 'Structure model' 1 2 2013-08-28 
4 'Structure model' 1 3 2014-12-17 
5 'Structure model' 1 4 2017-10-25 
6 'Structure model' 2 0 2020-07-01 
7 'Structure model' 3 0 2020-07-29 
8 'Structure model' 3 1 2023-11-01 
9 'Structure model' 3 2 2024-11-06 
# 
loop_
_pdbx_audit_revision_details.ordinal 
_pdbx_audit_revision_details.revision_ordinal 
_pdbx_audit_revision_details.data_content_type 
_pdbx_audit_revision_details.provider 
_pdbx_audit_revision_details.type 
_pdbx_audit_revision_details.description 
_pdbx_audit_revision_details.details 
1 1 'Structure model' repository 'Initial release' ?                          ? 
2 7 'Structure model' repository Remediation       'Carbohydrate remediation' ? 
# 
loop_
_pdbx_audit_revision_group.ordinal 
_pdbx_audit_revision_group.revision_ordinal 
_pdbx_audit_revision_group.data_content_type 
_pdbx_audit_revision_group.group 
1  2 'Structure model' 'Non-polymer description'   
2  2 'Structure model' 'Version format compliance' 
3  3 'Structure model' 'Database references'       
4  4 'Structure model' 'Atomic model'              
5  4 'Structure model' 'Derived calculations'      
6  5 'Structure model' Advisory                    
7  5 'Structure model' 'Refinement description'    
8  6 'Structure model' Advisory                    
9  6 'Structure model' 'Atomic model'              
10 6 'Structure model' 'Data collection'           
11 6 'Structure model' 'Derived calculations'      
12 6 'Structure model' 'Structure summary'         
13 7 'Structure model' Advisory                    
14 7 'Structure model' 'Atomic model'              
15 7 'Structure model' 'Data collection'           
16 7 'Structure model' 'Derived calculations'      
17 7 'Structure model' 'Structure summary'         
18 8 'Structure model' 'Data collection'           
19 8 'Structure model' 'Database references'       
20 8 'Structure model' 'Refinement description'    
21 8 'Structure model' 'Structure summary'         
22 9 'Structure model' 'Structure summary'         
# 
loop_
_pdbx_audit_revision_category.ordinal 
_pdbx_audit_revision_category.revision_ordinal 
_pdbx_audit_revision_category.data_content_type 
_pdbx_audit_revision_category.category 
1  5 'Structure model' pdbx_unobs_or_zero_occ_atoms  
2  5 'Structure model' software                      
3  6 'Structure model' atom_site                     
4  6 'Structure model' chem_comp                     
5  6 'Structure model' diffrn_source                 
6  6 'Structure model' entity                        
7  6 'Structure model' pdbx_distant_solvent_atoms    
8  6 'Structure model' pdbx_nonpoly_scheme           
9  6 'Structure model' pdbx_struct_assembly_gen      
10 6 'Structure model' pdbx_unobs_or_zero_occ_atoms  
11 6 'Structure model' pdbx_validate_close_contact   
12 6 'Structure model' struct_asym                   
13 6 'Structure model' struct_conn                   
14 6 'Structure model' struct_conn_type              
15 6 'Structure model' struct_site_gen               
16 7 'Structure model' atom_site                     
17 7 'Structure model' chem_comp                     
18 7 'Structure model' entity                        
19 7 'Structure model' pdbx_branch_scheme            
20 7 'Structure model' pdbx_chem_comp_identifier     
21 7 'Structure model' pdbx_entity_branch            
22 7 'Structure model' pdbx_entity_branch_descriptor 
23 7 'Structure model' pdbx_entity_branch_link       
24 7 'Structure model' pdbx_entity_branch_list       
25 7 'Structure model' pdbx_entity_nonpoly           
26 7 'Structure model' pdbx_nonpoly_scheme           
27 7 'Structure model' pdbx_struct_assembly_gen      
28 7 'Structure model' pdbx_unobs_or_zero_occ_atoms  
29 7 'Structure model' pdbx_validate_close_contact   
30 7 'Structure model' struct_asym                   
31 7 'Structure model' struct_conn                   
32 7 'Structure model' struct_conn_type              
33 7 'Structure model' struct_site                   
34 7 'Structure model' struct_site_gen               
35 8 'Structure model' chem_comp                     
36 8 'Structure model' chem_comp_atom                
37 8 'Structure model' chem_comp_bond                
38 8 'Structure model' database_2                    
39 8 'Structure model' pdbx_initial_refinement_model 
40 9 'Structure model' pdbx_entry_details            
41 9 'Structure model' pdbx_modification_feature     
# 
loop_
_pdbx_audit_revision_item.ordinal 
_pdbx_audit_revision_item.revision_ordinal 
_pdbx_audit_revision_item.data_content_type 
_pdbx_audit_revision_item.item 
1  5 'Structure model' '_software.name'                         
2  6 'Structure model' '_atom_site.auth_seq_id'                 
3  6 'Structure model' '_atom_site.label_asym_id'               
4  6 'Structure model' '_chem_comp.type'                        
5  6 'Structure model' '_diffrn_source.pdbx_synchrotron_site'   
6  6 'Structure model' '_entity.pdbx_number_of_molecules'       
7  6 'Structure model' '_pdbx_struct_assembly_gen.asym_id_list' 
8  6 'Structure model' '_struct_site_gen.auth_seq_id'           
9  6 'Structure model' '_struct_site_gen.label_asym_id'         
10 7 'Structure model' '_atom_site.B_iso_or_equiv'              
11 7 'Structure model' '_atom_site.Cartn_x'                     
12 7 'Structure model' '_atom_site.Cartn_y'                     
13 7 'Structure model' '_atom_site.Cartn_z'                     
14 7 'Structure model' '_atom_site.auth_asym_id'                
15 7 'Structure model' '_atom_site.auth_atom_id'                
16 7 'Structure model' '_atom_site.auth_comp_id'                
17 7 'Structure model' '_atom_site.auth_seq_id'                 
18 7 'Structure model' '_atom_site.label_asym_id'               
19 7 'Structure model' '_atom_site.label_atom_id'               
20 7 'Structure model' '_atom_site.label_comp_id'               
21 7 'Structure model' '_atom_site.label_entity_id'             
22 7 'Structure model' '_atom_site.type_symbol'                 
23 7 'Structure model' '_chem_comp.mon_nstd_flag'               
24 7 'Structure model' '_chem_comp.name'                        
25 7 'Structure model' '_chem_comp.type'                        
26 7 'Structure model' '_pdbx_struct_assembly_gen.asym_id_list' 
27 8 'Structure model' '_chem_comp.pdbx_synonyms'               
28 8 'Structure model' '_database_2.pdbx_DOI'                   
29 8 'Structure model' '_database_2.pdbx_database_accession'    
# 
_pdbx_database_status.entry_id                        3F6J 
_pdbx_database_status.deposit_site                    RCSB 
_pdbx_database_status.process_site                    PDBJ 
_pdbx_database_status.recvd_initial_deposition_date   2008-11-06 
_pdbx_database_status.status_code                     REL 
_pdbx_database_status.status_code_sf                  REL 
_pdbx_database_status.status_code_mr                  ? 
_pdbx_database_status.SG_entry                        ? 
_pdbx_database_status.status_code_cs                  ? 
_pdbx_database_status.methods_development_category    ? 
_pdbx_database_status.pdb_format_compatible           Y 
_pdbx_database_status.status_code_nmr_data            ? 
# 
_pdbx_database_related.db_name        PDB 
_pdbx_database_related.db_id          1O9Z 
_pdbx_database_related.details        'F17aG apo-protein' 
_pdbx_database_related.content_type   unspecified 
# 
loop_
_audit_author.name 
_audit_author.pdbx_ordinal 
'Buts, L.'       1  
'de Boer, A.'    2  
'Olsson, J.D.M.' 3  
'Jonckheere, W.' 4  
'De Kerpel, M.'  5  
'De Genst, E.'   6  
'Guerardel, Y.'  7  
'Willaert, R.'   8  
'Wyns, L.'       9  
'Wuhrer, M.'     10 
'Oscarson, S.'   11 
'De Greve, H.'   12 
'Bouckaert, J.'  13 
# 
_citation.id                        primary 
_citation.title                     
;Structural Sampling of Glycan Interaction Profiles Reveals Mucosal Receptors for Fimbrial Adhesins of Enterotoxigenic Escherichia coli
;
_citation.journal_abbrev            Biology 
_citation.journal_volume            2 
_citation.page_first                894 
_citation.page_last                 917 
_citation.year                      2013 
_citation.journal_id_ASTM           ? 
_citation.country                   CH 
_citation.journal_id_ISSN           2079-7737 
_citation.journal_id_CSD            0353 
_citation.book_publisher            ? 
_citation.pdbx_database_id_PubMed   24833052 
_citation.pdbx_database_id_DOI      10.3390/biology2030894 
# 
loop_
_citation_author.citation_id 
_citation_author.name 
_citation_author.ordinal 
_citation_author.identifier_ORCID 
primary 'Lonardi, E.'    1  ? 
primary 'Moonens, K.'    2  ? 
primary 'Buts, L.'       3  ? 
primary 'de Boer, A.R.'  4  ? 
primary 'Olsson, J.D.M.' 5  ? 
primary 'Weiss, M.S.'    6  ? 
primary 'Fabre, E.'      7  ? 
primary 'Guerardel, Y.'  8  ? 
primary 'Deelder, A.M.'  9  ? 
primary 'Oscarson, S.'   10 ? 
primary 'Wuhrer, M.'     11 ? 
primary 'Bouckaert, J.'  12 ? 
# 
loop_
_entity.id 
_entity.type 
_entity.src_method 
_entity.pdbx_description 
_entity.formula_weight 
_entity.pdbx_number_of_molecules 
_entity.pdbx_ec 
_entity.pdbx_mutation 
_entity.pdbx_fragment 
_entity.details 
1 polymer  man F17a-G                                                                           19048.227 1   ? ? 
'carbohydrate-binding domain, UNP residues 23-199' ? 
2 branched man '2-acetamido-2-deoxy-beta-D-glucopyranose-(1-3)-methyl beta-D-galactopyranoside' 397.375   1   ? ? ? ? 
3 water    nat water                                                                            18.015    181 ? ? ? ? 
# 
_entity_poly.entity_id                      1 
_entity_poly.type                           'polypeptide(L)' 
_entity_poly.nstd_linkage                   no 
_entity_poly.nstd_monomer                   no 
_entity_poly.pdbx_seq_one_letter_code       
;AVSFIGSTENDVGPSLGSYSRTHAMDNLPFVYDTRNKIGYQNANVWHISKGFCVGLDGKVDLPVVGSLDGQSIYGLTEEV
GLLIWMGDTKYSRGTAMSGNSWENVFSGWCVGANTASTQGLSVRVTPVILKRNSSARYSVQKTSIGSIRMRPYNGSSAGS
VQTTVNFSLNPFTLNDT
;
_entity_poly.pdbx_seq_one_letter_code_can   
;AVSFIGSTENDVGPSLGSYSRTHAMDNLPFVYDTRNKIGYQNANVWHISKGFCVGLDGKVDLPVVGSLDGQSIYGLTEEV
GLLIWMGDTKYSRGTAMSGNSWENVFSGWCVGANTASTQGLSVRVTPVILKRNSSARYSVQKTSIGSIRMRPYNGSSAGS
VQTTVNFSLNPFTLNDT
;
_entity_poly.pdbx_strand_id                 A 
_entity_poly.pdbx_target_identifier         ? 
# 
_pdbx_entity_nonpoly.entity_id   3 
_pdbx_entity_nonpoly.name        water 
_pdbx_entity_nonpoly.comp_id     HOH 
# 
loop_
_entity_poly_seq.entity_id 
_entity_poly_seq.num 
_entity_poly_seq.mon_id 
_entity_poly_seq.hetero 
1 1   ALA n 
1 2   VAL n 
1 3   SER n 
1 4   PHE n 
1 5   ILE n 
1 6   GLY n 
1 7   SER n 
1 8   THR n 
1 9   GLU n 
1 10  ASN n 
1 11  ASP n 
1 12  VAL n 
1 13  GLY n 
1 14  PRO n 
1 15  SER n 
1 16  LEU n 
1 17  GLY n 
1 18  SER n 
1 19  TYR n 
1 20  SER n 
1 21  ARG n 
1 22  THR n 
1 23  HIS n 
1 24  ALA n 
1 25  MET n 
1 26  ASP n 
1 27  ASN n 
1 28  LEU n 
1 29  PRO n 
1 30  PHE n 
1 31  VAL n 
1 32  TYR n 
1 33  ASP n 
1 34  THR n 
1 35  ARG n 
1 36  ASN n 
1 37  LYS n 
1 38  ILE n 
1 39  GLY n 
1 40  TYR n 
1 41  GLN n 
1 42  ASN n 
1 43  ALA n 
1 44  ASN n 
1 45  VAL n 
1 46  TRP n 
1 47  HIS n 
1 48  ILE n 
1 49  SER n 
1 50  LYS n 
1 51  GLY n 
1 52  PHE n 
1 53  CYS n 
1 54  VAL n 
1 55  GLY n 
1 56  LEU n 
1 57  ASP n 
1 58  GLY n 
1 59  LYS n 
1 60  VAL n 
1 61  ASP n 
1 62  LEU n 
1 63  PRO n 
1 64  VAL n 
1 65  VAL n 
1 66  GLY n 
1 67  SER n 
1 68  LEU n 
1 69  ASP n 
1 70  GLY n 
1 71  GLN n 
1 72  SER n 
1 73  ILE n 
1 74  TYR n 
1 75  GLY n 
1 76  LEU n 
1 77  THR n 
1 78  GLU n 
1 79  GLU n 
1 80  VAL n 
1 81  GLY n 
1 82  LEU n 
1 83  LEU n 
1 84  ILE n 
1 85  TRP n 
1 86  MET n 
1 87  GLY n 
1 88  ASP n 
1 89  THR n 
1 90  LYS n 
1 91  TYR n 
1 92  SER n 
1 93  ARG n 
1 94  GLY n 
1 95  THR n 
1 96  ALA n 
1 97  MET n 
1 98  SER n 
1 99  GLY n 
1 100 ASN n 
1 101 SER n 
1 102 TRP n 
1 103 GLU n 
1 104 ASN n 
1 105 VAL n 
1 106 PHE n 
1 107 SER n 
1 108 GLY n 
1 109 TRP n 
1 110 CYS n 
1 111 VAL n 
1 112 GLY n 
1 113 ALA n 
1 114 ASN n 
1 115 THR n 
1 116 ALA n 
1 117 SER n 
1 118 THR n 
1 119 GLN n 
1 120 GLY n 
1 121 LEU n 
1 122 SER n 
1 123 VAL n 
1 124 ARG n 
1 125 VAL n 
1 126 THR n 
1 127 PRO n 
1 128 VAL n 
1 129 ILE n 
1 130 LEU n 
1 131 LYS n 
1 132 ARG n 
1 133 ASN n 
1 134 SER n 
1 135 SER n 
1 136 ALA n 
1 137 ARG n 
1 138 TYR n 
1 139 SER n 
1 140 VAL n 
1 141 GLN n 
1 142 LYS n 
1 143 THR n 
1 144 SER n 
1 145 ILE n 
1 146 GLY n 
1 147 SER n 
1 148 ILE n 
1 149 ARG n 
1 150 MET n 
1 151 ARG n 
1 152 PRO n 
1 153 TYR n 
1 154 ASN n 
1 155 GLY n 
1 156 SER n 
1 157 SER n 
1 158 ALA n 
1 159 GLY n 
1 160 SER n 
1 161 VAL n 
1 162 GLN n 
1 163 THR n 
1 164 THR n 
1 165 VAL n 
1 166 ASN n 
1 167 PHE n 
1 168 SER n 
1 169 LEU n 
1 170 ASN n 
1 171 PRO n 
1 172 PHE n 
1 173 THR n 
1 174 LEU n 
1 175 ASN n 
1 176 ASP n 
1 177 THR n 
# 
_entity_src_gen.entity_id                          1 
_entity_src_gen.pdbx_src_id                        1 
_entity_src_gen.pdbx_alt_source_flag               sample 
_entity_src_gen.pdbx_seq_type                      ? 
_entity_src_gen.pdbx_beg_seq_num                   ? 
_entity_src_gen.pdbx_end_seq_num                   ? 
_entity_src_gen.gene_src_common_name               ? 
_entity_src_gen.gene_src_genus                     ? 
_entity_src_gen.pdbx_gene_src_gene                 ? 
_entity_src_gen.gene_src_species                   ? 
_entity_src_gen.gene_src_strain                    ? 
_entity_src_gen.gene_src_tissue                    ? 
_entity_src_gen.gene_src_tissue_fraction           ? 
_entity_src_gen.gene_src_details                   ? 
_entity_src_gen.pdbx_gene_src_fragment             ? 
_entity_src_gen.pdbx_gene_src_scientific_name      'Escherichia coli' 
_entity_src_gen.pdbx_gene_src_ncbi_taxonomy_id     562 
_entity_src_gen.pdbx_gene_src_variant              ? 
_entity_src_gen.pdbx_gene_src_cell_line            ? 
_entity_src_gen.pdbx_gene_src_atcc                 ? 
_entity_src_gen.pdbx_gene_src_organ                ? 
_entity_src_gen.pdbx_gene_src_organelle            ? 
_entity_src_gen.pdbx_gene_src_cell                 ? 
_entity_src_gen.pdbx_gene_src_cellular_location    ? 
_entity_src_gen.host_org_common_name               ? 
_entity_src_gen.pdbx_host_org_scientific_name      'Escherichia coli' 
_entity_src_gen.pdbx_host_org_ncbi_taxonomy_id     562 
_entity_src_gen.host_org_genus                     ? 
_entity_src_gen.pdbx_host_org_gene                 ? 
_entity_src_gen.pdbx_host_org_organ                ? 
_entity_src_gen.host_org_species                   ? 
_entity_src_gen.pdbx_host_org_tissue               ? 
_entity_src_gen.pdbx_host_org_tissue_fraction      ? 
_entity_src_gen.pdbx_host_org_strain               BL21-AI 
_entity_src_gen.pdbx_host_org_variant              ? 
_entity_src_gen.pdbx_host_org_cell_line            ? 
_entity_src_gen.pdbx_host_org_atcc                 ? 
_entity_src_gen.pdbx_host_org_culture_collection   ? 
_entity_src_gen.pdbx_host_org_cell                 ? 
_entity_src_gen.pdbx_host_org_organelle            ? 
_entity_src_gen.pdbx_host_org_cellular_location    ? 
_entity_src_gen.pdbx_host_org_vector_type          plasmid 
_entity_src_gen.pdbx_host_org_vector               ? 
_entity_src_gen.host_org_details                   ? 
_entity_src_gen.expression_system_id               ? 
_entity_src_gen.plasmid_name                       pHD52 
_entity_src_gen.plasmid_details                    'CUSTOM (T7 promotor)' 
_entity_src_gen.pdbx_description                   ? 
# 
_pdbx_entity_branch.entity_id   2 
_pdbx_entity_branch.type        oligosaccharide 
# 
loop_
_pdbx_entity_branch_descriptor.ordinal 
_pdbx_entity_branch_descriptor.entity_id 
_pdbx_entity_branch_descriptor.descriptor 
_pdbx_entity_branch_descriptor.type 
_pdbx_entity_branch_descriptor.program 
_pdbx_entity_branch_descriptor.program_version 
1 2 'DGlcpNAcb1-3DGalp[1Me]b1-OME'                                            'Glycam Condensed Sequence' GMML       1.0   
2 2 'WURCS=2.0/2,2,1/[a2112h-1b_1-5_1*OC][a2122h-1b_1-5_2*NCC/3=O]/1-2/a3-b1' WURCS                       PDB2Glycan 1.1.0 
3 2 '[][methyl]{[(1+1)][b-D-Galp]{[(3+1)][b-D-GlcpNAc]{}}}'                   LINUCS                      PDB-CARE   ?     
# 
_pdbx_entity_branch_link.link_id                    1 
_pdbx_entity_branch_link.entity_id                  2 
_pdbx_entity_branch_link.entity_branch_list_num_1   2 
_pdbx_entity_branch_link.comp_id_1                  NAG 
_pdbx_entity_branch_link.atom_id_1                  C1 
_pdbx_entity_branch_link.leaving_atom_id_1          O1 
_pdbx_entity_branch_link.entity_branch_list_num_2   1 
_pdbx_entity_branch_link.comp_id_2                  MBG 
_pdbx_entity_branch_link.atom_id_2                  O3 
_pdbx_entity_branch_link.leaving_atom_id_2          HO3 
_pdbx_entity_branch_link.value_order                sing 
_pdbx_entity_branch_link.details                    ? 
# 
loop_
_chem_comp.id 
_chem_comp.type 
_chem_comp.mon_nstd_flag 
_chem_comp.name 
_chem_comp.pdbx_synonyms 
_chem_comp.formula 
_chem_comp.formula_weight 
ALA 'L-peptide linking'          y ALANINE                                  ? 'C3 H7 N O2'     89.093  
ARG 'L-peptide linking'          y ARGININE                                 ? 'C6 H15 N4 O2 1' 175.209 
ASN 'L-peptide linking'          y ASPARAGINE                               ? 'C4 H8 N2 O3'    132.118 
ASP 'L-peptide linking'          y 'ASPARTIC ACID'                          ? 'C4 H7 N O4'     133.103 
CYS 'L-peptide linking'          y CYSTEINE                                 ? 'C3 H7 N O2 S'   121.158 
GLN 'L-peptide linking'          y GLUTAMINE                                ? 'C5 H10 N2 O3'   146.144 
GLU 'L-peptide linking'          y 'GLUTAMIC ACID'                          ? 'C5 H9 N O4'     147.129 
GLY 'peptide linking'            y GLYCINE                                  ? 'C2 H5 N O2'     75.067  
HIS 'L-peptide linking'          y HISTIDINE                                ? 'C6 H10 N3 O2 1' 156.162 
HOH non-polymer                  . WATER                                    ? 'H2 O'           18.015  
ILE 'L-peptide linking'          y ISOLEUCINE                               ? 'C6 H13 N O2'    131.173 
LEU 'L-peptide linking'          y LEUCINE                                  ? 'C6 H13 N O2'    131.173 
LYS 'L-peptide linking'          y LYSINE                                   ? 'C6 H15 N2 O2 1' 147.195 
MBG D-saccharide                 n 'methyl beta-D-galactopyranoside'        
'METHYL-BETA-GALACTOSE; methyl beta-D-galactoside; methyl D-galactoside; methyl galactoside' 'C7 H14 O6'      194.182 
MET 'L-peptide linking'          y METHIONINE                               ? 'C5 H11 N O2 S'  149.211 
NAG 'D-saccharide, beta linking' . 2-acetamido-2-deoxy-beta-D-glucopyranose 
;N-acetyl-beta-D-glucosamine; 2-acetamido-2-deoxy-beta-D-glucose; 2-acetamido-2-deoxy-D-glucose; 2-acetamido-2-deoxy-glucose; N-ACETYL-D-GLUCOSAMINE
;
'C8 H15 N O6'    221.208 
PHE 'L-peptide linking'          y PHENYLALANINE                            ? 'C9 H11 N O2'    165.189 
PRO 'L-peptide linking'          y PROLINE                                  ? 'C5 H9 N O2'     115.130 
SER 'L-peptide linking'          y SERINE                                   ? 'C3 H7 N O3'     105.093 
THR 'L-peptide linking'          y THREONINE                                ? 'C4 H9 N O3'     119.119 
TRP 'L-peptide linking'          y TRYPTOPHAN                               ? 'C11 H12 N2 O2'  204.225 
TYR 'L-peptide linking'          y TYROSINE                                 ? 'C9 H11 N O3'    181.189 
VAL 'L-peptide linking'          y VALINE                                   ? 'C5 H11 N O2'    117.146 
# 
loop_
_pdbx_chem_comp_identifier.comp_id 
_pdbx_chem_comp_identifier.type 
_pdbx_chem_comp_identifier.program 
_pdbx_chem_comp_identifier.program_version 
_pdbx_chem_comp_identifier.identifier 
MBG 'CONDENSED IUPAC CARBOHYDRATE SYMBOL' GMML     1.0 'DGalp[1Me]b'                  
MBG 'COMMON NAME'                         GMML     1.0 1-methyl-b-D-galactopyranose   
MBG 'IUPAC CARBOHYDRATE SYMBOL'           PDB-CARE 1.0 b-methyl-galactoside           
NAG 'CONDENSED IUPAC CARBOHYDRATE SYMBOL' GMML     1.0 DGlcpNAcb                      
NAG 'COMMON NAME'                         GMML     1.0 N-acetyl-b-D-glucopyranosamine 
NAG 'IUPAC CARBOHYDRATE SYMBOL'           PDB-CARE 1.0 b-D-GlcpNAc                    
NAG 'SNFG CARBOHYDRATE SYMBOL'            GMML     1.0 GlcNAc                         
# 
loop_
_pdbx_poly_seq_scheme.asym_id 
_pdbx_poly_seq_scheme.entity_id 
_pdbx_poly_seq_scheme.seq_id 
_pdbx_poly_seq_scheme.mon_id 
_pdbx_poly_seq_scheme.ndb_seq_num 
_pdbx_poly_seq_scheme.pdb_seq_num 
_pdbx_poly_seq_scheme.auth_seq_num 
_pdbx_poly_seq_scheme.pdb_mon_id 
_pdbx_poly_seq_scheme.auth_mon_id 
_pdbx_poly_seq_scheme.pdb_strand_id 
_pdbx_poly_seq_scheme.pdb_ins_code 
_pdbx_poly_seq_scheme.hetero 
A 1 1   ALA 1   1   1   ALA ALA A . n 
A 1 2   VAL 2   2   2   VAL VAL A . n 
A 1 3   SER 3   3   3   SER SER A . n 
A 1 4   PHE 4   4   4   PHE PHE A . n 
A 1 5   ILE 5   5   5   ILE ILE A . n 
A 1 6   GLY 6   6   6   GLY GLY A . n 
A 1 7   SER 7   7   7   SER SER A . n 
A 1 8   THR 8   8   8   THR THR A . n 
A 1 9   GLU 9   9   9   GLU GLU A . n 
A 1 10  ASN 10  10  10  ASN ASN A . n 
A 1 11  ASP 11  11  11  ASP ASP A . n 
A 1 12  VAL 12  12  12  VAL VAL A . n 
A 1 13  GLY 13  13  13  GLY GLY A . n 
A 1 14  PRO 14  14  14  PRO PRO A . n 
A 1 15  SER 15  15  15  SER SER A . n 
A 1 16  LEU 16  16  16  LEU LEU A . n 
A 1 17  GLY 17  17  17  GLY GLY A . n 
A 1 18  SER 18  18  18  SER SER A . n 
A 1 19  TYR 19  19  19  TYR TYR A . n 
A 1 20  SER 20  20  20  SER SER A . n 
A 1 21  ARG 21  21  21  ARG ARG A . n 
A 1 22  THR 22  22  ?   ?   ?   A . n 
A 1 23  HIS 23  23  ?   ?   ?   A . n 
A 1 24  ALA 24  24  ?   ?   ?   A . n 
A 1 25  MET 25  25  ?   ?   ?   A . n 
A 1 26  ASP 26  26  ?   ?   ?   A . n 
A 1 27  ASN 27  27  ?   ?   ?   A . n 
A 1 28  LEU 28  28  ?   ?   ?   A . n 
A 1 29  PRO 29  29  29  PRO PRO A . n 
A 1 30  PHE 30  30  30  PHE PHE A . n 
A 1 31  VAL 31  31  31  VAL VAL A . n 
A 1 32  TYR 32  32  32  TYR TYR A . n 
A 1 33  ASP 33  33  33  ASP ASP A . n 
A 1 34  THR 34  34  34  THR THR A . n 
A 1 35  ARG 35  35  35  ARG ARG A . n 
A 1 36  ASN 36  36  36  ASN ASN A . n 
A 1 37  LYS 37  37  37  LYS LYS A . n 
A 1 38  ILE 38  38  38  ILE ILE A . n 
A 1 39  GLY 39  39  39  GLY GLY A . n 
A 1 40  TYR 40  40  40  TYR TYR A . n 
A 1 41  GLN 41  41  41  GLN GLN A . n 
A 1 42  ASN 42  42  42  ASN ASN A . n 
A 1 43  ALA 43  43  43  ALA ALA A . n 
A 1 44  ASN 44  44  44  ASN ASN A . n 
A 1 45  VAL 45  45  45  VAL VAL A . n 
A 1 46  TRP 46  46  46  TRP TRP A . n 
A 1 47  HIS 47  47  47  HIS HIS A . n 
A 1 48  ILE 48  48  48  ILE ILE A . n 
A 1 49  SER 49  49  49  SER SER A . n 
A 1 50  LYS 50  50  50  LYS LYS A . n 
A 1 51  GLY 51  51  51  GLY GLY A . n 
A 1 52  PHE 52  52  52  PHE PHE A . n 
A 1 53  CYS 53  53  53  CYS CYS A . n 
A 1 54  VAL 54  54  54  VAL VAL A . n 
A 1 55  GLY 55  55  55  GLY GLY A . n 
A 1 56  LEU 56  56  56  LEU LEU A . n 
A 1 57  ASP 57  57  57  ASP ASP A . n 
A 1 58  GLY 58  58  58  GLY GLY A . n 
A 1 59  LYS 59  59  59  LYS LYS A . n 
A 1 60  VAL 60  60  60  VAL VAL A . n 
A 1 61  ASP 61  61  61  ASP ASP A . n 
A 1 62  LEU 62  62  62  LEU LEU A . n 
A 1 63  PRO 63  63  63  PRO PRO A . n 
A 1 64  VAL 64  64  64  VAL VAL A . n 
A 1 65  VAL 65  65  65  VAL VAL A . n 
A 1 66  GLY 66  66  66  GLY GLY A . n 
A 1 67  SER 67  67  67  SER SER A . n 
A 1 68  LEU 68  68  68  LEU LEU A . n 
A 1 69  ASP 69  69  69  ASP ASP A . n 
A 1 70  GLY 70  70  70  GLY GLY A . n 
A 1 71  GLN 71  71  71  GLN GLN A . n 
A 1 72  SER 72  72  72  SER SER A . n 
A 1 73  ILE 73  73  73  ILE ILE A . n 
A 1 74  TYR 74  74  74  TYR TYR A . n 
A 1 75  GLY 75  75  75  GLY GLY A . n 
A 1 76  LEU 76  76  76  LEU LEU A . n 
A 1 77  THR 77  77  77  THR THR A . n 
A 1 78  GLU 78  78  78  GLU GLU A . n 
A 1 79  GLU 79  79  79  GLU GLU A . n 
A 1 80  VAL 80  80  80  VAL VAL A . n 
A 1 81  GLY 81  81  81  GLY GLY A . n 
A 1 82  LEU 82  82  82  LEU LEU A . n 
A 1 83  LEU 83  83  83  LEU LEU A . n 
A 1 84  ILE 84  84  84  ILE ILE A . n 
A 1 85  TRP 85  85  85  TRP TRP A . n 
A 1 86  MET 86  86  86  MET MET A . n 
A 1 87  GLY 87  87  87  GLY GLY A . n 
A 1 88  ASP 88  88  88  ASP ASP A . n 
A 1 89  THR 89  89  89  THR THR A . n 
A 1 90  LYS 90  90  90  LYS LYS A . n 
A 1 91  TYR 91  91  91  TYR TYR A . n 
A 1 92  SER 92  92  92  SER SER A . n 
A 1 93  ARG 93  93  93  ARG ARG A . n 
A 1 94  GLY 94  94  94  GLY GLY A . n 
A 1 95  THR 95  95  95  THR THR A . n 
A 1 96  ALA 96  96  96  ALA ALA A . n 
A 1 97  MET 97  97  97  MET MET A . n 
A 1 98  SER 98  98  98  SER SER A . n 
A 1 99  GLY 99  99  99  GLY GLY A . n 
A 1 100 ASN 100 100 100 ASN ASN A . n 
A 1 101 SER 101 101 101 SER SER A . n 
A 1 102 TRP 102 102 102 TRP TRP A . n 
A 1 103 GLU 103 103 103 GLU GLU A . n 
A 1 104 ASN 104 104 104 ASN ASN A . n 
A 1 105 VAL 105 105 105 VAL VAL A . n 
A 1 106 PHE 106 106 106 PHE PHE A . n 
A 1 107 SER 107 107 107 SER SER A . n 
A 1 108 GLY 108 108 108 GLY GLY A . n 
A 1 109 TRP 109 109 109 TRP TRP A . n 
A 1 110 CYS 110 110 110 CYS CYS A . n 
A 1 111 VAL 111 111 111 VAL VAL A . n 
A 1 112 GLY 112 112 112 GLY GLY A . n 
A 1 113 ALA 113 113 113 ALA ALA A . n 
A 1 114 ASN 114 114 114 ASN ASN A . n 
A 1 115 THR 115 115 115 THR THR A . n 
A 1 116 ALA 116 116 116 ALA ALA A . n 
A 1 117 SER 117 117 117 SER SER A . n 
A 1 118 THR 118 118 118 THR THR A . n 
A 1 119 GLN 119 119 119 GLN GLN A . n 
A 1 120 GLY 120 120 120 GLY GLY A . n 
A 1 121 LEU 121 121 121 LEU LEU A . n 
A 1 122 SER 122 122 122 SER SER A . n 
A 1 123 VAL 123 123 123 VAL VAL A . n 
A 1 124 ARG 124 124 124 ARG ARG A . n 
A 1 125 VAL 125 125 125 VAL VAL A . n 
A 1 126 THR 126 126 126 THR THR A . n 
A 1 127 PRO 127 127 127 PRO PRO A . n 
A 1 128 VAL 128 128 128 VAL VAL A . n 
A 1 129 ILE 129 129 129 ILE ILE A . n 
A 1 130 LEU 130 130 130 LEU LEU A . n 
A 1 131 LYS 131 131 131 LYS LYS A . n 
A 1 132 ARG 132 132 132 ARG ARG A . n 
A 1 133 ASN 133 133 133 ASN ASN A . n 
A 1 134 SER 134 134 ?   ?   ?   A . n 
A 1 135 SER 135 135 ?   ?   ?   A . n 
A 1 136 ALA 136 136 136 ALA ALA A . n 
A 1 137 ARG 137 137 137 ARG ARG A . n 
A 1 138 TYR 138 138 138 TYR TYR A . n 
A 1 139 SER 139 139 139 SER SER A . n 
A 1 140 VAL 140 140 140 VAL VAL A . n 
A 1 141 GLN 141 141 141 GLN GLN A . n 
A 1 142 LYS 142 142 142 LYS LYS A . n 
A 1 143 THR 143 143 143 THR THR A . n 
A 1 144 SER 144 144 144 SER SER A . n 
A 1 145 ILE 145 145 145 ILE ILE A . n 
A 1 146 GLY 146 146 146 GLY GLY A . n 
A 1 147 SER 147 147 147 SER SER A . n 
A 1 148 ILE 148 148 148 ILE ILE A . n 
A 1 149 ARG 149 149 149 ARG ARG A . n 
A 1 150 MET 150 150 150 MET MET A . n 
A 1 151 ARG 151 151 151 ARG ARG A . n 
A 1 152 PRO 152 152 152 PRO PRO A . n 
A 1 153 TYR 153 153 153 TYR TYR A . n 
A 1 154 ASN 154 154 154 ASN ASN A . n 
A 1 155 GLY 155 155 155 GLY GLY A . n 
A 1 156 SER 156 156 156 SER SER A . n 
A 1 157 SER 157 157 157 SER SER A . n 
A 1 158 ALA 158 158 158 ALA ALA A . n 
A 1 159 GLY 159 159 159 GLY GLY A . n 
A 1 160 SER 160 160 160 SER SER A . n 
A 1 161 VAL 161 161 161 VAL VAL A . n 
A 1 162 GLN 162 162 162 GLN GLN A . n 
A 1 163 THR 163 163 163 THR THR A . n 
A 1 164 THR 164 164 164 THR THR A . n 
A 1 165 VAL 165 165 165 VAL VAL A . n 
A 1 166 ASN 166 166 166 ASN ASN A . n 
A 1 167 PHE 167 167 167 PHE PHE A . n 
A 1 168 SER 168 168 168 SER SER A . n 
A 1 169 LEU 169 169 169 LEU LEU A . n 
A 1 170 ASN 170 170 170 ASN ASN A . n 
A 1 171 PRO 171 171 171 PRO PRO A . n 
A 1 172 PHE 172 172 172 PHE PHE A . n 
A 1 173 THR 173 173 173 THR THR A . n 
A 1 174 LEU 174 174 174 LEU LEU A . n 
A 1 175 ASN 175 175 175 ASN ASN A . n 
A 1 176 ASP 176 176 176 ASP ASP A . n 
A 1 177 THR 177 177 ?   ?   ?   A . n 
# 
loop_
_pdbx_branch_scheme.asym_id 
_pdbx_branch_scheme.entity_id 
_pdbx_branch_scheme.mon_id 
_pdbx_branch_scheme.num 
_pdbx_branch_scheme.pdb_asym_id 
_pdbx_branch_scheme.pdb_mon_id 
_pdbx_branch_scheme.pdb_seq_num 
_pdbx_branch_scheme.auth_asym_id 
_pdbx_branch_scheme.auth_mon_id 
_pdbx_branch_scheme.auth_seq_num 
_pdbx_branch_scheme.hetero 
B 2 MBG 1 B MBG 1 S MBG 2 n 
B 2 NAG 2 B NAG 2 S NAG 1 n 
# 
loop_
_pdbx_nonpoly_scheme.asym_id 
_pdbx_nonpoly_scheme.entity_id 
_pdbx_nonpoly_scheme.mon_id 
_pdbx_nonpoly_scheme.ndb_seq_num 
_pdbx_nonpoly_scheme.pdb_seq_num 
_pdbx_nonpoly_scheme.auth_seq_num 
_pdbx_nonpoly_scheme.pdb_mon_id 
_pdbx_nonpoly_scheme.auth_mon_id 
_pdbx_nonpoly_scheme.pdb_strand_id 
_pdbx_nonpoly_scheme.pdb_ins_code 
C 3 HOH 1   301 1   HOH HOH A . 
C 3 HOH 2   302 181 HOH HOH A . 
C 3 HOH 3   303 182 HOH HOH A . 
C 3 HOH 4   304 183 HOH HOH A . 
C 3 HOH 5   305 184 HOH HOH A . 
C 3 HOH 6   306 185 HOH HOH A . 
C 3 HOH 7   307 186 HOH HOH A . 
C 3 HOH 8   308 187 HOH HOH A . 
C 3 HOH 9   309 188 HOH HOH A . 
C 3 HOH 10  310 189 HOH HOH A . 
C 3 HOH 11  311 2   HOH HOH A . 
C 3 HOH 12  312 3   HOH HOH A . 
C 3 HOH 13  313 4   HOH HOH A . 
C 3 HOH 14  314 5   HOH HOH A . 
C 3 HOH 15  315 6   HOH HOH A . 
C 3 HOH 16  316 7   HOH HOH A . 
C 3 HOH 17  317 8   HOH HOH A . 
C 3 HOH 18  318 9   HOH HOH A . 
C 3 HOH 19  319 10  HOH HOH A . 
C 3 HOH 20  320 11  HOH HOH A . 
C 3 HOH 21  321 12  HOH HOH A . 
C 3 HOH 22  322 13  HOH HOH A . 
C 3 HOH 23  323 14  HOH HOH A . 
C 3 HOH 24  324 15  HOH HOH A . 
C 3 HOH 25  325 16  HOH HOH A . 
C 3 HOH 26  326 17  HOH HOH A . 
C 3 HOH 27  327 18  HOH HOH A . 
C 3 HOH 28  328 19  HOH HOH A . 
C 3 HOH 29  329 20  HOH HOH A . 
C 3 HOH 30  330 21  HOH HOH A . 
C 3 HOH 31  331 22  HOH HOH A . 
C 3 HOH 32  332 23  HOH HOH A . 
C 3 HOH 33  333 24  HOH HOH A . 
C 3 HOH 34  334 25  HOH HOH A . 
C 3 HOH 35  335 26  HOH HOH A . 
C 3 HOH 36  336 27  HOH HOH A . 
C 3 HOH 37  337 28  HOH HOH A . 
C 3 HOH 38  338 29  HOH HOH A . 
C 3 HOH 39  339 30  HOH HOH A . 
C 3 HOH 40  340 31  HOH HOH A . 
C 3 HOH 41  341 32  HOH HOH A . 
C 3 HOH 42  342 33  HOH HOH A . 
C 3 HOH 43  343 34  HOH HOH A . 
C 3 HOH 44  344 35  HOH HOH A . 
C 3 HOH 45  345 36  HOH HOH A . 
C 3 HOH 46  346 37  HOH HOH A . 
C 3 HOH 47  347 38  HOH HOH A . 
C 3 HOH 48  348 39  HOH HOH A . 
C 3 HOH 49  349 40  HOH HOH A . 
C 3 HOH 50  350 41  HOH HOH A . 
C 3 HOH 51  351 42  HOH HOH A . 
C 3 HOH 52  352 43  HOH HOH A . 
C 3 HOH 53  353 44  HOH HOH A . 
C 3 HOH 54  354 45  HOH HOH A . 
C 3 HOH 55  355 46  HOH HOH A . 
C 3 HOH 56  356 47  HOH HOH A . 
C 3 HOH 57  357 48  HOH HOH A . 
C 3 HOH 58  358 49  HOH HOH A . 
C 3 HOH 59  359 50  HOH HOH A . 
C 3 HOH 60  360 51  HOH HOH A . 
C 3 HOH 61  361 52  HOH HOH A . 
C 3 HOH 62  362 53  HOH HOH A . 
C 3 HOH 63  363 54  HOH HOH A . 
C 3 HOH 64  364 55  HOH HOH A . 
C 3 HOH 65  365 56  HOH HOH A . 
C 3 HOH 66  366 57  HOH HOH A . 
C 3 HOH 67  367 58  HOH HOH A . 
C 3 HOH 68  368 59  HOH HOH A . 
C 3 HOH 69  369 60  HOH HOH A . 
C 3 HOH 70  370 61  HOH HOH A . 
C 3 HOH 71  371 62  HOH HOH A . 
C 3 HOH 72  372 63  HOH HOH A . 
C 3 HOH 73  373 64  HOH HOH A . 
C 3 HOH 74  374 65  HOH HOH A . 
C 3 HOH 75  375 66  HOH HOH A . 
C 3 HOH 76  376 67  HOH HOH A . 
C 3 HOH 77  377 68  HOH HOH A . 
C 3 HOH 78  378 69  HOH HOH A . 
C 3 HOH 79  379 70  HOH HOH A . 
C 3 HOH 80  380 71  HOH HOH A . 
C 3 HOH 81  381 72  HOH HOH A . 
C 3 HOH 82  382 73  HOH HOH A . 
C 3 HOH 83  383 74  HOH HOH A . 
C 3 HOH 84  384 75  HOH HOH A . 
C 3 HOH 85  385 76  HOH HOH A . 
C 3 HOH 86  386 77  HOH HOH A . 
C 3 HOH 87  387 78  HOH HOH A . 
C 3 HOH 88  388 79  HOH HOH A . 
C 3 HOH 89  389 80  HOH HOH A . 
C 3 HOH 90  390 81  HOH HOH A . 
C 3 HOH 91  391 82  HOH HOH A . 
C 3 HOH 92  392 83  HOH HOH A . 
C 3 HOH 93  393 84  HOH HOH A . 
C 3 HOH 94  394 85  HOH HOH A . 
C 3 HOH 95  395 86  HOH HOH A . 
C 3 HOH 96  396 87  HOH HOH A . 
C 3 HOH 97  397 88  HOH HOH A . 
C 3 HOH 98  398 89  HOH HOH A . 
C 3 HOH 99  399 90  HOH HOH A . 
C 3 HOH 100 400 91  HOH HOH A . 
C 3 HOH 101 401 92  HOH HOH A . 
C 3 HOH 102 402 93  HOH HOH A . 
C 3 HOH 103 403 94  HOH HOH A . 
C 3 HOH 104 404 96  HOH HOH A . 
C 3 HOH 105 405 97  HOH HOH A . 
C 3 HOH 106 406 98  HOH HOH A . 
C 3 HOH 107 407 99  HOH HOH A . 
C 3 HOH 108 408 100 HOH HOH A . 
C 3 HOH 109 409 101 HOH HOH A . 
C 3 HOH 110 410 102 HOH HOH A . 
C 3 HOH 111 411 103 HOH HOH A . 
C 3 HOH 112 412 104 HOH HOH A . 
C 3 HOH 113 413 105 HOH HOH A . 
C 3 HOH 114 414 106 HOH HOH A . 
C 3 HOH 115 415 107 HOH HOH A . 
C 3 HOH 116 416 108 HOH HOH A . 
C 3 HOH 117 417 109 HOH HOH A . 
C 3 HOH 118 418 110 HOH HOH A . 
C 3 HOH 119 419 111 HOH HOH A . 
C 3 HOH 120 420 112 HOH HOH A . 
C 3 HOH 121 421 113 HOH HOH A . 
C 3 HOH 122 422 114 HOH HOH A . 
C 3 HOH 123 423 115 HOH HOH A . 
C 3 HOH 124 424 116 HOH HOH A . 
C 3 HOH 125 425 117 HOH HOH A . 
C 3 HOH 126 426 118 HOH HOH A . 
C 3 HOH 127 427 119 HOH HOH A . 
C 3 HOH 128 428 120 HOH HOH A . 
C 3 HOH 129 429 121 HOH HOH A . 
C 3 HOH 130 430 122 HOH HOH A . 
C 3 HOH 131 431 123 HOH HOH A . 
C 3 HOH 132 432 124 HOH HOH A . 
C 3 HOH 133 433 125 HOH HOH A . 
C 3 HOH 134 434 126 HOH HOH A . 
C 3 HOH 135 435 127 HOH HOH A . 
C 3 HOH 136 436 128 HOH HOH A . 
C 3 HOH 137 437 129 HOH HOH A . 
C 3 HOH 138 438 130 HOH HOH A . 
C 3 HOH 139 439 131 HOH HOH A . 
C 3 HOH 140 440 132 HOH HOH A . 
C 3 HOH 141 441 133 HOH HOH A . 
C 3 HOH 142 442 134 HOH HOH A . 
C 3 HOH 143 443 135 HOH HOH A . 
C 3 HOH 144 444 136 HOH HOH A . 
C 3 HOH 145 445 137 HOH HOH A . 
C 3 HOH 146 446 139 HOH HOH A . 
C 3 HOH 147 447 140 HOH HOH A . 
C 3 HOH 148 448 141 HOH HOH A . 
C 3 HOH 149 449 143 HOH HOH A . 
C 3 HOH 150 450 144 HOH HOH A . 
C 3 HOH 151 451 145 HOH HOH A . 
C 3 HOH 152 452 147 HOH HOH A . 
C 3 HOH 153 453 148 HOH HOH A . 
C 3 HOH 154 454 149 HOH HOH A . 
C 3 HOH 155 455 150 HOH HOH A . 
C 3 HOH 156 456 151 HOH HOH A . 
C 3 HOH 157 457 152 HOH HOH A . 
C 3 HOH 158 458 153 HOH HOH A . 
C 3 HOH 159 459 154 HOH HOH A . 
C 3 HOH 160 460 155 HOH HOH A . 
C 3 HOH 161 461 156 HOH HOH A . 
C 3 HOH 162 462 157 HOH HOH A . 
C 3 HOH 163 463 158 HOH HOH A . 
C 3 HOH 164 464 159 HOH HOH A . 
C 3 HOH 165 465 160 HOH HOH A . 
C 3 HOH 166 466 161 HOH HOH A . 
C 3 HOH 167 467 163 HOH HOH A . 
C 3 HOH 168 468 164 HOH HOH A . 
C 3 HOH 169 469 165 HOH HOH A . 
C 3 HOH 170 470 166 HOH HOH A . 
C 3 HOH 171 471 167 HOH HOH A . 
C 3 HOH 172 472 168 HOH HOH A . 
C 3 HOH 173 473 169 HOH HOH A . 
C 3 HOH 174 474 170 HOH HOH A . 
C 3 HOH 175 475 171 HOH HOH A . 
C 3 HOH 176 476 173 HOH HOH A . 
C 3 HOH 177 477 174 HOH HOH A . 
C 3 HOH 178 478 176 HOH HOH A . 
C 3 HOH 179 479 177 HOH HOH A . 
C 3 HOH 180 480 178 HOH HOH A . 
C 3 HOH 181 481 179 HOH HOH A . 
# 
loop_
_pdbx_unobs_or_zero_occ_atoms.id 
_pdbx_unobs_or_zero_occ_atoms.PDB_model_num 
_pdbx_unobs_or_zero_occ_atoms.polymer_flag 
_pdbx_unobs_or_zero_occ_atoms.occupancy_flag 
_pdbx_unobs_or_zero_occ_atoms.auth_asym_id 
_pdbx_unobs_or_zero_occ_atoms.auth_comp_id 
_pdbx_unobs_or_zero_occ_atoms.auth_seq_id 
_pdbx_unobs_or_zero_occ_atoms.PDB_ins_code 
_pdbx_unobs_or_zero_occ_atoms.auth_atom_id 
_pdbx_unobs_or_zero_occ_atoms.label_alt_id 
_pdbx_unobs_or_zero_occ_atoms.label_asym_id 
_pdbx_unobs_or_zero_occ_atoms.label_comp_id 
_pdbx_unobs_or_zero_occ_atoms.label_seq_id 
_pdbx_unobs_or_zero_occ_atoms.label_atom_id 
1  1 Y 1 A ARG 21  ? CG  ? A ARG 21  CG  
2  1 Y 1 A ARG 21  ? CD  ? A ARG 21  CD  
3  1 Y 1 A ARG 21  ? NE  ? A ARG 21  NE  
4  1 Y 1 A ARG 21  ? CZ  ? A ARG 21  CZ  
5  1 Y 1 A ARG 21  ? NH1 ? A ARG 21  NH1 
6  1 Y 1 A ARG 21  ? NH2 ? A ARG 21  NH2 
7  1 Y 1 A ASP 33  ? CG  ? A ASP 33  CG  
8  1 Y 1 A ASP 33  ? OD1 ? A ASP 33  OD1 
9  1 Y 1 A ASP 33  ? OD2 ? A ASP 33  OD2 
10 1 Y 1 A ARG 35  ? NE  ? A ARG 35  NE  
11 1 Y 1 A ARG 35  ? CZ  ? A ARG 35  CZ  
12 1 Y 1 A ARG 35  ? NH1 ? A ARG 35  NH1 
13 1 Y 1 A ARG 35  ? NH2 ? A ARG 35  NH2 
14 1 Y 1 A LYS 37  ? CD  ? A LYS 37  CD  
15 1 Y 1 A LYS 37  ? CE  ? A LYS 37  CE  
16 1 Y 1 A LYS 37  ? NZ  ? A LYS 37  NZ  
17 1 Y 1 A LYS 50  ? NZ  ? A LYS 50  NZ  
18 1 Y 1 A ARG 93  ? NE  ? A ARG 93  NE  
19 1 Y 1 A ARG 93  ? CZ  ? A ARG 93  CZ  
20 1 Y 1 A ARG 93  ? NH1 ? A ARG 93  NH1 
21 1 Y 1 A ARG 93  ? NH2 ? A ARG 93  NH2 
22 1 Y 1 A LYS 131 ? CG  ? A LYS 131 CG  
23 1 Y 1 A LYS 131 ? CD  ? A LYS 131 CD  
24 1 Y 1 A LYS 131 ? CE  ? A LYS 131 CE  
25 1 Y 1 A LYS 131 ? NZ  ? A LYS 131 NZ  
26 1 Y 1 A ASN 133 ? CG  ? A ASN 133 CG  
27 1 Y 1 A ASN 133 ? OD1 ? A ASN 133 OD1 
28 1 Y 1 A ASN 133 ? ND2 ? A ASN 133 ND2 
# 
loop_
_software.name 
_software.version 
_software.date 
_software.type 
_software.contact_author 
_software.contact_author_email 
_software.classification 
_software.location 
_software.language 
_software.citation_id 
_software.pdbx_ordinal 
REFMAC      5.2.0005 ?               program 'Garib N. Murshudov' garib@ysbl.york.ac.uk refinement        
http://www.ccp4.ac.uk/dist/html/refmac5.html Fortran_77 ? 1 
PDB_EXTRACT 3.006    'June 11, 2008' package PDB                  help@deposit.rcsb.org 'data extraction' 
http://sw-tools.pdb.org/apps/PDB_EXTRACT/    C++        ? 2 
MAR345      .        ?               ?       ?                    ?                     'data collection' ? ?          ? 3 
DENZO       .        ?               ?       ?                    ?                     'data reduction'  ? ?          ? 4 
SCALEPACK   .        ?               ?       ?                    ?                     'data scaling'    ? ?          ? 5 
CNS         .        ?               ?       ?                    ?                     phasing           ? ?          ? 6 
# 
_cell.length_a           42.801 
_cell.length_b           42.801 
_cell.length_c           284.628 
_cell.angle_alpha        90.000 
_cell.angle_beta         90.000 
_cell.angle_gamma        120.000 
_cell.entry_id           3F6J 
_cell.pdbx_unique_axis   ? 
_cell.Z_PDB              12 
_cell.length_a_esd       ? 
_cell.length_b_esd       ? 
_cell.length_c_esd       ? 
_cell.angle_alpha_esd    ? 
_cell.angle_beta_esd     ? 
_cell.angle_gamma_esd    ? 
# 
_symmetry.space_group_name_H-M             'P 61 2 2' 
_symmetry.entry_id                         3F6J 
_symmetry.pdbx_full_space_group_name_H-M   ? 
_symmetry.Int_Tables_number                178 
_symmetry.cell_setting                     ? 
_symmetry.space_group_name_Hall            ? 
# 
_exptl.crystals_number   1 
_exptl.entry_id          3F6J 
_exptl.method            'X-RAY DIFFRACTION' 
# 
_exptl_crystal.id                    1 
_exptl_crystal.pdbx_mosaicity        ? 
_exptl_crystal.pdbx_mosaicity_esd    ? 
_exptl_crystal.density_Matthews      1.98 
_exptl_crystal.density_diffrn        ? 
_exptl_crystal.density_meas          ? 
_exptl_crystal.density_meas_temp     ? 
_exptl_crystal.density_percent_sol   37.74 
_exptl_crystal.size_max              ? 
_exptl_crystal.size_mid              ? 
_exptl_crystal.size_min              ? 
_exptl_crystal.size_rad              ? 
_exptl_crystal.description           ? 
_exptl_crystal.F_000                 ? 
_exptl_crystal.preparation           ? 
# 
_exptl_crystal_grow.crystal_id      1 
_exptl_crystal_grow.method          'VAPOR DIFFUSION' 
_exptl_crystal_grow.pH              7.5 
_exptl_crystal_grow.temp            293 
_exptl_crystal_grow.pdbx_details    
'10%(v/v) 2-propanol, 20%(w/v) PEG 4000, 100mM HEPES, pH 7.5, vapor diffusion, temperature 293K' 
_exptl_crystal_grow.temp_details    ? 
_exptl_crystal_grow.pdbx_pH_range   . 
# 
_diffrn.id                     1 
_diffrn.ambient_temp           100 
_diffrn.ambient_temp_details   ? 
_diffrn.crystal_id             1 
# 
_diffrn_detector.diffrn_id              1 
_diffrn_detector.detector               CCD 
_diffrn_detector.type                   'MAR CCD 165 mm' 
_diffrn_detector.pdbx_collection_date   2006-05-01 
_diffrn_detector.details                mirrors 
# 
_diffrn_radiation.diffrn_id                        1 
_diffrn_radiation.pdbx_diffrn_protocol             'SINGLE WAVELENGTH' 
_diffrn_radiation.monochromator                    graphite 
_diffrn_radiation.wavelength_id                    1 
_diffrn_radiation.pdbx_monochromatic_or_laue_m_l   M 
_diffrn_radiation.pdbx_scattering_type             x-ray 
# 
_diffrn_radiation_wavelength.id           1 
_diffrn_radiation_wavelength.wavelength   0.8047 
_diffrn_radiation_wavelength.wt           1.0 
# 
_diffrn_source.diffrn_id                   1 
_diffrn_source.source                      SYNCHROTRON 
_diffrn_source.type                        'EMBL/DESY, HAMBURG BEAMLINE X11' 
_diffrn_source.pdbx_wavelength_list        0.8047 
_diffrn_source.pdbx_wavelength             ? 
_diffrn_source.pdbx_synchrotron_site       'EMBL/DESY, HAMBURG' 
_diffrn_source.pdbx_synchrotron_beamline   X11 
# 
_reflns.entry_id                     3F6J 
_reflns.observed_criterion_sigma_F   0 
_reflns.observed_criterion_sigma_I   0 
_reflns.d_resolution_high            1.75 
_reflns.d_resolution_low             50.0 
_reflns.number_all                   15865 
_reflns.number_obs                   15865 
_reflns.percent_possible_obs         94.4 
_reflns.pdbx_Rmerge_I_obs            0.126 
_reflns.pdbx_Rsym_value              ? 
_reflns.pdbx_netI_over_sigmaI        16.88 
_reflns.B_iso_Wilson_estimate        17.199 
_reflns.pdbx_redundancy              16.3 
_reflns.R_free_details               ? 
_reflns.limit_h_max                  ? 
_reflns.limit_h_min                  ? 
_reflns.limit_k_max                  ? 
_reflns.limit_k_min                  ? 
_reflns.limit_l_max                  ? 
_reflns.limit_l_min                  ? 
_reflns.observed_criterion_F_max     ? 
_reflns.observed_criterion_F_min     ? 
_reflns.pdbx_chi_squared             ? 
_reflns.pdbx_scaling_rejects         ? 
_reflns.pdbx_ordinal                 1 
_reflns.pdbx_diffrn_id               1 
# 
_reflns_shell.d_res_high             1.75 
_reflns_shell.d_res_low              1.86 
_reflns_shell.percent_possible_obs   ? 
_reflns_shell.percent_possible_all   90.9 
_reflns_shell.Rmerge_I_obs           0.399 
_reflns_shell.meanI_over_sigI_obs    4.5 
_reflns_shell.pdbx_Rsym_value        ? 
_reflns_shell.pdbx_redundancy        8.7 
_reflns_shell.number_unique_all      1366 
_reflns_shell.number_measured_all    ? 
_reflns_shell.number_measured_obs    ? 
_reflns_shell.number_unique_obs      ? 
_reflns_shell.pdbx_chi_squared       ? 
_reflns_shell.pdbx_ordinal           1 
_reflns_shell.pdbx_diffrn_id         1 
# 
_refine.entry_id                                 3F6J 
_refine.ls_d_res_high                            1.750 
_refine.ls_d_res_low                             32.87 
_refine.pdbx_ls_sigma_F                          0.00 
_refine.ls_percent_reflns_obs                    94.060 
_refine.ls_number_reflns_obs                     14782 
_refine.pdbx_ls_cross_valid_method               THROUGHOUT 
_refine.pdbx_R_Free_selection_details            RANDOM 
_refine.details                                  'HYDROGENS HAVE BEEN ADDED IN THE RIDING POSITIONS' 
_refine.ls_R_factor_obs                          0.193 
_refine.ls_R_factor_R_work                       0.191 
_refine.ls_R_factor_R_free                       0.232 
_refine.ls_percent_reflns_R_free                 5.800 
_refine.ls_number_reflns_R_free                  927 
_refine.B_iso_mean                               17.004 
_refine.aniso_B[1][1]                            -0.580 
_refine.aniso_B[2][2]                            -0.580 
_refine.aniso_B[3][3]                            0.860 
_refine.aniso_B[1][2]                            -0.290 
_refine.aniso_B[1][3]                            0.000 
_refine.aniso_B[2][3]                            0.000 
_refine.correlation_coeff_Fo_to_Fc               0.948 
_refine.correlation_coeff_Fo_to_Fc_free          0.939 
_refine.pdbx_overall_ESU_R                       0.140 
_refine.pdbx_overall_ESU_R_Free                  0.133 
_refine.overall_SU_ML                            0.083 
_refine.overall_SU_B                             2.540 
_refine.solvent_model_details                    MASK 
_refine.pdbx_solvent_vdw_probe_radii             1.200 
_refine.pdbx_solvent_ion_probe_radii             0.800 
_refine.pdbx_solvent_shrinkage_radii             0.800 
_refine.pdbx_method_to_determine_struct          'MOLECULAR REPLACEMENT' 
_refine.pdbx_stereochemistry_target_values       'MAXIMUM LIKELIHOOD' 
_refine.B_iso_max                                44.29 
_refine.B_iso_min                                8.60 
_refine.occupancy_max                            1.00 
_refine.occupancy_min                            0.30 
_refine.pdbx_ls_sigma_I                          0 
_refine.ls_number_reflns_all                     14782 
_refine.ls_R_factor_all                          0.193 
_refine.ls_redundancy_reflns_obs                 ? 
_refine.pdbx_data_cutoff_high_absF               ? 
_refine.pdbx_data_cutoff_low_absF                ? 
_refine.ls_number_parameters                     ? 
_refine.ls_number_restraints                     ? 
_refine.ls_R_factor_R_free_error                 ? 
_refine.ls_R_factor_R_free_error_details         ? 
_refine.pdbx_starting_model                      'PDB ENTRY 1O9V chain A' 
_refine.pdbx_stereochem_target_val_spec_case     ? 
_refine.solvent_model_param_bsol                 ? 
_refine.solvent_model_param_ksol                 ? 
_refine.pdbx_isotropic_thermal_model             isotropic 
_refine.overall_SU_R_Cruickshank_DPI             ? 
_refine.overall_SU_R_free                        ? 
_refine.pdbx_data_cutoff_high_rms_absF           ? 
_refine.ls_wR_factor_R_free                      ? 
_refine.ls_wR_factor_R_work                      ? 
_refine.overall_FOM_free_R_set                   ? 
_refine.overall_FOM_work_R_set                   ? 
_refine.pdbx_refine_id                           'X-RAY DIFFRACTION' 
_refine.pdbx_overall_phase_error                 ? 
_refine.pdbx_diffrn_id                           1 
_refine.pdbx_TLS_residual_ADP_flag               ? 
_refine.pdbx_overall_SU_R_free_Cruickshank_DPI   ? 
_refine.pdbx_overall_SU_R_Blow_DPI               ? 
_refine.pdbx_overall_SU_R_free_Blow_DPI          ? 
# 
_refine_hist.pdbx_refine_id                   'X-RAY DIFFRACTION' 
_refine_hist.cycle_id                         LAST 
_refine_hist.pdbx_number_atoms_protein        1237 
_refine_hist.pdbx_number_atoms_nucleic_acid   0 
_refine_hist.pdbx_number_atoms_ligand         27 
_refine_hist.number_atoms_solvent             181 
_refine_hist.number_atoms_total               1445 
_refine_hist.d_res_high                       1.750 
_refine_hist.d_res_low                        32.87 
# 
loop_
_refine_ls_restr.type 
_refine_ls_restr.number 
_refine_ls_restr.dev_ideal 
_refine_ls_restr.dev_ideal_target 
_refine_ls_restr.weight 
_refine_ls_restr.pdbx_refine_id 
_refine_ls_restr.pdbx_restraint_function 
r_bond_refined_d         1324 0.012  0.022  ? 'X-RAY DIFFRACTION' ? 
r_angle_refined_deg      1813 1.316  1.967  ? 'X-RAY DIFFRACTION' ? 
r_dihedral_angle_1_deg   176  6.573  5.000  ? 'X-RAY DIFFRACTION' ? 
r_dihedral_angle_2_deg   50   34.838 24.400 ? 'X-RAY DIFFRACTION' ? 
r_dihedral_angle_3_deg   194  12.567 15.000 ? 'X-RAY DIFFRACTION' ? 
r_dihedral_angle_4_deg   5    14.390 15.000 ? 'X-RAY DIFFRACTION' ? 
r_chiral_restr           213  0.086  0.200  ? 'X-RAY DIFFRACTION' ? 
r_gen_planes_refined     990  0.005  0.020  ? 'X-RAY DIFFRACTION' ? 
r_nbd_refined            561  0.198  0.200  ? 'X-RAY DIFFRACTION' ? 
r_nbtor_refined          911  0.305  0.200  ? 'X-RAY DIFFRACTION' ? 
r_xyhbond_nbd_refined    138  0.136  0.200  ? 'X-RAY DIFFRACTION' ? 
r_symmetry_vdw_refined   37   0.233  0.200  ? 'X-RAY DIFFRACTION' ? 
r_symmetry_hbond_refined 17   0.162  0.200  ? 'X-RAY DIFFRACTION' ? 
r_mcbond_it              856  0.731  1.500  ? 'X-RAY DIFFRACTION' ? 
r_mcangle_it             1356 1.230  2.000  ? 'X-RAY DIFFRACTION' ? 
r_scbond_it              541  1.737  3.000  ? 'X-RAY DIFFRACTION' ? 
r_scangle_it             452  2.527  4.500  ? 'X-RAY DIFFRACTION' ? 
# 
_refine_ls_shell.d_res_high                       1.750 
_refine_ls_shell.d_res_low                        1.795 
_refine_ls_shell.pdbx_total_number_of_bins_used   20 
_refine_ls_shell.percent_reflns_obs               89.250 
_refine_ls_shell.number_reflns_R_work             1028 
_refine_ls_shell.R_factor_all                     ? 
_refine_ls_shell.R_factor_R_work                  0.242 
_refine_ls_shell.R_factor_R_free                  0.302 
_refine_ls_shell.percent_reflns_R_free            ? 
_refine_ls_shell.number_reflns_R_free             68 
_refine_ls_shell.R_factor_R_free_error            ? 
_refine_ls_shell.number_reflns_all                1096 
_refine_ls_shell.number_reflns_obs                ? 
_refine_ls_shell.redundancy_reflns_obs            ? 
_refine_ls_shell.pdbx_refine_id                   'X-RAY DIFFRACTION' 
# 
_struct.entry_id                  3F6J 
_struct.title                     'F17a-G lectin domain with bound GlcNAc(beta1-3)Gal' 
_struct.pdbx_model_details        ? 
_struct.pdbx_CASP_flag            N 
_struct.pdbx_model_type_details   ? 
# 
_struct_keywords.entry_id        3F6J 
_struct_keywords.text            
;bacterial adhesion, lectin, bacterial attachment, pathogenesis, immunoglobulin fold, Cell projection, Fimbrium, SUGAR BINDING PROTEIN
;
_struct_keywords.pdbx_keywords   'SUGAR BINDING PROTEIN' 
# 
loop_
_struct_asym.id 
_struct_asym.pdbx_blank_PDB_chainid_flag 
_struct_asym.pdbx_modified 
_struct_asym.entity_id 
_struct_asym.details 
A N N 1 ? 
B N N 2 ? 
C N N 3 ? 
# 
_struct_ref.id                         1 
_struct_ref.db_name                    UNP 
_struct_ref.db_code                    Q99003_ECOLX 
_struct_ref.pdbx_db_accession          Q99003 
_struct_ref.entity_id                  1 
_struct_ref.pdbx_seq_one_letter_code   
;AVSFIGSTENDVGPSLGSYSRTHAMDNLPFVYDTRNKIGYQNANVWHISKGFCVGLDGKVDLPVVGSLDGQSIYGLTEEV
GLLIWMGDTKYSRGTAMSGNSWENVFSGWCVGANTASTQGLSVRVTPVILKRNSSARYSVQKTSIGSIRMRPYNGSSAGS
VQTTVNFSLNPFTLNDT
;
_struct_ref.pdbx_align_begin           23 
_struct_ref.pdbx_db_isoform            ? 
# 
_struct_ref_seq.align_id                      1 
_struct_ref_seq.ref_id                        1 
_struct_ref_seq.pdbx_PDB_id_code              3F6J 
_struct_ref_seq.pdbx_strand_id                A 
_struct_ref_seq.seq_align_beg                 1 
_struct_ref_seq.pdbx_seq_align_beg_ins_code   ? 
_struct_ref_seq.seq_align_end                 177 
_struct_ref_seq.pdbx_seq_align_end_ins_code   ? 
_struct_ref_seq.pdbx_db_accession             Q99003 
_struct_ref_seq.db_align_beg                  23 
_struct_ref_seq.pdbx_db_align_beg_ins_code    ? 
_struct_ref_seq.db_align_end                  199 
_struct_ref_seq.pdbx_db_align_end_ins_code    ? 
_struct_ref_seq.pdbx_auth_seq_align_beg       1 
_struct_ref_seq.pdbx_auth_seq_align_end       177 
# 
_pdbx_struct_assembly.id                   1 
_pdbx_struct_assembly.details              author_and_software_defined_assembly 
_pdbx_struct_assembly.method_details       PISA 
_pdbx_struct_assembly.oligomeric_details   monomeric 
_pdbx_struct_assembly.oligomeric_count     1 
# 
_pdbx_struct_assembly_gen.assembly_id       1 
_pdbx_struct_assembly_gen.oper_expression   1 
_pdbx_struct_assembly_gen.asym_id_list      A,B,C 
# 
_pdbx_struct_oper_list.id                   1 
_pdbx_struct_oper_list.type                 'identity operation' 
_pdbx_struct_oper_list.name                 1_555 
_pdbx_struct_oper_list.symmetry_operation   x,y,z 
_pdbx_struct_oper_list.matrix[1][1]         1.0000000000 
_pdbx_struct_oper_list.matrix[1][2]         0.0000000000 
_pdbx_struct_oper_list.matrix[1][3]         0.0000000000 
_pdbx_struct_oper_list.vector[1]            0.0000000000 
_pdbx_struct_oper_list.matrix[2][1]         0.0000000000 
_pdbx_struct_oper_list.matrix[2][2]         1.0000000000 
_pdbx_struct_oper_list.matrix[2][3]         0.0000000000 
_pdbx_struct_oper_list.vector[2]            0.0000000000 
_pdbx_struct_oper_list.matrix[3][1]         0.0000000000 
_pdbx_struct_oper_list.matrix[3][2]         0.0000000000 
_pdbx_struct_oper_list.matrix[3][3]         1.0000000000 
_pdbx_struct_oper_list.vector[3]            0.0000000000 
# 
_struct_biol.id        1 
_struct_biol.details   ? 
# 
_struct_conf.conf_type_id            HELX_P 
_struct_conf.id                      HELX_P1 
_struct_conf.pdbx_PDB_helix_id       1 
_struct_conf.beg_label_comp_id       LYS 
_struct_conf.beg_label_asym_id       A 
_struct_conf.beg_label_seq_id        90 
_struct_conf.pdbx_beg_PDB_ins_code   ? 
_struct_conf.end_label_comp_id       GLY 
_struct_conf.end_label_asym_id       A 
_struct_conf.end_label_seq_id        94 
_struct_conf.pdbx_end_PDB_ins_code   ? 
_struct_conf.beg_auth_comp_id        LYS 
_struct_conf.beg_auth_asym_id        A 
_struct_conf.beg_auth_seq_id         90 
_struct_conf.end_auth_comp_id        GLY 
_struct_conf.end_auth_asym_id        A 
_struct_conf.end_auth_seq_id         94 
_struct_conf.pdbx_PDB_helix_class    5 
_struct_conf.details                 ? 
_struct_conf.pdbx_PDB_helix_length   5 
# 
_struct_conf_type.id          HELX_P 
_struct_conf_type.criteria    ? 
_struct_conf_type.reference   ? 
# 
loop_
_struct_conn.id 
_struct_conn.conn_type_id 
_struct_conn.pdbx_leaving_atom_flag 
_struct_conn.pdbx_PDB_id 
_struct_conn.ptnr1_label_asym_id 
_struct_conn.ptnr1_label_comp_id 
_struct_conn.ptnr1_label_seq_id 
_struct_conn.ptnr1_label_atom_id 
_struct_conn.pdbx_ptnr1_label_alt_id 
_struct_conn.pdbx_ptnr1_PDB_ins_code 
_struct_conn.pdbx_ptnr1_standard_comp_id 
_struct_conn.ptnr1_symmetry 
_struct_conn.ptnr2_label_asym_id 
_struct_conn.ptnr2_label_comp_id 
_struct_conn.ptnr2_label_seq_id 
_struct_conn.ptnr2_label_atom_id 
_struct_conn.pdbx_ptnr2_label_alt_id 
_struct_conn.pdbx_ptnr2_PDB_ins_code 
_struct_conn.ptnr1_auth_asym_id 
_struct_conn.ptnr1_auth_comp_id 
_struct_conn.ptnr1_auth_seq_id 
_struct_conn.ptnr2_auth_asym_id 
_struct_conn.ptnr2_auth_comp_id 
_struct_conn.ptnr2_auth_seq_id 
_struct_conn.ptnr2_symmetry 
_struct_conn.pdbx_ptnr3_label_atom_id 
_struct_conn.pdbx_ptnr3_label_seq_id 
_struct_conn.pdbx_ptnr3_label_comp_id 
_struct_conn.pdbx_ptnr3_label_asym_id 
_struct_conn.pdbx_ptnr3_label_alt_id 
_struct_conn.pdbx_ptnr3_PDB_ins_code 
_struct_conn.details 
_struct_conn.pdbx_dist_value 
_struct_conn.pdbx_value_order 
_struct_conn.pdbx_role 
disulf1 disulf ?    ? A CYS 53 SG ? ? ? 1_555 A CYS 110 SG ? ? A CYS 53 A CYS 110 1_555 ? ? ? ? ? ? ? 2.038 ?    ? 
covale1 covale both ? B MBG .  O3 ? ? ? 1_555 B NAG .   C1 ? ? B MBG 1  B NAG 2   1_555 ? ? ? ? ? ? ? 1.446 sing ? 
# 
loop_
_struct_conn_type.id 
_struct_conn_type.criteria 
_struct_conn_type.reference 
disulf ? ? 
covale ? ? 
# 
_pdbx_modification_feature.ordinal                            1 
_pdbx_modification_feature.label_comp_id                      CYS 
_pdbx_modification_feature.label_asym_id                      A 
_pdbx_modification_feature.label_seq_id                       53 
_pdbx_modification_feature.label_alt_id                       ? 
_pdbx_modification_feature.modified_residue_label_comp_id     CYS 
_pdbx_modification_feature.modified_residue_label_asym_id     A 
_pdbx_modification_feature.modified_residue_label_seq_id      110 
_pdbx_modification_feature.modified_residue_label_alt_id      ? 
_pdbx_modification_feature.auth_comp_id                       CYS 
_pdbx_modification_feature.auth_asym_id                       A 
_pdbx_modification_feature.auth_seq_id                        53 
_pdbx_modification_feature.PDB_ins_code                       ? 
_pdbx_modification_feature.symmetry                           1_555 
_pdbx_modification_feature.modified_residue_auth_comp_id      CYS 
_pdbx_modification_feature.modified_residue_auth_asym_id      A 
_pdbx_modification_feature.modified_residue_auth_seq_id       110 
_pdbx_modification_feature.modified_residue_PDB_ins_code      ? 
_pdbx_modification_feature.modified_residue_symmetry          1_555 
_pdbx_modification_feature.comp_id_linking_atom               SG 
_pdbx_modification_feature.modified_residue_id_linking_atom   SG 
_pdbx_modification_feature.modified_residue_id                . 
_pdbx_modification_feature.ref_pcm_id                         . 
_pdbx_modification_feature.ref_comp_id                        . 
_pdbx_modification_feature.type                               None 
_pdbx_modification_feature.category                           'Disulfide bridge' 
# 
loop_
_struct_sheet.id 
_struct_sheet.type 
_struct_sheet.number_strands 
_struct_sheet.details 
A ? 6 ? 
B ? 4 ? 
C ? 5 ? 
D ? 3 ? 
# 
loop_
_struct_sheet_order.sheet_id 
_struct_sheet_order.range_id_1 
_struct_sheet_order.range_id_2 
_struct_sheet_order.offset 
_struct_sheet_order.sense 
A 1 2 ? anti-parallel 
A 2 3 ? anti-parallel 
A 3 4 ? anti-parallel 
A 4 5 ? anti-parallel 
A 5 6 ? anti-parallel 
B 1 2 ? anti-parallel 
B 2 3 ? anti-parallel 
B 3 4 ? anti-parallel 
C 1 2 ? parallel      
C 2 3 ? anti-parallel 
C 3 4 ? anti-parallel 
C 4 5 ? anti-parallel 
D 1 2 ? parallel      
D 2 3 ? anti-parallel 
# 
loop_
_struct_sheet_range.sheet_id 
_struct_sheet_range.id 
_struct_sheet_range.beg_label_comp_id 
_struct_sheet_range.beg_label_asym_id 
_struct_sheet_range.beg_label_seq_id 
_struct_sheet_range.pdbx_beg_PDB_ins_code 
_struct_sheet_range.end_label_comp_id 
_struct_sheet_range.end_label_asym_id 
_struct_sheet_range.end_label_seq_id 
_struct_sheet_range.pdbx_end_PDB_ins_code 
_struct_sheet_range.beg_auth_comp_id 
_struct_sheet_range.beg_auth_asym_id 
_struct_sheet_range.beg_auth_seq_id 
_struct_sheet_range.end_auth_comp_id 
_struct_sheet_range.end_auth_asym_id 
_struct_sheet_range.end_auth_seq_id 
A 1 VAL A 2   ? PHE A 4   ? VAL A 2   PHE A 4   
A 2 GLY A 39  ? SER A 49  ? GLY A 39  SER A 49  
A 3 ALA A 116 ? ILE A 129 ? ALA A 116 ILE A 129 
A 4 VAL A 80  ? GLY A 87  ? VAL A 80  GLY A 87  
A 5 GLN A 71  ? GLY A 75  ? GLN A 71  GLY A 75  
A 6 VAL A 64  ? LEU A 68  ? VAL A 64  LEU A 68  
B 1 PHE A 30  ? VAL A 31  ? PHE A 30  VAL A 31  
B 2 ALA A 116 ? ILE A 129 ? ALA A 116 ILE A 129 
B 3 VAL A 80  ? GLY A 87  ? VAL A 80  GLY A 87  
B 4 THR A 95  ? ALA A 96  ? THR A 95  ALA A 96  
C 1 GLU A 9   ? VAL A 12  ? GLU A 9   VAL A 12  
C 2 THR A 164 ? LEU A 169 ? THR A 164 LEU A 169 
C 3 THR A 143 ? TYR A 153 ? THR A 143 TYR A 153 
C 4 CYS A 53  ? VAL A 60  ? CYS A 53  VAL A 60  
C 5 GLU A 103 ? CYS A 110 ? GLU A 103 CYS A 110 
D 1 GLY A 17  ? SER A 20  ? GLY A 17  SER A 20  
D 2 PHE A 172 ? ASN A 175 ? PHE A 172 ASN A 175 
D 3 ARG A 137 ? VAL A 140 ? ARG A 137 VAL A 140 
# 
loop_
_pdbx_struct_sheet_hbond.sheet_id 
_pdbx_struct_sheet_hbond.range_id_1 
_pdbx_struct_sheet_hbond.range_id_2 
_pdbx_struct_sheet_hbond.range_1_label_atom_id 
_pdbx_struct_sheet_hbond.range_1_label_comp_id 
_pdbx_struct_sheet_hbond.range_1_label_asym_id 
_pdbx_struct_sheet_hbond.range_1_label_seq_id 
_pdbx_struct_sheet_hbond.range_1_PDB_ins_code 
_pdbx_struct_sheet_hbond.range_1_auth_atom_id 
_pdbx_struct_sheet_hbond.range_1_auth_comp_id 
_pdbx_struct_sheet_hbond.range_1_auth_asym_id 
_pdbx_struct_sheet_hbond.range_1_auth_seq_id 
_pdbx_struct_sheet_hbond.range_2_label_atom_id 
_pdbx_struct_sheet_hbond.range_2_label_comp_id 
_pdbx_struct_sheet_hbond.range_2_label_asym_id 
_pdbx_struct_sheet_hbond.range_2_label_seq_id 
_pdbx_struct_sheet_hbond.range_2_PDB_ins_code 
_pdbx_struct_sheet_hbond.range_2_auth_atom_id 
_pdbx_struct_sheet_hbond.range_2_auth_comp_id 
_pdbx_struct_sheet_hbond.range_2_auth_asym_id 
_pdbx_struct_sheet_hbond.range_2_auth_seq_id 
A 1 2 N SER A 3   ? N SER A 3   O HIS A 47  ? O HIS A 47  
A 2 3 N TRP A 46  ? N TRP A 46  O GLN A 119 ? O GLN A 119 
A 3 4 O VAL A 128 ? O VAL A 128 N GLY A 81  ? N GLY A 81  
A 4 5 O LEU A 82  ? O LEU A 82  N TYR A 74  ? N TYR A 74  
A 5 6 O ILE A 73  ? O ILE A 73  N VAL A 65  ? N VAL A 65  
B 1 2 N PHE A 30  ? N PHE A 30  O ILE A 129 ? O ILE A 129 
B 2 3 O VAL A 128 ? O VAL A 128 N GLY A 81  ? N GLY A 81  
B 3 4 N MET A 86  ? N MET A 86  O THR A 95  ? O THR A 95  
C 1 2 N VAL A 12  ? N VAL A 12  O SER A 168 ? O SER A 168 
C 2 3 O LEU A 169 ? O LEU A 169 N THR A 143 ? N THR A 143 
C 3 4 O ARG A 149 ? O ARG A 149 N ASP A 57  ? N ASP A 57  
C 4 5 N VAL A 54  ? N VAL A 54  O TRP A 109 ? O TRP A 109 
D 1 2 N TYR A 19  ? N TYR A 19  O ASN A 175 ? O ASN A 175 
D 2 3 O LEU A 174 ? O LEU A 174 N TYR A 138 ? N TYR A 138 
# 
_pdbx_entry_details.entry_id                   3F6J 
_pdbx_entry_details.compound_details           ? 
_pdbx_entry_details.source_details             ? 
_pdbx_entry_details.nonpolymer_details         ? 
_pdbx_entry_details.sequence_details           ? 
_pdbx_entry_details.has_ligand_of_interest     ? 
_pdbx_entry_details.has_protein_modification   Y 
# 
loop_
_pdbx_validate_torsion.id 
_pdbx_validate_torsion.PDB_model_num 
_pdbx_validate_torsion.auth_comp_id 
_pdbx_validate_torsion.auth_asym_id 
_pdbx_validate_torsion.auth_seq_id 
_pdbx_validate_torsion.PDB_ins_code 
_pdbx_validate_torsion.label_alt_id 
_pdbx_validate_torsion.phi 
_pdbx_validate_torsion.psi 
1 1 ARG A 35  ? ? 53.81   -124.41 
2 1 ASP A 88  ? ? -56.24  170.45  
3 1 SER A 117 ? ? -161.64 -157.93 
# 
_pdbx_distant_solvent_atoms.id                                1 
_pdbx_distant_solvent_atoms.PDB_model_num                     1 
_pdbx_distant_solvent_atoms.auth_atom_id                      O 
_pdbx_distant_solvent_atoms.label_alt_id                      ? 
_pdbx_distant_solvent_atoms.auth_asym_id                      A 
_pdbx_distant_solvent_atoms.auth_comp_id                      HOH 
_pdbx_distant_solvent_atoms.auth_seq_id                       474 
_pdbx_distant_solvent_atoms.PDB_ins_code                      ? 
_pdbx_distant_solvent_atoms.neighbor_macromolecule_distance   5.93 
_pdbx_distant_solvent_atoms.neighbor_ligand_distance          . 
# 
loop_
_pdbx_unobs_or_zero_occ_residues.id 
_pdbx_unobs_or_zero_occ_residues.PDB_model_num 
_pdbx_unobs_or_zero_occ_residues.polymer_flag 
_pdbx_unobs_or_zero_occ_residues.occupancy_flag 
_pdbx_unobs_or_zero_occ_residues.auth_asym_id 
_pdbx_unobs_or_zero_occ_residues.auth_comp_id 
_pdbx_unobs_or_zero_occ_residues.auth_seq_id 
_pdbx_unobs_or_zero_occ_residues.PDB_ins_code 
_pdbx_unobs_or_zero_occ_residues.label_asym_id 
_pdbx_unobs_or_zero_occ_residues.label_comp_id 
_pdbx_unobs_or_zero_occ_residues.label_seq_id 
1  1 Y 1 A THR 22  ? A THR 22  
2  1 Y 1 A HIS 23  ? A HIS 23  
3  1 Y 1 A ALA 24  ? A ALA 24  
4  1 Y 1 A MET 25  ? A MET 25  
5  1 Y 1 A ASP 26  ? A ASP 26  
6  1 Y 1 A ASN 27  ? A ASN 27  
7  1 Y 1 A LEU 28  ? A LEU 28  
8  1 Y 1 A SER 134 ? A SER 134 
9  1 Y 1 A SER 135 ? A SER 135 
10 1 Y 1 A THR 177 ? A THR 177 
# 
loop_
_chem_comp_atom.comp_id 
_chem_comp_atom.atom_id 
_chem_comp_atom.type_symbol 
_chem_comp_atom.pdbx_aromatic_flag 
_chem_comp_atom.pdbx_stereo_config 
_chem_comp_atom.pdbx_ordinal 
ALA N    N N N 1   
ALA CA   C N S 2   
ALA C    C N N 3   
ALA O    O N N 4   
ALA CB   C N N 5   
ALA OXT  O N N 6   
ALA H    H N N 7   
ALA H2   H N N 8   
ALA HA   H N N 9   
ALA HB1  H N N 10  
ALA HB2  H N N 11  
ALA HB3  H N N 12  
ALA HXT  H N N 13  
ARG N    N N N 14  
ARG CA   C N S 15  
ARG C    C N N 16  
ARG O    O N N 17  
ARG CB   C N N 18  
ARG CG   C N N 19  
ARG CD   C N N 20  
ARG NE   N N N 21  
ARG CZ   C N N 22  
ARG NH1  N N N 23  
ARG NH2  N N N 24  
ARG OXT  O N N 25  
ARG H    H N N 26  
ARG H2   H N N 27  
ARG HA   H N N 28  
ARG HB2  H N N 29  
ARG HB3  H N N 30  
ARG HG2  H N N 31  
ARG HG3  H N N 32  
ARG HD2  H N N 33  
ARG HD3  H N N 34  
ARG HE   H N N 35  
ARG HH11 H N N 36  
ARG HH12 H N N 37  
ARG HH21 H N N 38  
ARG HH22 H N N 39  
ARG HXT  H N N 40  
ASN N    N N N 41  
ASN CA   C N S 42  
ASN C    C N N 43  
ASN O    O N N 44  
ASN CB   C N N 45  
ASN CG   C N N 46  
ASN OD1  O N N 47  
ASN ND2  N N N 48  
ASN OXT  O N N 49  
ASN H    H N N 50  
ASN H2   H N N 51  
ASN HA   H N N 52  
ASN HB2  H N N 53  
ASN HB3  H N N 54  
ASN HD21 H N N 55  
ASN HD22 H N N 56  
ASN HXT  H N N 57  
ASP N    N N N 58  
ASP CA   C N S 59  
ASP C    C N N 60  
ASP O    O N N 61  
ASP CB   C N N 62  
ASP CG   C N N 63  
ASP OD1  O N N 64  
ASP OD2  O N N 65  
ASP OXT  O N N 66  
ASP H    H N N 67  
ASP H2   H N N 68  
ASP HA   H N N 69  
ASP HB2  H N N 70  
ASP HB3  H N N 71  
ASP HD2  H N N 72  
ASP HXT  H N N 73  
CYS N    N N N 74  
CYS CA   C N R 75  
CYS C    C N N 76  
CYS O    O N N 77  
CYS CB   C N N 78  
CYS SG   S N N 79  
CYS OXT  O N N 80  
CYS H    H N N 81  
CYS H2   H N N 82  
CYS HA   H N N 83  
CYS HB2  H N N 84  
CYS HB3  H N N 85  
CYS HG   H N N 86  
CYS HXT  H N N 87  
GLN N    N N N 88  
GLN CA   C N S 89  
GLN C    C N N 90  
GLN O    O N N 91  
GLN CB   C N N 92  
GLN CG   C N N 93  
GLN CD   C N N 94  
GLN OE1  O N N 95  
GLN NE2  N N N 96  
GLN OXT  O N N 97  
GLN H    H N N 98  
GLN H2   H N N 99  
GLN HA   H N N 100 
GLN HB2  H N N 101 
GLN HB3  H N N 102 
GLN HG2  H N N 103 
GLN HG3  H N N 104 
GLN HE21 H N N 105 
GLN HE22 H N N 106 
GLN HXT  H N N 107 
GLU N    N N N 108 
GLU CA   C N S 109 
GLU C    C N N 110 
GLU O    O N N 111 
GLU CB   C N N 112 
GLU CG   C N N 113 
GLU CD   C N N 114 
GLU OE1  O N N 115 
GLU OE2  O N N 116 
GLU OXT  O N N 117 
GLU H    H N N 118 
GLU H2   H N N 119 
GLU HA   H N N 120 
GLU HB2  H N N 121 
GLU HB3  H N N 122 
GLU HG2  H N N 123 
GLU HG3  H N N 124 
GLU HE2  H N N 125 
GLU HXT  H N N 126 
GLY N    N N N 127 
GLY CA   C N N 128 
GLY C    C N N 129 
GLY O    O N N 130 
GLY OXT  O N N 131 
GLY H    H N N 132 
GLY H2   H N N 133 
GLY HA2  H N N 134 
GLY HA3  H N N 135 
GLY HXT  H N N 136 
HIS N    N N N 137 
HIS CA   C N S 138 
HIS C    C N N 139 
HIS O    O N N 140 
HIS CB   C N N 141 
HIS CG   C Y N 142 
HIS ND1  N Y N 143 
HIS CD2  C Y N 144 
HIS CE1  C Y N 145 
HIS NE2  N Y N 146 
HIS OXT  O N N 147 
HIS H    H N N 148 
HIS H2   H N N 149 
HIS HA   H N N 150 
HIS HB2  H N N 151 
HIS HB3  H N N 152 
HIS HD1  H N N 153 
HIS HD2  H N N 154 
HIS HE1  H N N 155 
HIS HE2  H N N 156 
HIS HXT  H N N 157 
HOH O    O N N 158 
HOH H1   H N N 159 
HOH H2   H N N 160 
ILE N    N N N 161 
ILE CA   C N S 162 
ILE C    C N N 163 
ILE O    O N N 164 
ILE CB   C N S 165 
ILE CG1  C N N 166 
ILE CG2  C N N 167 
ILE CD1  C N N 168 
ILE OXT  O N N 169 
ILE H    H N N 170 
ILE H2   H N N 171 
ILE HA   H N N 172 
ILE HB   H N N 173 
ILE HG12 H N N 174 
ILE HG13 H N N 175 
ILE HG21 H N N 176 
ILE HG22 H N N 177 
ILE HG23 H N N 178 
ILE HD11 H N N 179 
ILE HD12 H N N 180 
ILE HD13 H N N 181 
ILE HXT  H N N 182 
LEU N    N N N 183 
LEU CA   C N S 184 
LEU C    C N N 185 
LEU O    O N N 186 
LEU CB   C N N 187 
LEU CG   C N N 188 
LEU CD1  C N N 189 
LEU CD2  C N N 190 
LEU OXT  O N N 191 
LEU H    H N N 192 
LEU H2   H N N 193 
LEU HA   H N N 194 
LEU HB2  H N N 195 
LEU HB3  H N N 196 
LEU HG   H N N 197 
LEU HD11 H N N 198 
LEU HD12 H N N 199 
LEU HD13 H N N 200 
LEU HD21 H N N 201 
LEU HD22 H N N 202 
LEU HD23 H N N 203 
LEU HXT  H N N 204 
LYS N    N N N 205 
LYS CA   C N S 206 
LYS C    C N N 207 
LYS O    O N N 208 
LYS CB   C N N 209 
LYS CG   C N N 210 
LYS CD   C N N 211 
LYS CE   C N N 212 
LYS NZ   N N N 213 
LYS OXT  O N N 214 
LYS H    H N N 215 
LYS H2   H N N 216 
LYS HA   H N N 217 
LYS HB2  H N N 218 
LYS HB3  H N N 219 
LYS HG2  H N N 220 
LYS HG3  H N N 221 
LYS HD2  H N N 222 
LYS HD3  H N N 223 
LYS HE2  H N N 224 
LYS HE3  H N N 225 
LYS HZ1  H N N 226 
LYS HZ2  H N N 227 
LYS HZ3  H N N 228 
LYS HXT  H N N 229 
MBG C1   C N R 230 
MBG C2   C N R 231 
MBG C3   C N S 232 
MBG C4   C N R 233 
MBG C5   C N R 234 
MBG C6   C N N 235 
MBG C7   C N N 236 
MBG O1   O N N 237 
MBG O2   O N N 238 
MBG O3   O N N 239 
MBG O4   O N N 240 
MBG O5   O N N 241 
MBG O6   O N N 242 
MBG H1   H N N 243 
MBG H2   H N N 244 
MBG H3   H N N 245 
MBG H4   H N N 246 
MBG H5   H N N 247 
MBG H61  H N N 248 
MBG H62  H N N 249 
MBG H71  H N N 250 
MBG H72  H N N 251 
MBG H73  H N N 252 
MBG HO2  H N N 253 
MBG HO3  H N N 254 
MBG HO4  H N N 255 
MBG HO6  H N N 256 
MET N    N N N 257 
MET CA   C N S 258 
MET C    C N N 259 
MET O    O N N 260 
MET CB   C N N 261 
MET CG   C N N 262 
MET SD   S N N 263 
MET CE   C N N 264 
MET OXT  O N N 265 
MET H    H N N 266 
MET H2   H N N 267 
MET HA   H N N 268 
MET HB2  H N N 269 
MET HB3  H N N 270 
MET HG2  H N N 271 
MET HG3  H N N 272 
MET HE1  H N N 273 
MET HE2  H N N 274 
MET HE3  H N N 275 
MET HXT  H N N 276 
NAG C1   C N R 277 
NAG C2   C N R 278 
NAG C3   C N R 279 
NAG C4   C N S 280 
NAG C5   C N R 281 
NAG C6   C N N 282 
NAG C7   C N N 283 
NAG C8   C N N 284 
NAG N2   N N N 285 
NAG O1   O N N 286 
NAG O3   O N N 287 
NAG O4   O N N 288 
NAG O5   O N N 289 
NAG O6   O N N 290 
NAG O7   O N N 291 
NAG H1   H N N 292 
NAG H2   H N N 293 
NAG H3   H N N 294 
NAG H4   H N N 295 
NAG H5   H N N 296 
NAG H61  H N N 297 
NAG H62  H N N 298 
NAG H81  H N N 299 
NAG H82  H N N 300 
NAG H83  H N N 301 
NAG HN2  H N N 302 
NAG HO1  H N N 303 
NAG HO3  H N N 304 
NAG HO4  H N N 305 
NAG HO6  H N N 306 
PHE N    N N N 307 
PHE CA   C N S 308 
PHE C    C N N 309 
PHE O    O N N 310 
PHE CB   C N N 311 
PHE CG   C Y N 312 
PHE CD1  C Y N 313 
PHE CD2  C Y N 314 
PHE CE1  C Y N 315 
PHE CE2  C Y N 316 
PHE CZ   C Y N 317 
PHE OXT  O N N 318 
PHE H    H N N 319 
PHE H2   H N N 320 
PHE HA   H N N 321 
PHE HB2  H N N 322 
PHE HB3  H N N 323 
PHE HD1  H N N 324 
PHE HD2  H N N 325 
PHE HE1  H N N 326 
PHE HE2  H N N 327 
PHE HZ   H N N 328 
PHE HXT  H N N 329 
PRO N    N N N 330 
PRO CA   C N S 331 
PRO C    C N N 332 
PRO O    O N N 333 
PRO CB   C N N 334 
PRO CG   C N N 335 
PRO CD   C N N 336 
PRO OXT  O N N 337 
PRO H    H N N 338 
PRO HA   H N N 339 
PRO HB2  H N N 340 
PRO HB3  H N N 341 
PRO HG2  H N N 342 
PRO HG3  H N N 343 
PRO HD2  H N N 344 
PRO HD3  H N N 345 
PRO HXT  H N N 346 
SER N    N N N 347 
SER CA   C N S 348 
SER C    C N N 349 
SER O    O N N 350 
SER CB   C N N 351 
SER OG   O N N 352 
SER OXT  O N N 353 
SER H    H N N 354 
SER H2   H N N 355 
SER HA   H N N 356 
SER HB2  H N N 357 
SER HB3  H N N 358 
SER HG   H N N 359 
SER HXT  H N N 360 
THR N    N N N 361 
THR CA   C N S 362 
THR C    C N N 363 
THR O    O N N 364 
THR CB   C N R 365 
THR OG1  O N N 366 
THR CG2  C N N 367 
THR OXT  O N N 368 
THR H    H N N 369 
THR H2   H N N 370 
THR HA   H N N 371 
THR HB   H N N 372 
THR HG1  H N N 373 
THR HG21 H N N 374 
THR HG22 H N N 375 
THR HG23 H N N 376 
THR HXT  H N N 377 
TRP N    N N N 378 
TRP CA   C N S 379 
TRP C    C N N 380 
TRP O    O N N 381 
TRP CB   C N N 382 
TRP CG   C Y N 383 
TRP CD1  C Y N 384 
TRP CD2  C Y N 385 
TRP NE1  N Y N 386 
TRP CE2  C Y N 387 
TRP CE3  C Y N 388 
TRP CZ2  C Y N 389 
TRP CZ3  C Y N 390 
TRP CH2  C Y N 391 
TRP OXT  O N N 392 
TRP H    H N N 393 
TRP H2   H N N 394 
TRP HA   H N N 395 
TRP HB2  H N N 396 
TRP HB3  H N N 397 
TRP HD1  H N N 398 
TRP HE1  H N N 399 
TRP HE3  H N N 400 
TRP HZ2  H N N 401 
TRP HZ3  H N N 402 
TRP HH2  H N N 403 
TRP HXT  H N N 404 
TYR N    N N N 405 
TYR CA   C N S 406 
TYR C    C N N 407 
TYR O    O N N 408 
TYR CB   C N N 409 
TYR CG   C Y N 410 
TYR CD1  C Y N 411 
TYR CD2  C Y N 412 
TYR CE1  C Y N 413 
TYR CE2  C Y N 414 
TYR CZ   C Y N 415 
TYR OH   O N N 416 
TYR OXT  O N N 417 
TYR H    H N N 418 
TYR H2   H N N 419 
TYR HA   H N N 420 
TYR HB2  H N N 421 
TYR HB3  H N N 422 
TYR HD1  H N N 423 
TYR HD2  H N N 424 
TYR HE1  H N N 425 
TYR HE2  H N N 426 
TYR HH   H N N 427 
TYR HXT  H N N 428 
VAL N    N N N 429 
VAL CA   C N S 430 
VAL C    C N N 431 
VAL O    O N N 432 
VAL CB   C N N 433 
VAL CG1  C N N 434 
VAL CG2  C N N 435 
VAL OXT  O N N 436 
VAL H    H N N 437 
VAL H2   H N N 438 
VAL HA   H N N 439 
VAL HB   H N N 440 
VAL HG11 H N N 441 
VAL HG12 H N N 442 
VAL HG13 H N N 443 
VAL HG21 H N N 444 
VAL HG22 H N N 445 
VAL HG23 H N N 446 
VAL HXT  H N N 447 
# 
loop_
_chem_comp_bond.comp_id 
_chem_comp_bond.atom_id_1 
_chem_comp_bond.atom_id_2 
_chem_comp_bond.value_order 
_chem_comp_bond.pdbx_aromatic_flag 
_chem_comp_bond.pdbx_stereo_config 
_chem_comp_bond.pdbx_ordinal 
ALA N   CA   sing N N 1   
ALA N   H    sing N N 2   
ALA N   H2   sing N N 3   
ALA CA  C    sing N N 4   
ALA CA  CB   sing N N 5   
ALA CA  HA   sing N N 6   
ALA C   O    doub N N 7   
ALA C   OXT  sing N N 8   
ALA CB  HB1  sing N N 9   
ALA CB  HB2  sing N N 10  
ALA CB  HB3  sing N N 11  
ALA OXT HXT  sing N N 12  
ARG N   CA   sing N N 13  
ARG N   H    sing N N 14  
ARG N   H2   sing N N 15  
ARG CA  C    sing N N 16  
ARG CA  CB   sing N N 17  
ARG CA  HA   sing N N 18  
ARG C   O    doub N N 19  
ARG C   OXT  sing N N 20  
ARG CB  CG   sing N N 21  
ARG CB  HB2  sing N N 22  
ARG CB  HB3  sing N N 23  
ARG CG  CD   sing N N 24  
ARG CG  HG2  sing N N 25  
ARG CG  HG3  sing N N 26  
ARG CD  NE   sing N N 27  
ARG CD  HD2  sing N N 28  
ARG CD  HD3  sing N N 29  
ARG NE  CZ   sing N N 30  
ARG NE  HE   sing N N 31  
ARG CZ  NH1  sing N N 32  
ARG CZ  NH2  doub N N 33  
ARG NH1 HH11 sing N N 34  
ARG NH1 HH12 sing N N 35  
ARG NH2 HH21 sing N N 36  
ARG NH2 HH22 sing N N 37  
ARG OXT HXT  sing N N 38  
ASN N   CA   sing N N 39  
ASN N   H    sing N N 40  
ASN N   H2   sing N N 41  
ASN CA  C    sing N N 42  
ASN CA  CB   sing N N 43  
ASN CA  HA   sing N N 44  
ASN C   O    doub N N 45  
ASN C   OXT  sing N N 46  
ASN CB  CG   sing N N 47  
ASN CB  HB2  sing N N 48  
ASN CB  HB3  sing N N 49  
ASN CG  OD1  doub N N 50  
ASN CG  ND2  sing N N 51  
ASN ND2 HD21 sing N N 52  
ASN ND2 HD22 sing N N 53  
ASN OXT HXT  sing N N 54  
ASP N   CA   sing N N 55  
ASP N   H    sing N N 56  
ASP N   H2   sing N N 57  
ASP CA  C    sing N N 58  
ASP CA  CB   sing N N 59  
ASP CA  HA   sing N N 60  
ASP C   O    doub N N 61  
ASP C   OXT  sing N N 62  
ASP CB  CG   sing N N 63  
ASP CB  HB2  sing N N 64  
ASP CB  HB3  sing N N 65  
ASP CG  OD1  doub N N 66  
ASP CG  OD2  sing N N 67  
ASP OD2 HD2  sing N N 68  
ASP OXT HXT  sing N N 69  
CYS N   CA   sing N N 70  
CYS N   H    sing N N 71  
CYS N   H2   sing N N 72  
CYS CA  C    sing N N 73  
CYS CA  CB   sing N N 74  
CYS CA  HA   sing N N 75  
CYS C   O    doub N N 76  
CYS C   OXT  sing N N 77  
CYS CB  SG   sing N N 78  
CYS CB  HB2  sing N N 79  
CYS CB  HB3  sing N N 80  
CYS SG  HG   sing N N 81  
CYS OXT HXT  sing N N 82  
GLN N   CA   sing N N 83  
GLN N   H    sing N N 84  
GLN N   H2   sing N N 85  
GLN CA  C    sing N N 86  
GLN CA  CB   sing N N 87  
GLN CA  HA   sing N N 88  
GLN C   O    doub N N 89  
GLN C   OXT  sing N N 90  
GLN CB  CG   sing N N 91  
GLN CB  HB2  sing N N 92  
GLN CB  HB3  sing N N 93  
GLN CG  CD   sing N N 94  
GLN CG  HG2  sing N N 95  
GLN CG  HG3  sing N N 96  
GLN CD  OE1  doub N N 97  
GLN CD  NE2  sing N N 98  
GLN NE2 HE21 sing N N 99  
GLN NE2 HE22 sing N N 100 
GLN OXT HXT  sing N N 101 
GLU N   CA   sing N N 102 
GLU N   H    sing N N 103 
GLU N   H2   sing N N 104 
GLU CA  C    sing N N 105 
GLU CA  CB   sing N N 106 
GLU CA  HA   sing N N 107 
GLU C   O    doub N N 108 
GLU C   OXT  sing N N 109 
GLU CB  CG   sing N N 110 
GLU CB  HB2  sing N N 111 
GLU CB  HB3  sing N N 112 
GLU CG  CD   sing N N 113 
GLU CG  HG2  sing N N 114 
GLU CG  HG3  sing N N 115 
GLU CD  OE1  doub N N 116 
GLU CD  OE2  sing N N 117 
GLU OE2 HE2  sing N N 118 
GLU OXT HXT  sing N N 119 
GLY N   CA   sing N N 120 
GLY N   H    sing N N 121 
GLY N   H2   sing N N 122 
GLY CA  C    sing N N 123 
GLY CA  HA2  sing N N 124 
GLY CA  HA3  sing N N 125 
GLY C   O    doub N N 126 
GLY C   OXT  sing N N 127 
GLY OXT HXT  sing N N 128 
HIS N   CA   sing N N 129 
HIS N   H    sing N N 130 
HIS N   H2   sing N N 131 
HIS CA  C    sing N N 132 
HIS CA  CB   sing N N 133 
HIS CA  HA   sing N N 134 
HIS C   O    doub N N 135 
HIS C   OXT  sing N N 136 
HIS CB  CG   sing N N 137 
HIS CB  HB2  sing N N 138 
HIS CB  HB3  sing N N 139 
HIS CG  ND1  sing Y N 140 
HIS CG  CD2  doub Y N 141 
HIS ND1 CE1  doub Y N 142 
HIS ND1 HD1  sing N N 143 
HIS CD2 NE2  sing Y N 144 
HIS CD2 HD2  sing N N 145 
HIS CE1 NE2  sing Y N 146 
HIS CE1 HE1  sing N N 147 
HIS NE2 HE2  sing N N 148 
HIS OXT HXT  sing N N 149 
HOH O   H1   sing N N 150 
HOH O   H2   sing N N 151 
ILE N   CA   sing N N 152 
ILE N   H    sing N N 153 
ILE N   H2   sing N N 154 
ILE CA  C    sing N N 155 
ILE CA  CB   sing N N 156 
ILE CA  HA   sing N N 157 
ILE C   O    doub N N 158 
ILE C   OXT  sing N N 159 
ILE CB  CG1  sing N N 160 
ILE CB  CG2  sing N N 161 
ILE CB  HB   sing N N 162 
ILE CG1 CD1  sing N N 163 
ILE CG1 HG12 sing N N 164 
ILE CG1 HG13 sing N N 165 
ILE CG2 HG21 sing N N 166 
ILE CG2 HG22 sing N N 167 
ILE CG2 HG23 sing N N 168 
ILE CD1 HD11 sing N N 169 
ILE CD1 HD12 sing N N 170 
ILE CD1 HD13 sing N N 171 
ILE OXT HXT  sing N N 172 
LEU N   CA   sing N N 173 
LEU N   H    sing N N 174 
LEU N   H2   sing N N 175 
LEU CA  C    sing N N 176 
LEU CA  CB   sing N N 177 
LEU CA  HA   sing N N 178 
LEU C   O    doub N N 179 
LEU C   OXT  sing N N 180 
LEU CB  CG   sing N N 181 
LEU CB  HB2  sing N N 182 
LEU CB  HB3  sing N N 183 
LEU CG  CD1  sing N N 184 
LEU CG  CD2  sing N N 185 
LEU CG  HG   sing N N 186 
LEU CD1 HD11 sing N N 187 
LEU CD1 HD12 sing N N 188 
LEU CD1 HD13 sing N N 189 
LEU CD2 HD21 sing N N 190 
LEU CD2 HD22 sing N N 191 
LEU CD2 HD23 sing N N 192 
LEU OXT HXT  sing N N 193 
LYS N   CA   sing N N 194 
LYS N   H    sing N N 195 
LYS N   H2   sing N N 196 
LYS CA  C    sing N N 197 
LYS CA  CB   sing N N 198 
LYS CA  HA   sing N N 199 
LYS C   O    doub N N 200 
LYS C   OXT  sing N N 201 
LYS CB  CG   sing N N 202 
LYS CB  HB2  sing N N 203 
LYS CB  HB3  sing N N 204 
LYS CG  CD   sing N N 205 
LYS CG  HG2  sing N N 206 
LYS CG  HG3  sing N N 207 
LYS CD  CE   sing N N 208 
LYS CD  HD2  sing N N 209 
LYS CD  HD3  sing N N 210 
LYS CE  NZ   sing N N 211 
LYS CE  HE2  sing N N 212 
LYS CE  HE3  sing N N 213 
LYS NZ  HZ1  sing N N 214 
LYS NZ  HZ2  sing N N 215 
LYS NZ  HZ3  sing N N 216 
LYS OXT HXT  sing N N 217 
MBG C1  C2   sing N N 218 
MBG C1  O1   sing N N 219 
MBG C1  O5   sing N N 220 
MBG C1  H1   sing N N 221 
MBG C2  C3   sing N N 222 
MBG C2  O2   sing N N 223 
MBG C2  H2   sing N N 224 
MBG C3  C4   sing N N 225 
MBG C3  O3   sing N N 226 
MBG C3  H3   sing N N 227 
MBG C4  C5   sing N N 228 
MBG C4  O4   sing N N 229 
MBG C4  H4   sing N N 230 
MBG C5  C6   sing N N 231 
MBG C5  O5   sing N N 232 
MBG C5  H5   sing N N 233 
MBG C6  O6   sing N N 234 
MBG C6  H61  sing N N 235 
MBG C6  H62  sing N N 236 
MBG C7  O1   sing N N 237 
MBG C7  H71  sing N N 238 
MBG C7  H72  sing N N 239 
MBG C7  H73  sing N N 240 
MBG O2  HO2  sing N N 241 
MBG O3  HO3  sing N N 242 
MBG O4  HO4  sing N N 243 
MBG O6  HO6  sing N N 244 
MET N   CA   sing N N 245 
MET N   H    sing N N 246 
MET N   H2   sing N N 247 
MET CA  C    sing N N 248 
MET CA  CB   sing N N 249 
MET CA  HA   sing N N 250 
MET C   O    doub N N 251 
MET C   OXT  sing N N 252 
MET CB  CG   sing N N 253 
MET CB  HB2  sing N N 254 
MET CB  HB3  sing N N 255 
MET CG  SD   sing N N 256 
MET CG  HG2  sing N N 257 
MET CG  HG3  sing N N 258 
MET SD  CE   sing N N 259 
MET CE  HE1  sing N N 260 
MET CE  HE2  sing N N 261 
MET CE  HE3  sing N N 262 
MET OXT HXT  sing N N 263 
NAG C1  C2   sing N N 264 
NAG C1  O1   sing N N 265 
NAG C1  O5   sing N N 266 
NAG C1  H1   sing N N 267 
NAG C2  C3   sing N N 268 
NAG C2  N2   sing N N 269 
NAG C2  H2   sing N N 270 
NAG C3  C4   sing N N 271 
NAG C3  O3   sing N N 272 
NAG C3  H3   sing N N 273 
NAG C4  C5   sing N N 274 
NAG C4  O4   sing N N 275 
NAG C4  H4   sing N N 276 
NAG C5  C6   sing N N 277 
NAG C5  O5   sing N N 278 
NAG C5  H5   sing N N 279 
NAG C6  O6   sing N N 280 
NAG C6  H61  sing N N 281 
NAG C6  H62  sing N N 282 
NAG C7  C8   sing N N 283 
NAG C7  N2   sing N N 284 
NAG C7  O7   doub N N 285 
NAG C8  H81  sing N N 286 
NAG C8  H82  sing N N 287 
NAG C8  H83  sing N N 288 
NAG N2  HN2  sing N N 289 
NAG O1  HO1  sing N N 290 
NAG O3  HO3  sing N N 291 
NAG O4  HO4  sing N N 292 
NAG O6  HO6  sing N N 293 
PHE N   CA   sing N N 294 
PHE N   H    sing N N 295 
PHE N   H2   sing N N 296 
PHE CA  C    sing N N 297 
PHE CA  CB   sing N N 298 
PHE CA  HA   sing N N 299 
PHE C   O    doub N N 300 
PHE C   OXT  sing N N 301 
PHE CB  CG   sing N N 302 
PHE CB  HB2  sing N N 303 
PHE CB  HB3  sing N N 304 
PHE CG  CD1  doub Y N 305 
PHE CG  CD2  sing Y N 306 
PHE CD1 CE1  sing Y N 307 
PHE CD1 HD1  sing N N 308 
PHE CD2 CE2  doub Y N 309 
PHE CD2 HD2  sing N N 310 
PHE CE1 CZ   doub Y N 311 
PHE CE1 HE1  sing N N 312 
PHE CE2 CZ   sing Y N 313 
PHE CE2 HE2  sing N N 314 
PHE CZ  HZ   sing N N 315 
PHE OXT HXT  sing N N 316 
PRO N   CA   sing N N 317 
PRO N   CD   sing N N 318 
PRO N   H    sing N N 319 
PRO CA  C    sing N N 320 
PRO CA  CB   sing N N 321 
PRO CA  HA   sing N N 322 
PRO C   O    doub N N 323 
PRO C   OXT  sing N N 324 
PRO CB  CG   sing N N 325 
PRO CB  HB2  sing N N 326 
PRO CB  HB3  sing N N 327 
PRO CG  CD   sing N N 328 
PRO CG  HG2  sing N N 329 
PRO CG  HG3  sing N N 330 
PRO CD  HD2  sing N N 331 
PRO CD  HD3  sing N N 332 
PRO OXT HXT  sing N N 333 
SER N   CA   sing N N 334 
SER N   H    sing N N 335 
SER N   H2   sing N N 336 
SER CA  C    sing N N 337 
SER CA  CB   sing N N 338 
SER CA  HA   sing N N 339 
SER C   O    doub N N 340 
SER C   OXT  sing N N 341 
SER CB  OG   sing N N 342 
SER CB  HB2  sing N N 343 
SER CB  HB3  sing N N 344 
SER OG  HG   sing N N 345 
SER OXT HXT  sing N N 346 
THR N   CA   sing N N 347 
THR N   H    sing N N 348 
THR N   H2   sing N N 349 
THR CA  C    sing N N 350 
THR CA  CB   sing N N 351 
THR CA  HA   sing N N 352 
THR C   O    doub N N 353 
THR C   OXT  sing N N 354 
THR CB  OG1  sing N N 355 
THR CB  CG2  sing N N 356 
THR CB  HB   sing N N 357 
THR OG1 HG1  sing N N 358 
THR CG2 HG21 sing N N 359 
THR CG2 HG22 sing N N 360 
THR CG2 HG23 sing N N 361 
THR OXT HXT  sing N N 362 
TRP N   CA   sing N N 363 
TRP N   H    sing N N 364 
TRP N   H2   sing N N 365 
TRP CA  C    sing N N 366 
TRP CA  CB   sing N N 367 
TRP CA  HA   sing N N 368 
TRP C   O    doub N N 369 
TRP C   OXT  sing N N 370 
TRP CB  CG   sing N N 371 
TRP CB  HB2  sing N N 372 
TRP CB  HB3  sing N N 373 
TRP CG  CD1  doub Y N 374 
TRP CG  CD2  sing Y N 375 
TRP CD1 NE1  sing Y N 376 
TRP CD1 HD1  sing N N 377 
TRP CD2 CE2  doub Y N 378 
TRP CD2 CE3  sing Y N 379 
TRP NE1 CE2  sing Y N 380 
TRP NE1 HE1  sing N N 381 
TRP CE2 CZ2  sing Y N 382 
TRP CE3 CZ3  doub Y N 383 
TRP CE3 HE3  sing N N 384 
TRP CZ2 CH2  doub Y N 385 
TRP CZ2 HZ2  sing N N 386 
TRP CZ3 CH2  sing Y N 387 
TRP CZ3 HZ3  sing N N 388 
TRP CH2 HH2  sing N N 389 
TRP OXT HXT  sing N N 390 
TYR N   CA   sing N N 391 
TYR N   H    sing N N 392 
TYR N   H2   sing N N 393 
TYR CA  C    sing N N 394 
TYR CA  CB   sing N N 395 
TYR CA  HA   sing N N 396 
TYR C   O    doub N N 397 
TYR C   OXT  sing N N 398 
TYR CB  CG   sing N N 399 
TYR CB  HB2  sing N N 400 
TYR CB  HB3  sing N N 401 
TYR CG  CD1  doub Y N 402 
TYR CG  CD2  sing Y N 403 
TYR CD1 CE1  sing Y N 404 
TYR CD1 HD1  sing N N 405 
TYR CD2 CE2  doub Y N 406 
TYR CD2 HD2  sing N N 407 
TYR CE1 CZ   doub Y N 408 
TYR CE1 HE1  sing N N 409 
TYR CE2 CZ   sing Y N 410 
TYR CE2 HE2  sing N N 411 
TYR CZ  OH   sing N N 412 
TYR OH  HH   sing N N 413 
TYR OXT HXT  sing N N 414 
VAL N   CA   sing N N 415 
VAL N   H    sing N N 416 
VAL N   H2   sing N N 417 
VAL CA  C    sing N N 418 
VAL CA  CB   sing N N 419 
VAL CA  HA   sing N N 420 
VAL C   O    doub N N 421 
VAL C   OXT  sing N N 422 
VAL CB  CG1  sing N N 423 
VAL CB  CG2  sing N N 424 
VAL CB  HB   sing N N 425 
VAL CG1 HG11 sing N N 426 
VAL CG1 HG12 sing N N 427 
VAL CG1 HG13 sing N N 428 
VAL CG2 HG21 sing N N 429 
VAL CG2 HG22 sing N N 430 
VAL CG2 HG23 sing N N 431 
VAL OXT HXT  sing N N 432 
# 
loop_
_pdbx_entity_branch_list.entity_id 
_pdbx_entity_branch_list.comp_id 
_pdbx_entity_branch_list.num 
_pdbx_entity_branch_list.hetero 
2 MBG 1 n 
2 NAG 2 n 
# 
_pdbx_initial_refinement_model.id               1 
_pdbx_initial_refinement_model.entity_id_list   ? 
_pdbx_initial_refinement_model.type             'experimental model' 
_pdbx_initial_refinement_model.source_name      PDB 
_pdbx_initial_refinement_model.accession_code   1O9V 
_pdbx_initial_refinement_model.details          'PDB ENTRY 1O9V chain A' 
# 
_atom_sites.entry_id                    3F6J 
_atom_sites.fract_transf_matrix[1][1]   0.00640524 
_atom_sites.fract_transf_matrix[1][2]   0.02570104 
_atom_sites.fract_transf_matrix[1][3]   -0.00512438 
_atom_sites.fract_transf_matrix[2][1]   -0.01416762 
_atom_sites.fract_transf_matrix[2][2]   0.01995401 
_atom_sites.fract_transf_matrix[2][3]   0.01135467 
_atom_sites.fract_transf_matrix[3][1]   0.00219636 
_atom_sites.fract_transf_matrix[3][2]   -0.00000072 
_atom_sites.fract_transf_matrix[3][3]   0.00274174 
_atom_sites.fract_transf_vector[1]      1.173960 
_atom_sites.fract_transf_vector[2]      0.899633 
_atom_sites.fract_transf_vector[3]      0.042274 
# 
loop_
_atom_type.symbol 
C 
N 
O 
S 
# 
loop_
_atom_site.group_PDB 
_atom_site.id 
_atom_site.type_symbol 
_atom_site.label_atom_id 
_atom_site.label_alt_id 
_atom_site.label_comp_id 
_atom_site.label_asym_id 
_atom_site.label_entity_id 
_atom_site.label_seq_id 
_atom_site.pdbx_PDB_ins_code 
_atom_site.Cartn_x 
_atom_site.Cartn_y 
_atom_site.Cartn_z 
_atom_site.occupancy 
_atom_site.B_iso_or_equiv 
_atom_site.pdbx_formal_charge 
_atom_site.auth_seq_id 
_atom_site.auth_comp_id 
_atom_site.auth_asym_id 
_atom_site.auth_atom_id 
_atom_site.pdbx_PDB_model_num 
ATOM   1    N N   . ALA A 1 1   ? 10.893  22.844  2.494   1.00 19.31 ? 1   ALA A N   1 
ATOM   2    C CA  . ALA A 1 1   ? 11.540  21.691  3.184   1.00 18.55 ? 1   ALA A CA  1 
ATOM   3    C C   . ALA A 1 1   ? 10.731  20.381  3.078   1.00 17.74 ? 1   ALA A C   1 
ATOM   4    O O   . ALA A 1 1   ? 9.549   20.364  2.712   1.00 17.26 ? 1   ALA A O   1 
ATOM   5    C CB  . ALA A 1 1   ? 11.801  22.040  4.657   1.00 18.85 ? 1   ALA A CB  1 
ATOM   6    N N   . VAL A 1 2   ? 11.397  19.275  3.392   1.00 17.21 ? 2   VAL A N   1 
ATOM   7    C CA  . VAL A 1 2   ? 10.735  17.991  3.632   1.00 16.38 ? 2   VAL A CA  1 
ATOM   8    C C   . VAL A 1 2   ? 11.410  17.293  4.822   1.00 15.99 ? 2   VAL A C   1 
ATOM   9    O O   . VAL A 1 2   ? 12.633  17.397  5.005   1.00 16.62 ? 2   VAL A O   1 
ATOM   10   C CB  . VAL A 1 2   ? 10.719  17.060  2.362   1.00 16.89 ? 2   VAL A CB  1 
ATOM   11   C CG1 . VAL A 1 2   ? 12.138  16.755  1.855   1.00 17.31 ? 2   VAL A CG1 1 
ATOM   12   C CG2 . VAL A 1 2   ? 9.932   15.771  2.615   1.00 16.39 ? 2   VAL A CG2 1 
ATOM   13   N N   . SER A 1 3   ? 10.615  16.608  5.633   1.00 14.72 ? 3   SER A N   1 
ATOM   14   C CA  . SER A 1 3   ? 11.164  15.699  6.657   1.00 14.14 ? 3   SER A CA  1 
ATOM   15   C C   . SER A 1 3   ? 10.298  14.448  6.759   1.00 13.57 ? 3   SER A C   1 
ATOM   16   O O   . SER A 1 3   ? 9.113   14.458  6.405   1.00 13.65 ? 3   SER A O   1 
ATOM   17   C CB  . SER A 1 3   ? 11.249  16.381  8.036   1.00 13.82 ? 3   SER A CB  1 
ATOM   18   O OG  . SER A 1 3   ? 9.984   16.883  8.415   1.00 14.61 ? 3   SER A OG  1 
ATOM   19   N N   . PHE A 1 4   ? 10.889  13.379  7.270   1.00 13.37 ? 4   PHE A N   1 
ATOM   20   C CA  . PHE A 1 4   ? 10.162  12.127  7.441   1.00 12.81 ? 4   PHE A CA  1 
ATOM   21   C C   . PHE A 1 4   ? 9.598   12.048  8.844   1.00 13.12 ? 4   PHE A C   1 
ATOM   22   O O   . PHE A 1 4   ? 10.348  12.104  9.826   1.00 13.18 ? 4   PHE A O   1 
ATOM   23   C CB  . PHE A 1 4   ? 11.093  10.954  7.149   1.00 13.00 ? 4   PHE A CB  1 
ATOM   24   C CG  . PHE A 1 4   ? 10.463  9.612   7.364   1.00 12.11 ? 4   PHE A CG  1 
ATOM   25   C CD1 . PHE A 1 4   ? 9.339   9.215   6.626   1.00 11.98 ? 4   PHE A CD1 1 
ATOM   26   C CD2 . PHE A 1 4   ? 10.970  8.754   8.321   1.00 13.76 ? 4   PHE A CD2 1 
ATOM   27   C CE1 . PHE A 1 4   ? 8.766   7.963   6.839   1.00 11.15 ? 4   PHE A CE1 1 
ATOM   28   C CE2 . PHE A 1 4   ? 10.409  7.500   8.546   1.00 14.15 ? 4   PHE A CE2 1 
ATOM   29   C CZ  . PHE A 1 4   ? 9.303   7.106   7.807   1.00 13.73 ? 4   PHE A CZ  1 
ATOM   30   N N   . ILE A 1 5   ? 8.280   11.901  8.939   1.00 12.67 ? 5   ILE A N   1 
ATOM   31   C CA  . ILE A 1 5   ? 7.599   11.854  10.233  1.00 12.62 ? 5   ILE A CA  1 
ATOM   32   C C   . ILE A 1 5   ? 6.825   10.562  10.520  1.00 13.78 ? 5   ILE A C   1 
ATOM   33   O O   . ILE A 1 5   ? 6.295   10.388  11.622  1.00 13.24 ? 5   ILE A O   1 
ATOM   34   C CB  . ILE A 1 5   ? 6.682   13.108  10.464  1.00 12.71 ? 5   ILE A CB  1 
ATOM   35   C CG1 . ILE A 1 5   ? 5.623   13.224  9.354   1.00 10.18 ? 5   ILE A CG1 1 
ATOM   36   C CG2 . ILE A 1 5   ? 7.538   14.378  10.583  1.00 12.10 ? 5   ILE A CG2 1 
ATOM   37   C CD1 . ILE A 1 5   ? 4.549   14.353  9.578   1.00 12.10 ? 5   ILE A CD1 1 
ATOM   38   N N   . GLY A 1 6   ? 6.778   9.658   9.537   1.00 14.67 ? 6   GLY A N   1 
ATOM   39   C CA  . GLY A 1 6   ? 6.027   8.430   9.664   1.00 15.24 ? 6   GLY A CA  1 
ATOM   40   C C   . GLY A 1 6   ? 6.844   7.306   10.262  1.00 15.42 ? 6   GLY A C   1 
ATOM   41   O O   . GLY A 1 6   ? 7.838   7.533   10.979  1.00 15.40 ? 6   GLY A O   1 
ATOM   42   N N   . SER A 1 7   ? 6.394   6.088   9.981   1.00 15.76 ? 7   SER A N   1 
ATOM   43   C CA  . SER A 1 7   ? 7.079   4.875   10.425  1.00 16.70 ? 7   SER A CA  1 
ATOM   44   C C   . SER A 1 7   ? 7.636   4.087   9.231   1.00 16.46 ? 7   SER A C   1 
ATOM   45   O O   . SER A 1 7   ? 6.978   3.974   8.191   1.00 15.32 ? 7   SER A O   1 
ATOM   46   C CB  . SER A 1 7   ? 6.114   4.002   11.240  1.00 16.43 ? 7   SER A CB  1 
ATOM   47   O OG  . SER A 1 7   ? 6.755   2.796   11.601  1.00 21.14 ? 7   SER A OG  1 
ATOM   48   N N   . THR A 1 8   ? 8.833   3.521   9.401   1.00 15.74 ? 8   THR A N   1 
ATOM   49   C CA  . THR A 1 8   ? 9.492   2.742   8.356   1.00 16.42 ? 8   THR A CA  1 
ATOM   50   C C   . THR A 1 8   ? 8.794   1.397   8.100   1.00 15.38 ? 8   THR A C   1 
ATOM   51   O O   . THR A 1 8   ? 8.626   0.970   6.947   1.00 14.61 ? 8   THR A O   1 
ATOM   52   C CB  . THR A 1 8   ? 10.982  2.490   8.697   1.00 16.43 ? 8   THR A CB  1 
ATOM   53   O OG1 . THR A 1 8   ? 11.642  3.746   8.856   1.00 18.49 ? 8   THR A OG1 1 
ATOM   54   C CG2 . THR A 1 8   ? 11.661  1.733   7.572   1.00 18.35 ? 8   THR A CG2 1 
ATOM   55   N N   . GLU A 1 9   ? 8.394   0.743   9.189   1.00 15.23 ? 9   GLU A N   1 
ATOM   56   C CA  . GLU A 1 9   ? 7.744   -0.564  9.116   1.00 15.04 ? 9   GLU A CA  1 
ATOM   57   C C   . GLU A 1 9   ? 6.287   -0.448  9.532   1.00 14.67 ? 9   GLU A C   1 
ATOM   58   O O   . GLU A 1 9   ? 5.988   0.076   10.593  1.00 15.58 ? 9   GLU A O   1 
ATOM   59   C CB  . GLU A 1 9   ? 8.478   -1.582  10.009  1.00 15.28 ? 9   GLU A CB  1 
ATOM   60   C CG  . GLU A 1 9   ? 9.962   -1.799  9.624   1.00 16.59 ? 9   GLU A CG  1 
ATOM   61   C CD  . GLU A 1 9   ? 10.175  -2.358  8.216   1.00 19.51 ? 9   GLU A CD  1 
ATOM   62   O OE1 . GLU A 1 9   ? 9.363   -3.196  7.754   1.00 20.99 ? 9   GLU A OE1 1 
ATOM   63   O OE2 . GLU A 1 9   ? 11.174  -1.966  7.564   1.00 19.48 ? 9   GLU A OE2 1 
ATOM   64   N N   . ASN A 1 10  ? 5.382   -0.954  8.699   1.00 14.11 ? 10  ASN A N   1 
ATOM   65   C CA  . ASN A 1 10  ? 3.954   -0.699  8.872   1.00 14.06 ? 10  ASN A CA  1 
ATOM   66   C C   . ASN A 1 10  ? 3.122   -1.948  8.638   1.00 14.39 ? 10  ASN A C   1 
ATOM   67   O O   . ASN A 1 10  ? 3.280   -2.604  7.602   1.00 14.73 ? 10  ASN A O   1 
ATOM   68   C CB  . ASN A 1 10  ? 3.500   0.395   7.874   1.00 14.18 ? 10  ASN A CB  1 
ATOM   69   C CG  . ASN A 1 10  ? 4.253   1.701   8.064   1.00 13.55 ? 10  ASN A CG  1 
ATOM   70   O OD1 . ASN A 1 10  ? 3.963   2.452   8.990   1.00 14.56 ? 10  ASN A OD1 1 
ATOM   71   N ND2 . ASN A 1 10  ? 5.227   1.971   7.183   1.00 13.08 ? 10  ASN A ND2 1 
ATOM   72   N N   . ASP A 1 11  ? 2.216   -2.265  9.571   1.00 14.66 ? 11  ASP A N   1 
ATOM   73   C CA  . ASP A 1 11  ? 1.341   -3.440  9.387   1.00 14.35 ? 11  ASP A CA  1 
ATOM   74   C C   . ASP A 1 11  ? 0.014   -3.097  8.722   1.00 14.25 ? 11  ASP A C   1 
ATOM   75   O O   . ASP A 1 11  ? -0.626  -2.088  9.044   1.00 14.14 ? 11  ASP A O   1 
ATOM   76   C CB  . ASP A 1 11  ? 1.048   -4.140  10.712  1.00 14.68 ? 11  ASP A CB  1 
ATOM   77   C CG  . ASP A 1 11  ? 2.298   -4.617  11.421  1.00 17.00 ? 11  ASP A CG  1 
ATOM   78   O OD1 . ASP A 1 11  ? 3.290   -4.996  10.753  1.00 19.97 ? 11  ASP A OD1 1 
ATOM   79   O OD2 . ASP A 1 11  ? 2.262   -4.637  12.671  1.00 20.87 ? 11  ASP A OD2 1 
ATOM   80   N N   . VAL A 1 12  ? -0.405  -3.986  7.830   1.00 13.55 ? 12  VAL A N   1 
ATOM   81   C CA  . VAL A 1 12  ? -1.643  -3.840  7.078   1.00 12.97 ? 12  VAL A CA  1 
ATOM   82   C C   . VAL A 1 12  ? -2.686  -4.825  7.603   1.00 13.31 ? 12  VAL A C   1 
ATOM   83   O O   . VAL A 1 12  ? -2.508  -6.049  7.527   1.00 12.93 ? 12  VAL A O   1 
ATOM   84   C CB  . VAL A 1 12  ? -1.390  -4.038  5.563   1.00 13.03 ? 12  VAL A CB  1 
ATOM   85   C CG1 . VAL A 1 12  ? -2.695  -3.941  4.754   1.00 12.00 ? 12  VAL A CG1 1 
ATOM   86   C CG2 . VAL A 1 12  ? -0.362  -3.018  5.064   1.00 11.71 ? 12  VAL A CG2 1 
ATOM   87   N N   . GLY A 1 13  ? -3.768  -4.259  8.131   1.00 13.62 ? 13  GLY A N   1 
ATOM   88   C CA  . GLY A 1 13  ? -4.889  -5.024  8.669   1.00 14.23 ? 13  GLY A CA  1 
ATOM   89   C C   . GLY A 1 13  ? -4.711  -5.353  10.139  1.00 14.58 ? 13  GLY A C   1 
ATOM   90   O O   . GLY A 1 13  ? -3.576  -5.342  10.653  1.00 14.85 ? 13  GLY A O   1 
ATOM   91   N N   . PRO A 1 14  ? -5.813  -5.664  10.829  1.00 14.39 ? 14  PRO A N   1 
ATOM   92   C CA  . PRO A 1 14  ? -5.731  -6.101  12.221  1.00 15.10 ? 14  PRO A CA  1 
ATOM   93   C C   . PRO A 1 14  ? -5.037  -7.456  12.357  1.00 15.43 ? 14  PRO A C   1 
ATOM   94   O O   . PRO A 1 14  ? -5.246  -8.349  11.532  1.00 15.23 ? 14  PRO A O   1 
ATOM   95   C CB  . PRO A 1 14  ? -7.207  -6.180  12.650  1.00 14.35 ? 14  PRO A CB  1 
ATOM   96   C CG  . PRO A 1 14  ? -7.949  -6.411  11.382  1.00 14.64 ? 14  PRO A CG  1 
ATOM   97   C CD  . PRO A 1 14  ? -7.209  -5.605  10.361  1.00 14.72 ? 14  PRO A CD  1 
ATOM   98   N N   . SER A 1 15  ? -4.197  -7.614  13.392  1.00 16.12 ? 15  SER A N   1 
ATOM   99   C CA  . SER A 1 15  ? -3.540  -8.894  13.601  1.00 17.25 ? 15  SER A CA  1 
ATOM   100  C C   . SER A 1 15  ? -4.519  -10.023 13.924  1.00 16.88 ? 15  SER A C   1 
ATOM   101  O O   . SER A 1 15  ? -5.390  -9.882  14.787  1.00 16.61 ? 15  SER A O   1 
ATOM   102  C CB  . SER A 1 15  ? -2.440  -8.832  14.667  1.00 18.10 ? 15  SER A CB  1 
ATOM   103  O OG  . SER A 1 15  ? -1.585  -9.980  14.512  1.00 21.87 ? 15  SER A OG  1 
ATOM   104  N N   . LEU A 1 16  ? -4.325  -11.131 13.214  1.00 16.69 ? 16  LEU A N   1 
ATOM   105  C CA  . LEU A 1 16  ? -5.135  -12.331 13.296  1.00 17.47 ? 16  LEU A CA  1 
ATOM   106  C C   . LEU A 1 16  ? -6.613  -11.993 13.105  1.00 16.39 ? 16  LEU A C   1 
ATOM   107  O O   . LEU A 1 16  ? -7.466  -12.513 13.786  1.00 17.09 ? 16  LEU A O   1 
ATOM   108  C CB  . LEU A 1 16  ? -4.831  -13.130 14.580  1.00 18.14 ? 16  LEU A CB  1 
ATOM   109  C CG  . LEU A 1 16  ? -3.459  -13.786 14.360  1.00 21.66 ? 16  LEU A CG  1 
ATOM   110  C CD1 . LEU A 1 16  ? -2.602  -13.661 15.582  1.00 26.17 ? 16  LEU A CD1 1 
ATOM   111  C CD2 . LEU A 1 16  ? -3.536  -15.230 13.881  1.00 24.17 ? 16  LEU A CD2 1 
ATOM   112  N N   . GLY A 1 17  ? -6.883  -11.106 12.150  1.00 15.51 ? 17  GLY A N   1 
ATOM   113  C CA  . GLY A 1 17  ? -8.263  -10.805 11.764  1.00 14.78 ? 17  GLY A CA  1 
ATOM   114  C C   . GLY A 1 17  ? -8.879  -11.985 11.042  1.00 14.57 ? 17  GLY A C   1 
ATOM   115  O O   . GLY A 1 17  ? -8.186  -12.722 10.340  1.00 14.21 ? 17  GLY A O   1 
ATOM   116  N N   . SER A 1 18  ? -10.197 -12.124 11.183  1.00 14.39 ? 18  SER A N   1 
ATOM   117  C CA  . SER A 1 18  ? -10.967 -13.193 10.547  1.00 14.72 ? 18  SER A CA  1 
ATOM   118  C C   . SER A 1 18  ? -11.985 -12.583 9.597   1.00 14.19 ? 18  SER A C   1 
ATOM   119  O O   . SER A 1 18  ? -12.625 -11.572 9.920   1.00 14.26 ? 18  SER A O   1 
ATOM   120  C CB  . SER A 1 18  ? -11.674 -14.050 11.600  1.00 14.81 ? 18  SER A CB  1 
ATOM   121  O OG  . SER A 1 18  ? -10.727 -14.843 12.296  1.00 19.07 ? 18  SER A OG  1 
ATOM   122  N N   . TYR A 1 19  ? -12.124 -13.198 8.424   1.00 14.36 ? 19  TYR A N   1 
ATOM   123  C CA  . TYR A 1 19  ? -13.033 -12.681 7.375   1.00 14.65 ? 19  TYR A CA  1 
ATOM   124  C C   . TYR A 1 19  ? -13.853 -13.808 6.775   1.00 15.82 ? 19  TYR A C   1 
ATOM   125  O O   . TYR A 1 19  ? -13.337 -14.913 6.559   1.00 15.75 ? 19  TYR A O   1 
ATOM   126  C CB  . TYR A 1 19  ? -12.261 -11.931 6.278   1.00 14.19 ? 19  TYR A CB  1 
ATOM   127  C CG  . TYR A 1 19  ? -11.355 -10.876 6.853   1.00 13.17 ? 19  TYR A CG  1 
ATOM   128  C CD1 . TYR A 1 19  ? -11.796 -9.565  7.045   1.00 11.87 ? 19  TYR A CD1 1 
ATOM   129  C CD2 . TYR A 1 19  ? -10.050 -11.207 7.241   1.00 13.43 ? 19  TYR A CD2 1 
ATOM   130  C CE1 . TYR A 1 19  ? -10.937 -8.591  7.616   1.00 11.62 ? 19  TYR A CE1 1 
ATOM   131  C CE2 . TYR A 1 19  ? -9.201  -10.258 7.811   1.00 13.52 ? 19  TYR A CE2 1 
ATOM   132  C CZ  . TYR A 1 19  ? -9.658  -8.958  7.995   1.00 13.05 ? 19  TYR A CZ  1 
ATOM   133  O OH  . TYR A 1 19  ? -8.817  -8.027  8.558   1.00 12.19 ? 19  TYR A OH  1 
ATOM   134  N N   . SER A 1 20  ? -15.133 -13.511 6.547   1.00 16.63 ? 20  SER A N   1 
ATOM   135  C CA  . SER A 1 20  ? -16.083 -14.437 5.950   1.00 18.05 ? 20  SER A CA  1 
ATOM   136  C C   . SER A 1 20  ? -16.559 -13.920 4.590   1.00 19.52 ? 20  SER A C   1 
ATOM   137  O O   . SER A 1 20  ? -16.337 -12.749 4.244   1.00 19.25 ? 20  SER A O   1 
ATOM   138  C CB  . SER A 1 20  ? -17.278 -14.631 6.890   1.00 18.30 ? 20  SER A CB  1 
ATOM   139  O OG  . SER A 1 20  ? -16.896 -15.342 8.052   1.00 18.02 ? 20  SER A OG  1 
ATOM   140  N N   . ARG A 1 21  ? -17.211 -14.799 3.824   1.00 21.05 ? 21  ARG A N   1 
ATOM   141  C CA  . ARG A 1 21  ? -17.663 -14.465 2.458   1.00 22.67 ? 21  ARG A CA  1 
ATOM   142  C C   . ARG A 1 21  ? -18.654 -13.292 2.415   1.00 23.85 ? 21  ARG A C   1 
ATOM   143  O O   . ARG A 1 21  ? -18.471 -12.341 1.619   1.00 26.03 ? 21  ARG A O   1 
ATOM   144  C CB  . ARG A 1 21  ? -18.255 -15.694 1.759   1.00 22.69 ? 21  ARG A CB  1 
ATOM   145  N N   . PRO A 1 29  ? -11.510 -17.245 -9.333  1.00 28.17 ? 29  PRO A N   1 
ATOM   146  C CA  . PRO A 1 29  ? -11.051 -16.730 -8.035  1.00 27.78 ? 29  PRO A CA  1 
ATOM   147  C C   . PRO A 1 29  ? -12.172 -16.006 -7.267  1.00 26.70 ? 29  PRO A C   1 
ATOM   148  O O   . PRO A 1 29  ? -12.916 -15.232 -7.867  1.00 27.18 ? 29  PRO A O   1 
ATOM   149  C CB  . PRO A 1 29  ? -9.940  -15.746 -8.426  1.00 27.60 ? 29  PRO A CB  1 
ATOM   150  C CG  . PRO A 1 29  ? -10.242 -15.353 -9.833  1.00 28.18 ? 29  PRO A CG  1 
ATOM   151  C CD  . PRO A 1 29  ? -10.827 -16.590 -10.463 1.00 29.00 ? 29  PRO A CD  1 
ATOM   152  N N   . PHE A 1 30  ? -12.289 -16.256 -5.966  1.00 25.60 ? 30  PHE A N   1 
ATOM   153  C CA  . PHE A 1 30  ? -13.324 -15.600 -5.159  1.00 24.76 ? 30  PHE A CA  1 
ATOM   154  C C   . PHE A 1 30  ? -12.726 -14.457 -4.351  1.00 23.55 ? 30  PHE A C   1 
ATOM   155  O O   . PHE A 1 30  ? -11.790 -14.659 -3.591  1.00 23.12 ? 30  PHE A O   1 
ATOM   156  C CB  . PHE A 1 30  ? -14.060 -16.572 -4.228  1.00 25.35 ? 30  PHE A CB  1 
ATOM   157  C CG  . PHE A 1 30  ? -15.126 -15.897 -3.382  1.00 27.29 ? 30  PHE A CG  1 
ATOM   158  C CD1 . PHE A 1 30  ? -16.409 -15.680 -3.891  1.00 27.57 ? 30  PHE A CD1 1 
ATOM   159  C CD2 . PHE A 1 30  ? -14.830 -15.435 -2.092  1.00 29.15 ? 30  PHE A CD2 1 
ATOM   160  C CE1 . PHE A 1 30  ? -17.394 -15.042 -3.125  1.00 29.60 ? 30  PHE A CE1 1 
ATOM   161  C CE2 . PHE A 1 30  ? -15.809 -14.778 -1.311  1.00 29.77 ? 30  PHE A CE2 1 
ATOM   162  C CZ  . PHE A 1 30  ? -17.093 -14.581 -1.833  1.00 29.35 ? 30  PHE A CZ  1 
ATOM   163  N N   . VAL A 1 31  ? -13.292 -13.270 -4.484  1.00 22.87 ? 31  VAL A N   1 
ATOM   164  C CA  . VAL A 1 31  ? -12.770 -12.096 -3.826  1.00 21.31 ? 31  VAL A CA  1 
ATOM   165  C C   . VAL A 1 31  ? -13.629 -11.704 -2.660  1.00 21.93 ? 31  VAL A C   1 
ATOM   166  O O   . VAL A 1 31  ? -14.803 -11.471 -2.798  1.00 21.13 ? 31  VAL A O   1 
ATOM   167  C CB  . VAL A 1 31  ? -12.738 -10.905 -4.762  1.00 21.28 ? 31  VAL A CB  1 
ATOM   168  C CG1 . VAL A 1 31  ? -12.235 -9.684  -4.086  1.00 20.52 ? 31  VAL A CG1 1 
ATOM   169  C CG2 . VAL A 1 31  ? -11.994 -11.235 -5.992  1.00 21.29 ? 31  VAL A CG2 1 
ATOM   170  N N   . TYR A 1 32  ? -12.959 -11.610 -1.523  1.00 21.66 ? 32  TYR A N   1 
ATOM   171  C CA  . TYR A 1 32  ? -13.552 -11.252 -0.281  1.00 22.37 ? 32  TYR A CA  1 
ATOM   172  C C   . TYR A 1 32  ? -13.801 -9.749  -0.210  1.00 23.27 ? 32  TYR A C   1 
ATOM   173  O O   . TYR A 1 32  ? -12.959 -8.993  -0.523  1.00 24.36 ? 32  TYR A O   1 
ATOM   174  C CB  . TYR A 1 32  ? -12.686 -11.724 0.882   1.00 21.69 ? 32  TYR A CB  1 
ATOM   175  C CG  . TYR A 1 32  ? -12.915 -13.155 1.296   1.00 20.59 ? 32  TYR A CG  1 
ATOM   176  C CD1 . TYR A 1 32  ? -12.692 -14.196 0.435   1.00 21.67 ? 32  TYR A CD1 1 
ATOM   177  C CD2 . TYR A 1 32  ? -13.387 -13.465 2.542   1.00 20.45 ? 32  TYR A CD2 1 
ATOM   178  C CE1 . TYR A 1 32  ? -12.967 -15.482 0.801   1.00 22.01 ? 32  TYR A CE1 1 
ATOM   179  C CE2 . TYR A 1 32  ? -13.623 -14.721 2.921   1.00 20.55 ? 32  TYR A CE2 1 
ATOM   180  C CZ  . TYR A 1 32  ? -13.413 -15.754 2.067   1.00 20.95 ? 32  TYR A CZ  1 
ATOM   181  O OH  . TYR A 1 32  ? -13.640 -17.036 2.487   1.00 20.80 ? 32  TYR A OH  1 
ATOM   182  N N   . ASP A 1 33  ? -14.986 -9.380  0.243   1.00 20.00 ? 33  ASP A N   1 
ATOM   183  C CA  . ASP A 1 33  ? -15.391 -8.013  0.333   1.00 20.00 ? 33  ASP A CA  1 
ATOM   184  C C   . ASP A 1 33  ? -14.927 -7.346  1.669   1.00 20.00 ? 33  ASP A C   1 
ATOM   185  O O   . ASP A 1 33  ? -15.675 -7.198  2.605   1.00 24.43 ? 33  ASP A O   1 
ATOM   186  C CB  . ASP A 1 33  ? -16.897 -7.909  -0.058  1.00 20.00 ? 33  ASP A CB  1 
ATOM   187  N N   . THR A 1 34  ? -13.637 -7.025  1.763   1.00 21.72 ? 34  THR A N   1 
ATOM   188  C CA  . THR A 1 34  ? -13.088 -6.626  3.031   1.00 19.92 ? 34  THR A CA  1 
ATOM   189  C C   . THR A 1 34  ? -13.016 -5.113  3.215   1.00 19.84 ? 34  THR A C   1 
ATOM   190  O O   . THR A 1 34  ? -12.663 -4.643  4.262   1.00 18.93 ? 34  THR A O   1 
ATOM   191  C CB  . THR A 1 34  ? -11.732 -7.288  3.344   1.00 19.86 ? 34  THR A CB  1 
ATOM   192  O OG1 . THR A 1 34  ? -10.793 -7.000  2.348   1.00 19.90 ? 34  THR A OG1 1 
ATOM   193  C CG2 . THR A 1 34  ? -11.889 -8.746  3.482   1.00 18.93 ? 34  THR A CG2 1 
ATOM   194  N N   . ARG A 1 35  ? -13.415 -4.406  2.173   1.00 19.30 ? 35  ARG A N   1 
ATOM   195  C CA  . ARG A 1 35  ? -13.392 -2.966  2.202   1.00 19.93 ? 35  ARG A CA  1 
ATOM   196  C C   . ARG A 1 35  ? -11.999 -2.422  2.584   1.00 19.33 ? 35  ARG A C   1 
ATOM   197  O O   . ARG A 1 35  ? -11.054 -2.673  1.922   1.00 18.65 ? 35  ARG A O   1 
ATOM   198  C CB  . ARG A 1 35  ? -14.482 -2.398  3.109   1.00 20.00 ? 35  ARG A CB  1 
ATOM   199  C CG  . ARG A 1 35  ? -15.906 -2.873  2.800   1.00 21.38 ? 35  ARG A CG  1 
ATOM   200  C CD  . ARG A 1 35  ? -16.608 -2.122  1.736   1.00 22.98 ? 35  ARG A CD  1 
ATOM   201  N N   . ASN A 1 36  ? -11.965 -1.615  3.611   1.00 18.92 ? 36  ASN A N   1 
ATOM   202  C CA  . ASN A 1 36  ? -10.715 -0.989  4.022   1.00 19.27 ? 36  ASN A CA  1 
ATOM   203  C C   . ASN A 1 36  ? -10.167 -1.631  5.287   1.00 18.57 ? 36  ASN A C   1 
ATOM   204  O O   . ASN A 1 36  ? -9.191  -1.126  5.872   1.00 18.06 ? 36  ASN A O   1 
ATOM   205  C CB  . ASN A 1 36  ? -10.895 0.521   4.242   1.00 20.37 ? 36  ASN A CB  1 
ATOM   206  C CG  . ASN A 1 36  ? -11.352 1.256   2.993   1.00 20.94 ? 36  ASN A CG  1 
ATOM   207  O OD1 . ASN A 1 36  ? -11.023 0.897   1.868   1.00 24.48 ? 36  ASN A OD1 1 
ATOM   208  N ND2 . ASN A 1 36  ? -12.104 2.324   3.201   1.00 27.03 ? 36  ASN A ND2 1 
ATOM   209  N N   . LYS A 1 37  ? -10.784 -2.751  5.696   1.00 17.17 ? 37  LYS A N   1 
ATOM   210  C CA  . LYS A 1 37  ? -10.386 -3.456  6.917   1.00 17.57 ? 37  LYS A CA  1 
ATOM   211  C C   . LYS A 1 37  ? -8.953  -3.955  6.864   1.00 15.85 ? 37  LYS A C   1 
ATOM   212  O O   . LYS A 1 37  ? -8.223  -3.876  7.859   1.00 15.06 ? 37  LYS A O   1 
ATOM   213  C CB  . LYS A 1 37  ? -11.334 -4.628  7.230   1.00 17.97 ? 37  LYS A CB  1 
ATOM   214  C CG  . LYS A 1 37  ? -12.526 -4.261  8.091   1.00 21.69 ? 37  LYS A CG  1 
ATOM   215  N N   . ILE A 1 38  ? -8.538  -4.481  5.711   1.00 14.30 ? 38  ILE A N   1 
ATOM   216  C CA  . ILE A 1 38  ? -7.160  -4.949  5.606   1.00 13.70 ? 38  ILE A CA  1 
ATOM   217  C C   . ILE A 1 38  ? -6.372  -3.826  4.954   1.00 13.89 ? 38  ILE A C   1 
ATOM   218  O O   . ILE A 1 38  ? -6.034  -3.872  3.769   1.00 13.43 ? 38  ILE A O   1 
ATOM   219  C CB  . ILE A 1 38  ? -7.004  -6.310  4.880   1.00 14.00 ? 38  ILE A CB  1 
ATOM   220  C CG1 . ILE A 1 38  ? -8.069  -7.309  5.361   1.00 13.29 ? 38  ILE A CG1 1 
ATOM   221  C CG2 . ILE A 1 38  ? -5.594  -6.875  5.117   1.00 14.83 ? 38  ILE A CG2 1 
ATOM   222  C CD1 . ILE A 1 38  ? -7.980  -8.665  4.683   1.00 12.80 ? 38  ILE A CD1 1 
ATOM   223  N N   . GLY A 1 39  ? -6.133  -2.789  5.750   1.00 13.40 ? 39  GLY A N   1 
ATOM   224  C CA  . GLY A 1 39  ? -5.523  -1.573  5.237   1.00 13.11 ? 39  GLY A CA  1 
ATOM   225  C C   . GLY A 1 39  ? -4.477  -1.016  6.169   1.00 13.09 ? 39  GLY A C   1 
ATOM   226  O O   . GLY A 1 39  ? -4.346  -1.476  7.305   1.00 13.35 ? 39  GLY A O   1 
ATOM   227  N N   . TYR A 1 40  ? -3.712  -0.062  5.654   1.00 12.56 ? 40  TYR A N   1 
ATOM   228  C CA  . TYR A 1 40  ? -2.925  0.864   6.473   1.00 11.90 ? 40  TYR A CA  1 
ATOM   229  C C   . TYR A 1 40  ? -3.115  2.288   5.883   1.00 12.88 ? 40  TYR A C   1 
ATOM   230  O O   . TYR A 1 40  ? -3.032  2.478   4.676   1.00 12.44 ? 40  TYR A O   1 
ATOM   231  C CB  . TYR A 1 40  ? -1.438  0.471   6.507   1.00 12.08 ? 40  TYR A CB  1 
ATOM   232  C CG  . TYR A 1 40  ? -0.605  1.508   7.237   1.00 11.60 ? 40  TYR A CG  1 
ATOM   233  C CD1 . TYR A 1 40  ? -0.347  1.393   8.618   1.00 12.19 ? 40  TYR A CD1 1 
ATOM   234  C CD2 . TYR A 1 40  ? -0.131  2.633   6.565   1.00 11.55 ? 40  TYR A CD2 1 
ATOM   235  C CE1 . TYR A 1 40  ? 0.375   2.384   9.308   1.00 12.64 ? 40  TYR A CE1 1 
ATOM   236  C CE2 . TYR A 1 40  ? 0.617   3.627   7.245   1.00 12.49 ? 40  TYR A CE2 1 
ATOM   237  C CZ  . TYR A 1 40  ? 0.856   3.494   8.609   1.00 12.46 ? 40  TYR A CZ  1 
ATOM   238  O OH  . TYR A 1 40  ? 1.586   4.487   9.243   1.00 12.38 ? 40  TYR A OH  1 
ATOM   239  N N   . GLN A 1 41  ? -3.347  3.278   6.745   1.00 12.02 ? 41  GLN A N   1 
ATOM   240  C CA  . GLN A 1 41  ? -3.546  4.635   6.299   1.00 13.00 ? 41  GLN A CA  1 
ATOM   241  C C   . GLN A 1 41  ? -2.846  5.569   7.269   1.00 12.48 ? 41  GLN A C   1 
ATOM   242  O O   . GLN A 1 41  ? -2.976  5.375   8.482   1.00 12.72 ? 41  GLN A O   1 
ATOM   243  C CB  . GLN A 1 41  ? -5.047  4.930   6.295   1.00 13.17 ? 41  GLN A CB  1 
ATOM   244  C CG  . GLN A 1 41  ? -5.401  6.265   5.750   1.00 16.86 ? 41  GLN A CG  1 
ATOM   245  C CD  . GLN A 1 41  ? -6.900  6.504   5.818   1.00 18.37 ? 41  GLN A CD  1 
ATOM   246  O OE1 . GLN A 1 41  ? -7.510  6.457   6.897   1.00 19.02 ? 41  GLN A OE1 1 
ATOM   247  N NE2 . GLN A 1 41  ? -7.495  6.767   4.671   1.00 16.35 ? 41  GLN A NE2 1 
ATOM   248  N N   . ASN A 1 42  ? -2.126  6.563   6.738   1.00 11.97 ? 42  ASN A N   1 
ATOM   249  C CA  . ASN A 1 42  ? -1.469  7.601   7.556   1.00 11.57 ? 42  ASN A CA  1 
ATOM   250  C C   . ASN A 1 42  ? -1.438  8.899   6.759   1.00 11.10 ? 42  ASN A C   1 
ATOM   251  O O   . ASN A 1 42  ? -0.811  8.944   5.692   1.00 9.92  ? 42  ASN A O   1 
ATOM   252  C CB  . ASN A 1 42  ? -0.039  7.165   7.918   1.00 11.48 ? 42  ASN A CB  1 
ATOM   253  C CG  . ASN A 1 42  ? 0.619   8.077   8.964   1.00 13.21 ? 42  ASN A CG  1 
ATOM   254  O OD1 . ASN A 1 42  ? 0.188   9.203   9.166   1.00 11.33 ? 42  ASN A OD1 1 
ATOM   255  N ND2 . ASN A 1 42  ? 1.682   7.571   9.633   1.00 12.68 ? 42  ASN A ND2 1 
ATOM   256  N N   . ALA A 1 43  ? -2.149  9.926   7.249   1.00 10.55 ? 43  ALA A N   1 
ATOM   257  C CA  . ALA A 1 43  ? -2.210  11.235  6.583   1.00 10.90 ? 43  ALA A CA  1 
ATOM   258  C C   . ALA A 1 43  ? -0.870  11.973  6.652   1.00 11.02 ? 43  ALA A C   1 
ATOM   259  O O   . ALA A 1 43  ? -0.634  12.893  5.866   1.00 11.37 ? 43  ALA A O   1 
ATOM   260  C CB  . ALA A 1 43  ? -3.333  12.140  7.193   1.00 9.25  ? 43  ALA A CB  1 
ATOM   261  N N   . ASN A 1 44  ? -0.014  11.564  7.591   1.00 11.08 ? 44  ASN A N   1 
ATOM   262  C CA  . ASN A 1 44  ? 1.168   12.365  7.975   1.00 11.14 ? 44  ASN A CA  1 
ATOM   263  C C   . ASN A 1 44  ? 2.481   11.570  7.963   1.00 11.46 ? 44  ASN A C   1 
ATOM   264  O O   . ASN A 1 44  ? 3.061   11.269  9.026   1.00 12.16 ? 44  ASN A O   1 
ATOM   265  C CB  . ASN A 1 44  ? 0.914   12.958  9.368   1.00 11.69 ? 44  ASN A CB  1 
ATOM   266  C CG  . ASN A 1 44  ? -0.434  13.669  9.461   1.00 12.20 ? 44  ASN A CG  1 
ATOM   267  O OD1 . ASN A 1 44  ? -1.328  13.287  10.241  1.00 17.17 ? 44  ASN A OD1 1 
ATOM   268  N ND2 . ASN A 1 44  ? -0.578  14.699  8.681   1.00 9.88  ? 44  ASN A ND2 1 
ATOM   269  N N   . VAL A 1 45  ? 2.962   11.253  6.767   1.00 11.06 ? 45  VAL A N   1 
ATOM   270  C CA  . VAL A 1 45  ? 4.154   10.424  6.624   1.00 10.87 ? 45  VAL A CA  1 
ATOM   271  C C   . VAL A 1 45  ? 5.408   11.281  6.362   1.00 11.58 ? 45  VAL A C   1 
ATOM   272  O O   . VAL A 1 45  ? 6.471   11.022  6.936   1.00 12.25 ? 45  VAL A O   1 
ATOM   273  C CB  . VAL A 1 45  ? 3.959   9.313   5.548   1.00 11.09 ? 45  VAL A CB  1 
ATOM   274  C CG1 . VAL A 1 45  ? 5.252   8.486   5.371   1.00 9.17  ? 45  VAL A CG1 1 
ATOM   275  C CG2 . VAL A 1 45  ? 2.786   8.388   5.943   1.00 9.86  ? 45  VAL A CG2 1 
ATOM   276  N N   . TRP A 1 46  ? 5.266   12.302  5.518   1.00 11.78 ? 46  TRP A N   1 
ATOM   277  C CA  . TRP A 1 46  ? 6.281   13.335  5.350   1.00 11.85 ? 46  TRP A CA  1 
ATOM   278  C C   . TRP A 1 46  ? 5.684   14.697  5.668   1.00 12.75 ? 46  TRP A C   1 
ATOM   279  O O   . TRP A 1 46  ? 4.514   14.978  5.341   1.00 12.69 ? 46  TRP A O   1 
ATOM   280  C CB  . TRP A 1 46  ? 6.826   13.352  3.914   1.00 12.68 ? 46  TRP A CB  1 
ATOM   281  C CG  . TRP A 1 46  ? 7.558   12.104  3.553   1.00 12.39 ? 46  TRP A CG  1 
ATOM   282  C CD1 . TRP A 1 46  ? 8.896   11.843  3.732   1.00 12.91 ? 46  TRP A CD1 1 
ATOM   283  C CD2 . TRP A 1 46  ? 6.989   10.928  2.962   1.00 12.59 ? 46  TRP A CD2 1 
ATOM   284  N NE1 . TRP A 1 46  ? 9.186   10.570  3.287   1.00 14.23 ? 46  TRP A NE1 1 
ATOM   285  C CE2 . TRP A 1 46  ? 8.037   9.985   2.816   1.00 12.68 ? 46  TRP A CE2 1 
ATOM   286  C CE3 . TRP A 1 46  ? 5.685   10.571  2.559   1.00 13.20 ? 46  TRP A CE3 1 
ATOM   287  C CZ2 . TRP A 1 46  ? 7.832   8.718   2.264   1.00 13.13 ? 46  TRP A CZ2 1 
ATOM   288  C CZ3 . TRP A 1 46  ? 5.476   9.302   2.017   1.00 11.32 ? 46  TRP A CZ3 1 
ATOM   289  C CH2 . TRP A 1 46  ? 6.554   8.393   1.863   1.00 12.04 ? 46  TRP A CH2 1 
ATOM   290  N N   . HIS A 1 47  ? 6.475   15.529  6.328   1.00 12.97 ? 47  HIS A N   1 
ATOM   291  C CA  . HIS A 1 47  ? 6.117   16.912  6.520   1.00 14.71 ? 47  HIS A CA  1 
ATOM   292  C C   . HIS A 1 47  ? 6.754   17.724  5.387   1.00 14.13 ? 47  HIS A C   1 
ATOM   293  O O   . HIS A 1 47  ? 7.924   17.512  5.052   1.00 15.00 ? 47  HIS A O   1 
ATOM   294  C CB  . HIS A 1 47  ? 6.597   17.390  7.887   1.00 15.61 ? 47  HIS A CB  1 
ATOM   295  C CG  . HIS A 1 47  ? 6.201   18.798  8.190   1.00 19.07 ? 47  HIS A CG  1 
ATOM   296  N ND1 . HIS A 1 47  ? 7.037   19.867  7.954   1.00 23.66 ? 47  HIS A ND1 1 
ATOM   297  C CD2 . HIS A 1 47  ? 5.053   19.314  8.686   1.00 22.49 ? 47  HIS A CD2 1 
ATOM   298  C CE1 . HIS A 1 47  ? 6.426   20.983  8.311   1.00 24.18 ? 47  HIS A CE1 1 
ATOM   299  N NE2 . HIS A 1 47  ? 5.221   20.676  8.753   1.00 24.40 ? 47  HIS A NE2 1 
ATOM   300  N N   . ILE A 1 48  ? 5.964   18.591  4.753   1.00 14.19 ? 48  ILE A N   1 
ATOM   301  C CA  . ILE A 1 48  ? 6.438   19.349  3.583   1.00 13.95 ? 48  ILE A CA  1 
ATOM   302  C C   . ILE A 1 48  ? 6.061   20.823  3.692   1.00 14.18 ? 48  ILE A C   1 
ATOM   303  O O   . ILE A 1 48  ? 5.051   21.173  4.313   1.00 14.29 ? 48  ILE A O   1 
ATOM   304  C CB  . ILE A 1 48  ? 5.941   18.767  2.207   1.00 14.50 ? 48  ILE A CB  1 
ATOM   305  C CG1 . ILE A 1 48  ? 4.407   18.767  2.095   1.00 14.42 ? 48  ILE A CG1 1 
ATOM   306  C CG2 . ILE A 1 48  ? 6.553   17.377  1.943   1.00 12.12 ? 48  ILE A CG2 1 
ATOM   307  C CD1 . ILE A 1 48  ? 3.885   18.350  0.678   1.00 14.39 ? 48  ILE A CD1 1 
ATOM   308  N N   A SER A 1 49  ? 6.864   21.682  3.075   0.50 13.90 ? 49  SER A N   1 
ATOM   309  N N   B SER A 1 49  ? 6.870   21.677  3.074   0.50 14.64 ? 49  SER A N   1 
ATOM   310  C CA  A SER A 1 49  ? 6.646   23.115  3.185   0.50 13.57 ? 49  SER A CA  1 
ATOM   311  C CA  B SER A 1 49  ? 6.668   23.116  3.164   0.50 15.17 ? 49  SER A CA  1 
ATOM   312  C C   A SER A 1 49  ? 7.254   23.897  2.029   0.50 14.34 ? 49  SER A C   1 
ATOM   313  C C   B SER A 1 49  ? 7.227   23.883  1.983   0.50 15.16 ? 49  SER A C   1 
ATOM   314  O O   A SER A 1 49  ? 8.150   23.405  1.315   0.50 14.20 ? 49  SER A O   1 
ATOM   315  O O   B SER A 1 49  ? 8.068   23.376  1.220   0.50 14.99 ? 49  SER A O   1 
ATOM   316  C CB  A SER A 1 49  ? 7.234   23.633  4.506   0.50 13.57 ? 49  SER A CB  1 
ATOM   317  C CB  B SER A 1 49  ? 7.329   23.662  4.430   0.50 15.50 ? 49  SER A CB  1 
ATOM   318  O OG  A SER A 1 49  ? 8.650   23.497  4.513   0.50 9.18  ? 49  SER A OG  1 
ATOM   319  O OG  B SER A 1 49  ? 6.633   23.252  5.579   0.50 17.02 ? 49  SER A OG  1 
ATOM   320  N N   . LYS A 1 50  ? 6.751   25.121  1.865   1.00 14.88 ? 50  LYS A N   1 
ATOM   321  C CA  . LYS A 1 50  ? 7.373   26.133  1.021   1.00 15.43 ? 50  LYS A CA  1 
ATOM   322  C C   . LYS A 1 50  ? 7.611   25.652  -0.397  1.00 15.23 ? 50  LYS A C   1 
ATOM   323  O O   . LYS A 1 50  ? 8.735   25.624  -0.885  1.00 14.90 ? 50  LYS A O   1 
ATOM   324  C CB  . LYS A 1 50  ? 8.638   26.660  1.711   1.00 15.65 ? 50  LYS A CB  1 
ATOM   325  C CG  . LYS A 1 50  ? 8.254   27.378  2.994   1.00 18.74 ? 50  LYS A CG  1 
ATOM   326  C CD  . LYS A 1 50  ? 9.434   27.862  3.796   1.00 22.46 ? 50  LYS A CD  1 
ATOM   327  C CE  . LYS A 1 50  ? 8.904   28.723  4.962   1.00 24.21 ? 50  LYS A CE  1 
ATOM   328  N N   . GLY A 1 51  ? 6.516   25.232  -1.027  1.00 14.19 ? 51  GLY A N   1 
ATOM   329  C CA  . GLY A 1 51  ? 6.514   24.951  -2.454  1.00 14.11 ? 51  GLY A CA  1 
ATOM   330  C C   . GLY A 1 51  ? 6.996   23.566  -2.848  1.00 13.15 ? 51  GLY A C   1 
ATOM   331  O O   . GLY A 1 51  ? 7.109   23.277  -4.043  1.00 14.38 ? 51  GLY A O   1 
ATOM   332  N N   . PHE A 1 52  ? 7.280   22.711  -1.863  1.00 12.56 ? 52  PHE A N   1 
ATOM   333  C CA  . PHE A 1 52  ? 7.725   21.337  -2.133  1.00 12.33 ? 52  PHE A CA  1 
ATOM   334  C C   . PHE A 1 52  ? 6.633   20.595  -2.918  1.00 12.50 ? 52  PHE A C   1 
ATOM   335  O O   . PHE A 1 52  ? 5.451   20.654  -2.553  1.00 12.78 ? 52  PHE A O   1 
ATOM   336  C CB  . PHE A 1 52  ? 8.040   20.607  -0.813  1.00 12.63 ? 52  PHE A CB  1 
ATOM   337  C CG  . PHE A 1 52  ? 8.922   19.392  -0.986  1.00 12.12 ? 52  PHE A CG  1 
ATOM   338  C CD1 . PHE A 1 52  ? 10.299  19.509  -0.935  1.00 12.41 ? 52  PHE A CD1 1 
ATOM   339  C CD2 . PHE A 1 52  ? 8.362   18.135  -1.236  1.00 13.26 ? 52  PHE A CD2 1 
ATOM   340  C CE1 . PHE A 1 52  ? 11.129  18.392  -1.141  1.00 11.02 ? 52  PHE A CE1 1 
ATOM   341  C CE2 . PHE A 1 52  ? 9.170   17.007  -1.423  1.00 11.58 ? 52  PHE A CE2 1 
ATOM   342  C CZ  . PHE A 1 52  ? 10.559  17.136  -1.372  1.00 10.72 ? 52  PHE A CZ  1 
ATOM   343  N N   . CYS A 1 53  ? 7.032   19.923  -3.992  1.00 12.08 ? 53  CYS A N   1 
ATOM   344  C CA  . CYS A 1 53  ? 6.105   19.168  -4.839  1.00 12.48 ? 53  CYS A CA  1 
ATOM   345  C C   . CYS A 1 53  ? 6.450   17.699  -4.720  1.00 12.12 ? 53  CYS A C   1 
ATOM   346  O O   . CYS A 1 53  ? 7.624   17.332  -4.834  1.00 12.91 ? 53  CYS A O   1 
ATOM   347  C CB  . CYS A 1 53  ? 6.237   19.593  -6.304  1.00 12.65 ? 53  CYS A CB  1 
ATOM   348  S SG  . CYS A 1 53  ? 5.771   21.301  -6.634  1.00 13.67 ? 53  CYS A SG  1 
ATOM   349  N N   . VAL A 1 54  ? 5.433   16.868  -4.482  1.00 11.62 ? 54  VAL A N   1 
ATOM   350  C CA  . VAL A 1 54  ? 5.665   15.453  -4.198  1.00 10.96 ? 54  VAL A CA  1 
ATOM   351  C C   . VAL A 1 54  ? 4.482   14.563  -4.596  1.00 10.90 ? 54  VAL A C   1 
ATOM   352  O O   . VAL A 1 54  ? 3.311   14.912  -4.360  1.00 10.88 ? 54  VAL A O   1 
ATOM   353  C CB  . VAL A 1 54  ? 6.043   15.246  -2.703  1.00 10.53 ? 54  VAL A CB  1 
ATOM   354  C CG1 . VAL A 1 54  ? 4.859   15.546  -1.783  1.00 10.51 ? 54  VAL A CG1 1 
ATOM   355  C CG2 . VAL A 1 54  ? 6.603   13.846  -2.475  1.00 9.93  ? 54  VAL A CG2 1 
ATOM   356  N N   . GLY A 1 55  ? 4.816   13.413  -5.186  1.00 10.54 ? 55  GLY A N   1 
ATOM   357  C CA  . GLY A 1 55  ? 3.858   12.329  -5.431  1.00 10.49 ? 55  GLY A CA  1 
ATOM   358  C C   . GLY A 1 55  ? 4.324   11.044  -4.770  1.00 10.62 ? 55  GLY A C   1 
ATOM   359  O O   . GLY A 1 55  ? 5.176   11.062  -3.874  1.00 9.72  ? 55  GLY A O   1 
ATOM   360  N N   . LEU A 1 56  ? 3.758   9.914   -5.198  1.00 11.01 ? 56  LEU A N   1 
ATOM   361  C CA  . LEU A 1 56  ? 4.118   8.615   -4.610  1.00 10.72 ? 56  LEU A CA  1 
ATOM   362  C C   . LEU A 1 56  ? 4.314   7.543   -5.672  1.00 11.13 ? 56  LEU A C   1 
ATOM   363  O O   . LEU A 1 56  ? 3.491   7.449   -6.591  1.00 11.06 ? 56  LEU A O   1 
ATOM   364  C CB  . LEU A 1 56  ? 3.026   8.114   -3.658  1.00 11.72 ? 56  LEU A CB  1 
ATOM   365  C CG  . LEU A 1 56  ? 2.634   8.943   -2.431  1.00 9.52  ? 56  LEU A CG  1 
ATOM   366  C CD1 . LEU A 1 56  ? 1.412   8.282   -1.785  1.00 10.79 ? 56  LEU A CD1 1 
ATOM   367  C CD2 . LEU A 1 56  ? 3.806   9.051   -1.453  1.00 10.28 ? 56  LEU A CD2 1 
ATOM   368  N N   . ASP A 1 57  ? 5.370   6.735   -5.510  1.00 11.25 ? 57  ASP A N   1 
ATOM   369  C CA  . ASP A 1 57  ? 5.484   5.426   -6.189  1.00 11.99 ? 57  ASP A CA  1 
ATOM   370  C C   . ASP A 1 57  ? 5.224   4.267   -5.221  1.00 12.08 ? 57  ASP A C   1 
ATOM   371  O O   . ASP A 1 57  ? 5.579   4.338   -4.020  1.00 12.14 ? 57  ASP A O   1 
ATOM   372  C CB  . ASP A 1 57  ? 6.864   5.221   -6.850  1.00 12.12 ? 57  ASP A CB  1 
ATOM   373  C CG  . ASP A 1 57  ? 7.267   6.352   -7.788  1.00 13.68 ? 57  ASP A CG  1 
ATOM   374  O OD1 . ASP A 1 57  ? 6.447   6.833   -8.599  1.00 14.43 ? 57  ASP A OD1 1 
ATOM   375  O OD2 . ASP A 1 57  ? 8.459   6.726   -7.737  1.00 16.47 ? 57  ASP A OD2 1 
ATOM   376  N N   . GLY A 1 58  ? 4.587   3.210   -5.735  1.00 11.98 ? 58  GLY A N   1 
ATOM   377  C CA  . GLY A 1 58  ? 4.411   1.960   -4.993  1.00 12.02 ? 58  GLY A CA  1 
ATOM   378  C C   . GLY A 1 58  ? 5.037   0.767   -5.691  1.00 12.45 ? 58  GLY A C   1 
ATOM   379  O O   . GLY A 1 58  ? 5.224   0.762   -6.924  1.00 11.72 ? 58  GLY A O   1 
ATOM   380  N N   . LYS A 1 59  ? 5.370   -0.262  -4.904  1.00 12.74 ? 59  LYS A N   1 
ATOM   381  C CA  . LYS A 1 59  ? 6.010   -1.467  -5.440  1.00 12.51 ? 59  LYS A CA  1 
ATOM   382  C C   . LYS A 1 59  ? 5.547   -2.661  -4.615  1.00 12.87 ? 59  LYS A C   1 
ATOM   383  O O   . LYS A 1 59  ? 5.631   -2.643  -3.387  1.00 12.64 ? 59  LYS A O   1 
ATOM   384  C CB  . LYS A 1 59  ? 7.543   -1.367  -5.374  1.00 12.47 ? 59  LYS A CB  1 
ATOM   385  C CG  . LYS A 1 59  ? 8.280   -2.570  -5.991  1.00 12.80 ? 59  LYS A CG  1 
ATOM   386  C CD  . LYS A 1 59  ? 9.761   -2.273  -6.254  1.00 13.00 ? 59  LYS A CD  1 
ATOM   387  C CE  . LYS A 1 59  ? 10.540  -2.163  -4.944  1.00 16.31 ? 59  LYS A CE  1 
ATOM   388  N NZ  . LYS A 1 59  ? 10.963  -3.511  -4.423  1.00 18.66 ? 59  LYS A NZ  1 
ATOM   389  N N   . VAL A 1 60  ? 5.043   -3.679  -5.299  1.00 12.51 ? 60  VAL A N   1 
ATOM   390  C CA  . VAL A 1 60  ? 4.677   -4.931  -4.643  1.00 12.65 ? 60  VAL A CA  1 
ATOM   391  C C   . VAL A 1 60  ? 5.723   -6.000  -4.984  1.00 12.77 ? 60  VAL A C   1 
ATOM   392  O O   . VAL A 1 60  ? 6.105   -6.184  -6.156  1.00 12.70 ? 60  VAL A O   1 
ATOM   393  C CB  . VAL A 1 60  ? 3.237   -5.401  -5.025  1.00 12.62 ? 60  VAL A CB  1 
ATOM   394  C CG1 . VAL A 1 60  ? 2.919   -6.753  -4.384  1.00 11.07 ? 60  VAL A CG1 1 
ATOM   395  C CG2 . VAL A 1 60  ? 2.209   -4.341  -4.631  1.00 13.04 ? 60  VAL A CG2 1 
ATOM   396  N N   . ASP A 1 61  ? 6.196   -6.671  -3.934  1.00 12.25 ? 61  ASP A N   1 
ATOM   397  C CA  . ASP A 1 61  ? 7.301   -7.624  -4.038  1.00 13.00 ? 61  ASP A CA  1 
ATOM   398  C C   . ASP A 1 61  ? 6.823   -9.080  -4.126  1.00 13.11 ? 61  ASP A C   1 
ATOM   399  O O   . ASP A 1 61  ? 7.610   -9.969  -4.455  1.00 13.50 ? 61  ASP A O   1 
ATOM   400  C CB  . ASP A 1 61  ? 8.287   -7.459  -2.859  1.00 13.38 ? 61  ASP A CB  1 
ATOM   401  C CG  . ASP A 1 61  ? 8.989   -6.108  -2.848  1.00 14.18 ? 61  ASP A CG  1 
ATOM   402  O OD1 . ASP A 1 61  ? 9.114   -5.459  -3.913  1.00 15.05 ? 61  ASP A OD1 1 
ATOM   403  O OD2 . ASP A 1 61  ? 9.437   -5.698  -1.757  1.00 14.30 ? 61  ASP A OD2 1 
ATOM   404  N N   . LEU A 1 62  ? 5.529   -9.305  -3.874  1.00 12.67 ? 62  LEU A N   1 
ATOM   405  C CA  . LEU A 1 62  ? 4.916   -10.639 -3.911  1.00 12.94 ? 62  LEU A CA  1 
ATOM   406  C C   . LEU A 1 62  ? 4.842   -11.133 -5.350  1.00 12.54 ? 62  LEU A C   1 
ATOM   407  O O   . LEU A 1 62  ? 4.728   -10.316 -6.279  1.00 13.04 ? 62  LEU A O   1 
ATOM   408  C CB  . LEU A 1 62  ? 3.497   -10.584 -3.323  1.00 13.17 ? 62  LEU A CB  1 
ATOM   409  C CG  . LEU A 1 62  ? 3.293   -10.186 -1.853  1.00 13.43 ? 62  LEU A CG  1 
ATOM   410  C CD1 . LEU A 1 62  ? 1.817   -9.967  -1.578  1.00 15.54 ? 62  LEU A CD1 1 
ATOM   411  C CD2 . LEU A 1 62  ? 3.848   -11.255 -0.939  1.00 14.97 ? 62  LEU A CD2 1 
ATOM   412  N N   . PRO A 1 63  ? 4.908   -12.460 -5.548  1.00 13.12 ? 63  PRO A N   1 
ATOM   413  C CA  . PRO A 1 63  ? 4.835   -13.004 -6.904  1.00 13.04 ? 63  PRO A CA  1 
ATOM   414  C C   . PRO A 1 63  ? 3.464   -12.758 -7.547  1.00 13.33 ? 63  PRO A C   1 
ATOM   415  O O   . PRO A 1 63  ? 2.434   -12.850 -6.869  1.00 13.34 ? 63  PRO A O   1 
ATOM   416  C CB  . PRO A 1 63  ? 5.050   -14.515 -6.682  1.00 13.14 ? 63  PRO A CB  1 
ATOM   417  C CG  . PRO A 1 63  ? 4.604   -14.766 -5.275  1.00 12.72 ? 63  PRO A CG  1 
ATOM   418  C CD  . PRO A 1 63  ? 5.087   -13.525 -4.541  1.00 12.79 ? 63  PRO A CD  1 
ATOM   419  N N   . VAL A 1 64  ? 3.448   -12.457 -8.847  1.00 12.57 ? 64  VAL A N   1 
ATOM   420  C CA  . VAL A 1 64  ? 2.174   -12.287 -9.561  1.00 13.26 ? 64  VAL A CA  1 
ATOM   421  C C   . VAL A 1 64  ? 1.711   -13.687 -9.981  1.00 13.99 ? 64  VAL A C   1 
ATOM   422  O O   . VAL A 1 64  ? 2.461   -14.397 -10.673 1.00 15.47 ? 64  VAL A O   1 
ATOM   423  C CB  . VAL A 1 64  ? 2.316   -11.380 -10.805 1.00 12.66 ? 64  VAL A CB  1 
ATOM   424  C CG1 . VAL A 1 64  ? 1.006   -11.399 -11.655 1.00 14.91 ? 64  VAL A CG1 1 
ATOM   425  C CG2 . VAL A 1 64  ? 2.732   -9.942  -10.396 1.00 12.62 ? 64  VAL A CG2 1 
ATOM   426  N N   . VAL A 1 65  ? 0.499   -14.076 -9.574  1.00 13.86 ? 65  VAL A N   1 
ATOM   427  C CA  . VAL A 1 65  ? -0.031  -15.430 -9.851  1.00 14.89 ? 65  VAL A CA  1 
ATOM   428  C C   . VAL A 1 65  ? -1.303  -15.423 -10.696 1.00 15.76 ? 65  VAL A C   1 
ATOM   429  O O   . VAL A 1 65  ? -1.879  -16.472 -10.999 1.00 16.57 ? 65  VAL A O   1 
ATOM   430  C CB  . VAL A 1 65  ? -0.254  -16.263 -8.563  1.00 14.80 ? 65  VAL A CB  1 
ATOM   431  C CG1 . VAL A 1 65  ? 1.084   -16.510 -7.859  1.00 15.00 ? 65  VAL A CG1 1 
ATOM   432  C CG2 . VAL A 1 65  ? -1.277  -15.600 -7.636  1.00 13.85 ? 65  VAL A CG2 1 
ATOM   433  N N   . GLY A 1 66  ? -1.759  -14.235 -11.060 1.00 15.94 ? 66  GLY A N   1 
ATOM   434  C CA  . GLY A 1 66  ? -2.927  -14.104 -11.911 1.00 16.29 ? 66  GLY A CA  1 
ATOM   435  C C   . GLY A 1 66  ? -3.238  -12.644 -12.136 1.00 16.99 ? 66  GLY A C   1 
ATOM   436  O O   . GLY A 1 66  ? -2.436  -11.763 -11.795 1.00 15.97 ? 66  GLY A O   1 
ATOM   437  N N   . SER A 1 67  ? -4.377  -12.403 -12.775 1.00 17.64 ? 67  SER A N   1 
ATOM   438  C CA  . SER A 1 67  ? -4.840  -11.046 -13.054 1.00 18.26 ? 67  SER A CA  1 
ATOM   439  C C   . SER A 1 67  ? -6.358  -11.020 -13.091 1.00 17.98 ? 67  SER A C   1 
ATOM   440  O O   . SER A 1 67  ? -7.004  -11.990 -13.509 1.00 17.88 ? 67  SER A O   1 
ATOM   441  C CB  . SER A 1 67  ? -4.264  -10.490 -14.362 1.00 19.10 ? 67  SER A CB  1 
ATOM   442  O OG  . SER A 1 67  ? -4.843  -11.159 -15.466 1.00 23.53 ? 67  SER A OG  1 
ATOM   443  N N   . LEU A 1 68  ? -6.912  -9.912  -12.612 1.00 17.29 ? 68  LEU A N   1 
ATOM   444  C CA  . LEU A 1 68  ? -8.347  -9.711  -12.601 1.00 17.06 ? 68  LEU A CA  1 
ATOM   445  C C   . LEU A 1 68  ? -8.623  -8.271  -12.972 1.00 16.69 ? 68  LEU A C   1 
ATOM   446  O O   . LEU A 1 68  ? -8.097  -7.340  -12.353 1.00 16.32 ? 68  LEU A O   1 
ATOM   447  C CB  . LEU A 1 68  ? -8.921  -10.034 -11.214 1.00 17.40 ? 68  LEU A CB  1 
ATOM   448  C CG  . LEU A 1 68  ? -10.446 -10.070 -11.064 1.00 18.01 ? 68  LEU A CG  1 
ATOM   449  C CD1 . LEU A 1 68  ? -11.071 -11.101 -11.993 1.00 18.62 ? 68  LEU A CD1 1 
ATOM   450  C CD2 . LEU A 1 68  ? -10.800 -10.363 -9.599  1.00 18.77 ? 68  LEU A CD2 1 
ATOM   451  N N   . ASP A 1 69  ? -9.417  -8.099  -14.021 1.00 16.38 ? 69  ASP A N   1 
ATOM   452  C CA  . ASP A 1 69  ? -9.805  -6.787  -14.493 1.00 16.67 ? 69  ASP A CA  1 
ATOM   453  C C   . ASP A 1 69  ? -8.627  -5.822  -14.630 1.00 16.11 ? 69  ASP A C   1 
ATOM   454  O O   . ASP A 1 69  ? -8.763  -4.641  -14.404 1.00 15.84 ? 69  ASP A O   1 
ATOM   455  C CB  . ASP A 1 69  ? -10.913 -6.228  -13.610 1.00 17.53 ? 69  ASP A CB  1 
ATOM   456  C CG  . ASP A 1 69  ? -12.201 -7.033  -13.732 1.00 19.17 ? 69  ASP A CG  1 
ATOM   457  O OD1 . ASP A 1 69  ? -12.741 -7.172  -14.863 1.00 21.11 ? 69  ASP A OD1 1 
ATOM   458  O OD2 . ASP A 1 69  ? -12.662 -7.522  -12.687 1.00 18.77 ? 69  ASP A OD2 1 
ATOM   459  N N   . GLY A 1 70  ? -7.476  -6.338  -15.050 1.00 15.28 ? 70  GLY A N   1 
ATOM   460  C CA  . GLY A 1 70  ? -6.348  -5.485  -15.399 1.00 15.78 ? 70  GLY A CA  1 
ATOM   461  C C   . GLY A 1 70  ? -5.388  -5.209  -14.270 1.00 15.82 ? 70  GLY A C   1 
ATOM   462  O O   . GLY A 1 70  ? -4.422  -4.452  -14.451 1.00 15.84 ? 70  GLY A O   1 
ATOM   463  N N   . GLN A 1 71  ? -5.653  -5.807  -13.101 1.00 14.97 ? 71  GLN A N   1 
ATOM   464  C CA  . GLN A 1 71  ? -4.698  -5.733  -12.004 1.00 14.38 ? 71  GLN A CA  1 
ATOM   465  C C   . GLN A 1 71  ? -4.173  -7.100  -11.571 1.00 14.28 ? 71  GLN A C   1 
ATOM   466  O O   . GLN A 1 71  ? -4.847  -8.131  -11.738 1.00 14.20 ? 71  GLN A O   1 
ATOM   467  C CB  . GLN A 1 71  ? -5.262  -4.946  -10.815 1.00 14.59 ? 71  GLN A CB  1 
ATOM   468  C CG  . GLN A 1 71  ? -6.108  -5.733  -9.839  1.00 14.98 ? 71  GLN A CG  1 
ATOM   469  C CD  . GLN A 1 71  ? -6.749  -4.842  -8.798  1.00 14.44 ? 71  GLN A CD  1 
ATOM   470  O OE1 . GLN A 1 71  ? -6.138  -4.476  -7.785  1.00 14.82 ? 71  GLN A OE1 1 
ATOM   471  N NE2 . GLN A 1 71  ? -7.988  -4.491  -9.040  1.00 12.72 ? 71  GLN A NE2 1 
ATOM   472  N N   . SER A 1 72  ? -2.984  -7.094  -10.970 1.00 12.89 ? 72  SER A N   1 
ATOM   473  C CA  . SER A 1 72  ? -2.344  -8.339  -10.558 1.00 13.20 ? 72  SER A CA  1 
ATOM   474  C C   . SER A 1 72  ? -3.068  -9.002  -9.374  1.00 12.78 ? 72  SER A C   1 
ATOM   475  O O   . SER A 1 72  ? -3.568  -8.314  -8.464  1.00 13.24 ? 72  SER A O   1 
ATOM   476  C CB  . SER A 1 72  ? -0.874  -8.090  -10.190 1.00 12.23 ? 72  SER A CB  1 
ATOM   477  O OG  . SER A 1 72  ? -0.104  -7.821  -11.345 1.00 13.37 ? 72  SER A OG  1 
ATOM   478  N N   . ILE A 1 73  ? -3.142  -10.342 -9.422  1.00 11.86 ? 73  ILE A N   1 
ATOM   479  C CA  . ILE A 1 73  ? -3.416  -11.132 -8.236  1.00 12.07 ? 73  ILE A CA  1 
ATOM   480  C C   . ILE A 1 73  ? -2.045  -11.552 -7.729  1.00 12.29 ? 73  ILE A C   1 
ATOM   481  O O   . ILE A 1 73  ? -1.255  -12.171 -8.454  1.00 11.98 ? 73  ILE A O   1 
ATOM   482  C CB  . ILE A 1 73  ? -4.273  -12.400 -8.501  1.00 12.58 ? 73  ILE A CB  1 
ATOM   483  C CG1 . ILE A 1 73  ? -5.633  -12.025 -9.085  1.00 14.69 ? 73  ILE A CG1 1 
ATOM   484  C CG2 . ILE A 1 73  ? -4.431  -13.231 -7.210  1.00 11.77 ? 73  ILE A CG2 1 
ATOM   485  C CD1 . ILE A 1 73  ? -6.469  -13.221 -9.553  1.00 13.49 ? 73  ILE A CD1 1 
ATOM   486  N N   . TYR A 1 74  ? -1.761  -11.206 -6.483  1.00 12.12 ? 74  TYR A N   1 
ATOM   487  C CA  . TYR A 1 74  ? -0.463  -11.491 -5.896  1.00 12.87 ? 74  TYR A CA  1 
ATOM   488  C C   . TYR A 1 74  ? -0.596  -12.689 -4.974  1.00 13.41 ? 74  TYR A C   1 
ATOM   489  O O   . TYR A 1 74  ? -1.562  -12.772 -4.211  1.00 14.12 ? 74  TYR A O   1 
ATOM   490  C CB  . TYR A 1 74  ? 0.045   -10.281 -5.118  1.00 12.67 ? 74  TYR A CB  1 
ATOM   491  C CG  . TYR A 1 74  ? 0.399   -9.093  -5.982  1.00 12.40 ? 74  TYR A CG  1 
ATOM   492  C CD1 . TYR A 1 74  ? 1.621   -9.041  -6.673  1.00 13.24 ? 74  TYR A CD1 1 
ATOM   493  C CD2 . TYR A 1 74  ? -0.471  -8.007  -6.075  1.00 13.17 ? 74  TYR A CD2 1 
ATOM   494  C CE1 . TYR A 1 74  ? 1.965   -7.935  -7.461  1.00 12.68 ? 74  TYR A CE1 1 
ATOM   495  C CE2 . TYR A 1 74  ? -0.148  -6.890  -6.849  1.00 14.04 ? 74  TYR A CE2 1 
ATOM   496  C CZ  . TYR A 1 74  ? 1.073   -6.857  -7.531  1.00 12.17 ? 74  TYR A CZ  1 
ATOM   497  O OH  . TYR A 1 74  ? 1.398   -5.767  -8.293  1.00 11.32 ? 74  TYR A OH  1 
ATOM   498  N N   . GLY A 1 75  ? 0.361   -13.609 -5.023  1.00 13.61 ? 75  GLY A N   1 
ATOM   499  C CA  . GLY A 1 75  ? 0.172   -14.865 -4.285  1.00 13.77 ? 75  GLY A CA  1 
ATOM   500  C C   . GLY A 1 75  ? 0.801   -14.865 -2.912  1.00 14.42 ? 75  GLY A C   1 
ATOM   501  O O   . GLY A 1 75  ? 1.903   -14.369 -2.739  1.00 13.40 ? 75  GLY A O   1 
ATOM   502  N N   . LEU A 1 76  ? 0.077   -15.416 -1.942  1.00 15.58 ? 76  LEU A N   1 
ATOM   503  C CA  . LEU A 1 76  ? 0.570   -15.547 -0.574  1.00 16.47 ? 76  LEU A CA  1 
ATOM   504  C C   . LEU A 1 76  ? 0.890   -17.012 -0.270  1.00 17.94 ? 76  LEU A C   1 
ATOM   505  O O   . LEU A 1 76  ? 1.934   -17.326 0.306   1.00 18.26 ? 76  LEU A O   1 
ATOM   506  C CB  . LEU A 1 76  ? -0.478  -15.040 0.423   1.00 16.23 ? 76  LEU A CB  1 
ATOM   507  C CG  . LEU A 1 76  ? -0.774  -13.534 0.422   1.00 16.18 ? 76  LEU A CG  1 
ATOM   508  C CD1 . LEU A 1 76  ? -1.956  -13.222 1.335   1.00 15.76 ? 76  LEU A CD1 1 
ATOM   509  C CD2 . LEU A 1 76  ? 0.460   -12.732 0.828   1.00 15.80 ? 76  LEU A CD2 1 
ATOM   510  N N   . THR A 1 77  ? -0.043  -17.874 -0.649  1.00 18.79 ? 77  THR A N   1 
ATOM   511  C CA  . THR A 1 77  ? 0.020   -19.312 -0.429  1.00 20.02 ? 77  THR A CA  1 
ATOM   512  C C   . THR A 1 77  ? -0.638  -19.933 -1.660  1.00 20.31 ? 77  THR A C   1 
ATOM   513  O O   . THR A 1 77  ? -1.130  -19.216 -2.555  1.00 20.45 ? 77  THR A O   1 
ATOM   514  C CB  . THR A 1 77  ? -0.780  -19.777 0.835   1.00 19.06 ? 77  THR A CB  1 
ATOM   515  O OG1 . THR A 1 77  ? -2.187  -19.664 0.575   1.00 20.51 ? 77  THR A OG1 1 
ATOM   516  C CG2 . THR A 1 77  ? -0.421  -18.986 2.092   1.00 20.39 ? 77  THR A CG2 1 
ATOM   517  N N   . GLU A 1 78  ? -0.688  -21.257 -1.705  1.00 21.15 ? 78  GLU A N   1 
ATOM   518  C CA  . GLU A 1 78  ? -1.311  -21.941 -2.836  1.00 22.68 ? 78  GLU A CA  1 
ATOM   519  C C   . GLU A 1 78  ? -2.801  -21.601 -2.970  1.00 22.25 ? 78  GLU A C   1 
ATOM   520  O O   . GLU A 1 78  ? -3.328  -21.531 -4.084  1.00 22.41 ? 78  GLU A O   1 
ATOM   521  C CB  . GLU A 1 78  ? -1.105  -23.464 -2.743  1.00 22.46 ? 78  GLU A CB  1 
ATOM   522  C CG  . GLU A 1 78  ? -1.442  -24.197 -4.043  1.00 24.35 ? 78  GLU A CG  1 
ATOM   523  C CD  . GLU A 1 78  ? -1.598  -25.719 -3.882  1.00 26.60 ? 78  GLU A CD  1 
ATOM   524  O OE1 . GLU A 1 78  ? -1.110  -26.290 -2.873  1.00 31.54 ? 78  GLU A OE1 1 
ATOM   525  O OE2 . GLU A 1 78  ? -2.212  -26.341 -4.785  1.00 30.35 ? 78  GLU A OE2 1 
ATOM   526  N N   . GLU A 1 79  ? -3.462  -21.370 -1.836  1.00 22.34 ? 79  GLU A N   1 
ATOM   527  C CA  . GLU A 1 79  ? -4.906  -21.111 -1.817  1.00 22.17 ? 79  GLU A CA  1 
ATOM   528  C C   . GLU A 1 79  ? -5.277  -19.634 -1.830  1.00 20.24 ? 79  GLU A C   1 
ATOM   529  O O   . GLU A 1 79  ? -6.366  -19.290 -2.301  1.00 19.72 ? 79  GLU A O   1 
ATOM   530  C CB  . GLU A 1 79  ? -5.586  -21.762 -0.605  1.00 23.44 ? 79  GLU A CB  1 
ATOM   531  C CG  . GLU A 1 79  ? -5.524  -23.283 -0.568  1.00 27.63 ? 79  GLU A CG  1 
ATOM   532  C CD  . GLU A 1 79  ? -4.359  -23.779 0.231   1.00 32.41 ? 79  GLU A CD  1 
ATOM   533  O OE1 . GLU A 1 79  ? -3.409  -22.997 0.453   1.00 34.27 ? 79  GLU A OE1 1 
ATOM   534  O OE2 . GLU A 1 79  ? -4.397  -24.953 0.661   1.00 36.95 ? 79  GLU A OE2 1 
ATOM   535  N N   . VAL A 1 80  ? -4.397  -18.775 -1.301  1.00 18.75 ? 80  VAL A N   1 
ATOM   536  C CA  . VAL A 1 80  ? -4.759  -17.375 -1.057  1.00 16.74 ? 80  VAL A CA  1 
ATOM   537  C C   . VAL A 1 80  ? -3.849  -16.376 -1.780  1.00 16.68 ? 80  VAL A C   1 
ATOM   538  O O   . VAL A 1 80  ? -2.602  -16.438 -1.694  1.00 16.01 ? 80  VAL A O   1 
ATOM   539  C CB  . VAL A 1 80  ? -4.847  -17.019 0.462   1.00 17.05 ? 80  VAL A CB  1 
ATOM   540  C CG1 . VAL A 1 80  ? -5.304  -15.585 0.665   1.00 16.04 ? 80  VAL A CG1 1 
ATOM   541  C CG2 . VAL A 1 80  ? -5.791  -17.976 1.215   1.00 17.10 ? 80  VAL A CG2 1 
ATOM   542  N N   . GLY A 1 81  ? -4.496  -15.447 -2.478  1.00 15.53 ? 81  GLY A N   1 
ATOM   543  C CA  . GLY A 1 81  ? -3.826  -14.288 -3.067  1.00 15.16 ? 81  GLY A CA  1 
ATOM   544  C C   . GLY A 1 81  ? -4.417  -12.956 -2.610  1.00 13.91 ? 81  GLY A C   1 
ATOM   545  O O   . GLY A 1 81  ? -5.299  -12.904 -1.736  1.00 13.90 ? 81  GLY A O   1 
ATOM   546  N N   . LEU A 1 82  ? -3.950  -11.877 -3.224  1.00 13.70 ? 82  LEU A N   1 
ATOM   547  C CA  . LEU A 1 82  ? -4.374  -10.525 -2.843  1.00 13.32 ? 82  LEU A CA  1 
ATOM   548  C C   . LEU A 1 82  ? -4.563  -9.657  -4.069  1.00 13.00 ? 82  LEU A C   1 
ATOM   549  O O   . LEU A 1 82  ? -3.771  -9.745  -5.007  1.00 13.23 ? 82  LEU A O   1 
ATOM   550  C CB  . LEU A 1 82  ? -3.279  -9.858  -1.997  1.00 13.01 ? 82  LEU A CB  1 
ATOM   551  C CG  . LEU A 1 82  ? -3.083  -10.327 -0.555  1.00 13.34 ? 82  LEU A CG  1 
ATOM   552  C CD1 . LEU A 1 82  ? -1.864  -9.598  0.057   1.00 12.48 ? 82  LEU A CD1 1 
ATOM   553  C CD2 . LEU A 1 82  ? -4.328  -10.108 0.282   1.00 14.28 ? 82  LEU A CD2 1 
ATOM   554  N N   . LEU A 1 83  ? -5.597  -8.814  -4.036  1.00 13.06 ? 83  LEU A N   1 
ATOM   555  C CA  . LEU A 1 83  ? -5.634  -7.618  -4.892  1.00 12.34 ? 83  LEU A CA  1 
ATOM   556  C C   . LEU A 1 83  ? -5.123  -6.487  -4.012  1.00 11.70 ? 83  LEU A C   1 
ATOM   557  O O   . LEU A 1 83  ? -5.469  -6.414  -2.830  1.00 11.77 ? 83  LEU A O   1 
ATOM   558  C CB  . LEU A 1 83  ? -7.054  -7.307  -5.376  1.00 12.74 ? 83  LEU A CB  1 
ATOM   559  C CG  . LEU A 1 83  ? -7.738  -8.495  -6.050  1.00 12.62 ? 83  LEU A CG  1 
ATOM   560  C CD1 . LEU A 1 83  ? -9.185  -8.130  -6.359  1.00 13.74 ? 83  LEU A CD1 1 
ATOM   561  C CD2 . LEU A 1 83  ? -6.953  -8.873  -7.329  1.00 11.72 ? 83  LEU A CD2 1 
ATOM   562  N N   . ILE A 1 84  ? -4.301  -5.613  -4.588  1.00 10.89 ? 84  ILE A N   1 
ATOM   563  C CA  . ILE A 1 84  ? -3.623  -4.594  -3.810  1.00 11.11 ? 84  ILE A CA  1 
ATOM   564  C C   . ILE A 1 84  ? -3.770  -3.216  -4.448  1.00 11.68 ? 84  ILE A C   1 
ATOM   565  O O   . ILE A 1 84  ? -3.631  -3.068  -5.676  1.00 11.31 ? 84  ILE A O   1 
ATOM   566  C CB  . ILE A 1 84  ? -2.100  -4.950  -3.654  1.00 11.16 ? 84  ILE A CB  1 
ATOM   567  C CG1 . ILE A 1 84  ? -1.964  -6.335  -2.988  1.00 10.19 ? 84  ILE A CG1 1 
ATOM   568  C CG2 . ILE A 1 84  ? -1.360  -3.856  -2.863  1.00 10.10 ? 84  ILE A CG2 1 
ATOM   569  C CD1 . ILE A 1 84  ? -0.500  -6.746  -2.611  1.00 11.74 ? 84  ILE A CD1 1 
ATOM   570  N N   . TRP A 1 85  ? -4.022  -2.221  -3.596  1.00 10.99 ? 85  TRP A N   1 
ATOM   571  C CA  . TRP A 1 85  ? -4.047  -0.815  -3.995  1.00 10.91 ? 85  TRP A CA  1 
ATOM   572  C C   . TRP A 1 85  ? -3.078  -0.013  -3.124  1.00 10.08 ? 85  TRP A C   1 
ATOM   573  O O   . TRP A 1 85  ? -3.032  -0.216  -1.918  1.00 9.98  ? 85  TRP A O   1 
ATOM   574  C CB  . TRP A 1 85  ? -5.446  -0.214  -3.821  1.00 10.77 ? 85  TRP A CB  1 
ATOM   575  C CG  . TRP A 1 85  ? -6.472  -0.779  -4.753  1.00 12.64 ? 85  TRP A CG  1 
ATOM   576  C CD1 . TRP A 1 85  ? -6.935  -0.217  -5.918  1.00 12.67 ? 85  TRP A CD1 1 
ATOM   577  C CD2 . TRP A 1 85  ? -7.166  -2.011  -4.596  1.00 11.24 ? 85  TRP A CD2 1 
ATOM   578  N NE1 . TRP A 1 85  ? -7.878  -1.035  -6.495  1.00 13.49 ? 85  TRP A NE1 1 
ATOM   579  C CE2 . TRP A 1 85  ? -8.042  -2.144  -5.707  1.00 13.13 ? 85  TRP A CE2 1 
ATOM   580  C CE3 . TRP A 1 85  ? -7.147  -3.015  -3.624  1.00 12.74 ? 85  TRP A CE3 1 
ATOM   581  C CZ2 . TRP A 1 85  ? -8.870  -3.245  -5.871  1.00 12.67 ? 85  TRP A CZ2 1 
ATOM   582  C CZ3 . TRP A 1 85  ? -7.977  -4.125  -3.789  1.00 13.32 ? 85  TRP A CZ3 1 
ATOM   583  C CH2 . TRP A 1 85  ? -8.826  -4.224  -4.911  1.00 12.51 ? 85  TRP A CH2 1 
ATOM   584  N N   . MET A 1 86  ? -2.358  0.917   -3.747  1.00 10.09 ? 86  MET A N   1 
ATOM   585  C CA  . MET A 1 86  ? -1.490  1.869   -3.043  1.00 10.38 ? 86  MET A CA  1 
ATOM   586  C C   . MET A 1 86  ? -1.789  3.282   -3.564  1.00 9.89  ? 86  MET A C   1 
ATOM   587  O O   . MET A 1 86  ? -2.099  3.478   -4.735  1.00 10.15 ? 86  MET A O   1 
ATOM   588  C CB  . MET A 1 86  ? -0.011  1.538   -3.294  1.00 9.99  ? 86  MET A CB  1 
ATOM   589  C CG  . MET A 1 86  ? 0.426   0.236   -2.632  1.00 10.68 ? 86  MET A CG  1 
ATOM   590  S SD  . MET A 1 86  ? 2.098   -0.249  -3.098  1.00 11.91 ? 86  MET A SD  1 
ATOM   591  C CE  . MET A 1 86  ? 2.546   -1.294  -1.707  1.00 10.31 ? 86  MET A CE  1 
ATOM   592  N N   . GLY A 1 87  ? -1.663  4.276   -2.700  1.00 10.07 ? 87  GLY A N   1 
ATOM   593  C CA  . GLY A 1 87  ? -1.942  5.625   -3.149  1.00 10.28 ? 87  GLY A CA  1 
ATOM   594  C C   . GLY A 1 87  ? -1.829  6.657   -2.053  1.00 10.16 ? 87  GLY A C   1 
ATOM   595  O O   . GLY A 1 87  ? -1.245  6.388   -0.982  1.00 10.78 ? 87  GLY A O   1 
ATOM   596  N N   . ASP A 1 88  ? -2.347  7.840   -2.363  1.00 10.42 ? 88  ASP A N   1 
ATOM   597  C CA  . ASP A 1 88  ? -2.528  8.933   -1.410  1.00 11.22 ? 88  ASP A CA  1 
ATOM   598  C C   . ASP A 1 88  ? -3.378  8.503   -0.198  1.00 10.74 ? 88  ASP A C   1 
ATOM   599  O O   . ASP A 1 88  ? -3.982  7.430   -0.176  1.00 9.92  ? 88  ASP A O   1 
ATOM   600  C CB  . ASP A 1 88  ? -3.173  10.133  -2.125  1.00 11.28 ? 88  ASP A CB  1 
ATOM   601  C CG  . ASP A 1 88  ? -2.976  11.445  -1.394  1.00 11.70 ? 88  ASP A CG  1 
ATOM   602  O OD1 . ASP A 1 88  ? -1.977  11.609  -0.659  1.00 12.74 ? 88  ASP A OD1 1 
ATOM   603  O OD2 . ASP A 1 88  ? -3.838  12.330  -1.572  1.00 13.43 ? 88  ASP A OD2 1 
ATOM   604  N N   . THR A 1 89  ? -3.423  9.373   0.805   1.00 9.92  ? 89  THR A N   1 
ATOM   605  C CA  . THR A 1 89  ? -4.101  9.110   2.072   1.00 10.37 ? 89  THR A CA  1 
ATOM   606  C C   . THR A 1 89  ? -5.485  8.463   1.986   1.00 11.08 ? 89  THR A C   1 
ATOM   607  O O   . THR A 1 89  ? -5.704  7.393   2.571   1.00 10.61 ? 89  THR A O   1 
ATOM   608  C CB  . THR A 1 89  ? -4.178  10.405  2.901   1.00 9.77  ? 89  THR A CB  1 
ATOM   609  O OG1 . THR A 1 89  ? -2.867  10.967  2.983   1.00 10.75 ? 89  THR A OG1 1 
ATOM   610  C CG2 . THR A 1 89  ? -4.754  10.150  4.309   1.00 10.59 ? 89  THR A CG2 1 
ATOM   611  N N   . LYS A 1 90  ? -6.428  9.115   1.308   1.00 10.21 ? 90  LYS A N   1 
ATOM   612  C CA  . LYS A 1 90  ? -7.807  8.591   1.258   1.00 12.30 ? 90  LYS A CA  1 
ATOM   613  C C   . LYS A 1 90  ? -7.883  7.273   0.492   1.00 11.74 ? 90  LYS A C   1 
ATOM   614  O O   . LYS A 1 90  ? -7.357  7.148   -0.624  1.00 11.27 ? 90  LYS A O   1 
ATOM   615  C CB  . LYS A 1 90  ? -8.753  9.582   0.561   1.00 12.91 ? 90  LYS A CB  1 
ATOM   616  C CG  . LYS A 1 90  ? -8.677  10.967  1.088   1.00 18.67 ? 90  LYS A CG  1 
ATOM   617  C CD  . LYS A 1 90  ? -9.575  11.135  2.258   1.00 21.37 ? 90  LYS A CD  1 
ATOM   618  C CE  . LYS A 1 90  ? -9.800  12.597  2.469   1.00 25.08 ? 90  LYS A CE  1 
ATOM   619  N NZ  . LYS A 1 90  ? -9.698  12.841  3.897   1.00 25.24 ? 90  LYS A NZ  1 
ATOM   620  N N   . TYR A 1 91  ? -8.598  6.304   1.052   1.00 11.73 ? 91  TYR A N   1 
ATOM   621  C CA  . TYR A 1 91  ? -8.659  4.999   0.404   1.00 11.89 ? 91  TYR A CA  1 
ATOM   622  C C   . TYR A 1 91  ? -9.203  5.047   -1.023  1.00 12.42 ? 91  TYR A C   1 
ATOM   623  O O   . TYR A 1 91  ? -8.751  4.279   -1.890  1.00 11.94 ? 91  TYR A O   1 
ATOM   624  C CB  . TYR A 1 91  ? -9.423  3.991   1.250   1.00 12.42 ? 91  TYR A CB  1 
ATOM   625  C CG  . TYR A 1 91  ? -8.600  3.405   2.393   1.00 12.87 ? 91  TYR A CG  1 
ATOM   626  C CD1 . TYR A 1 91  ? -8.980  3.619   3.718   1.00 13.66 ? 91  TYR A CD1 1 
ATOM   627  C CD2 . TYR A 1 91  ? -7.456  2.651   2.144   1.00 12.48 ? 91  TYR A CD2 1 
ATOM   628  C CE1 . TYR A 1 91  ? -8.235  3.079   4.786   1.00 15.04 ? 91  TYR A CE1 1 
ATOM   629  C CE2 . TYR A 1 91  ? -6.701  2.097   3.188   1.00 13.32 ? 91  TYR A CE2 1 
ATOM   630  C CZ  . TYR A 1 91  ? -7.107  2.323   4.510   1.00 15.09 ? 91  TYR A CZ  1 
ATOM   631  O OH  . TYR A 1 91  ? -6.403  1.782   5.564   1.00 15.12 ? 91  TYR A OH  1 
ATOM   632  N N   . SER A 1 92  ? -10.143 5.950   -1.288  1.00 12.17 ? 92  SER A N   1 
ATOM   633  C CA  . SER A 1 92  ? -10.712 6.018   -2.640  1.00 12.96 ? 92  SER A CA  1 
ATOM   634  C C   . SER A 1 92  ? -9.695  6.457   -3.709  1.00 12.60 ? 92  SER A C   1 
ATOM   635  O O   . SER A 1 92  ? -9.948  6.287   -4.904  1.00 13.50 ? 92  SER A O   1 
ATOM   636  C CB  . SER A 1 92  ? -11.947 6.925   -2.685  1.00 12.21 ? 92  SER A CB  1 
ATOM   637  O OG  . SER A 1 92  ? -11.572 8.280   -2.455  1.00 13.41 ? 92  SER A OG  1 
ATOM   638  N N   . ARG A 1 93  ? -8.564  7.011   -3.274  1.00 11.93 ? 93  ARG A N   1 
ATOM   639  C CA  . ARG A 1 93  ? -7.505  7.461   -4.157  1.00 12.58 ? 93  ARG A CA  1 
ATOM   640  C C   . ARG A 1 93  ? -6.563  6.307   -4.544  1.00 12.08 ? 93  ARG A C   1 
ATOM   641  O O   . ARG A 1 93  ? -5.636  6.506   -5.324  1.00 12.65 ? 93  ARG A O   1 
ATOM   642  C CB  . ARG A 1 93  ? -6.689  8.598   -3.517  1.00 12.58 ? 93  ARG A CB  1 
ATOM   643  C CG  . ARG A 1 93  ? -7.466  9.877   -3.221  1.00 14.27 ? 93  ARG A CG  1 
ATOM   644  C CD  . ARG A 1 93  ? -8.061  10.427  -4.501  1.00 17.09 ? 93  ARG A CD  1 
ATOM   645  N N   . GLY A 1 94  ? -6.822  5.096   -4.032  1.00 11.58 ? 94  GLY A N   1 
ATOM   646  C CA  . GLY A 1 94  ? -5.890  3.998   -4.253  1.00 12.14 ? 94  GLY A CA  1 
ATOM   647  C C   . GLY A 1 94  ? -5.731  3.660   -5.731  1.00 11.87 ? 94  GLY A C   1 
ATOM   648  O O   . GLY A 1 94  ? -6.683  3.747   -6.526  1.00 11.81 ? 94  GLY A O   1 
ATOM   649  N N   . THR A 1 95  ? -4.519  3.280   -6.100  1.00 11.59 ? 95  THR A N   1 
ATOM   650  C CA  . THR A 1 95  ? -4.209  2.878   -7.465  1.00 11.47 ? 95  THR A CA  1 
ATOM   651  C C   . THR A 1 95  ? -4.011  1.360   -7.444  1.00 10.68 ? 95  THR A C   1 
ATOM   652  O O   . THR A 1 95  ? -3.244  0.838   -6.625  1.00 11.14 ? 95  THR A O   1 
ATOM   653  C CB  . THR A 1 95  ? -2.914  3.590   -7.944  1.00 12.56 ? 95  THR A CB  1 
ATOM   654  O OG1 . THR A 1 95  ? -3.062  5.021   -7.829  1.00 10.29 ? 95  THR A OG1 1 
ATOM   655  C CG2 . THR A 1 95  ? -2.562  3.193   -9.416  1.00 12.04 ? 95  THR A CG2 1 
ATOM   656  N N   . ALA A 1 96  ? -4.691  0.648   -8.339  1.00 10.66 ? 96  ALA A N   1 
ATOM   657  C CA  . ALA A 1 96  ? -4.561  -0.816  -8.430  1.00 10.72 ? 96  ALA A CA  1 
ATOM   658  C C   . ALA A 1 96  ? -3.135  -1.183  -8.845  1.00 10.90 ? 96  ALA A C   1 
ATOM   659  O O   . ALA A 1 96  ? -2.579  -0.591  -9.780  1.00 11.03 ? 96  ALA A O   1 
ATOM   660  C CB  . ALA A 1 96  ? -5.591  -1.393  -9.416  1.00 11.24 ? 96  ALA A CB  1 
ATOM   661  N N   . MET A 1 97  ? -2.520  -2.108  -8.107  1.00 11.38 ? 97  MET A N   1 
ATOM   662  C CA  . MET A 1 97  ? -1.139  -2.497  -8.366  1.00 11.91 ? 97  MET A CA  1 
ATOM   663  C C   . MET A 1 97  ? -1.062  -3.671  -9.363  1.00 12.32 ? 97  MET A C   1 
ATOM   664  O O   . MET A 1 97  ? -1.849  -4.630  -9.284  1.00 13.18 ? 97  MET A O   1 
ATOM   665  C CB  . MET A 1 97  ? -0.399  -2.846  -7.056  1.00 12.34 ? 97  MET A CB  1 
ATOM   666  C CG  . MET A 1 97  ? -0.269  -1.694  -6.083  1.00 13.36 ? 97  MET A CG  1 
ATOM   667  S SD  . MET A 1 97  ? 0.622   -0.294  -6.788  1.00 13.66 ? 97  MET A SD  1 
ATOM   668  C CE  . MET A 1 97  ? 2.263   -0.947  -6.954  1.00 13.01 ? 97  MET A CE  1 
ATOM   669  N N   . SER A 1 98  ? -0.125  -3.569  -10.304 1.00 12.51 ? 98  SER A N   1 
ATOM   670  C CA  . SER A 1 98  ? 0.217   -4.661  -11.201 1.00 12.78 ? 98  SER A CA  1 
ATOM   671  C C   . SER A 1 98  ? 1.726   -4.805  -11.279 1.00 12.69 ? 98  SER A C   1 
ATOM   672  O O   . SER A 1 98  ? 2.464   -3.811  -11.224 1.00 12.76 ? 98  SER A O   1 
ATOM   673  C CB  . SER A 1 98  ? -0.336  -4.435  -12.602 1.00 12.84 ? 98  SER A CB  1 
ATOM   674  O OG  . SER A 1 98  ? -1.741  -4.541  -12.627 1.00 15.34 ? 98  SER A OG  1 
ATOM   675  N N   . GLY A 1 99  ? 2.189   -6.043  -11.382 1.00 12.29 ? 99  GLY A N   1 
ATOM   676  C CA  . GLY A 1 99  ? 3.604   -6.307  -11.574 1.00 12.52 ? 99  GLY A CA  1 
ATOM   677  C C   . GLY A 1 99  ? 4.434   -6.044  -10.337 1.00 12.61 ? 99  GLY A C   1 
ATOM   678  O O   . GLY A 1 99  ? 3.893   -5.862  -9.223  1.00 11.92 ? 99  GLY A O   1 
ATOM   679  N N   . ASN A 1 100 ? 5.755   -6.057  -10.523 1.00 12.44 ? 100 ASN A N   1 
ATOM   680  C CA  . ASN A 1 100 ? 6.684   -5.956  -9.405  1.00 13.14 ? 100 ASN A CA  1 
ATOM   681  C C   . ASN A 1 100 ? 7.644   -4.761  -9.490  1.00 13.59 ? 100 ASN A C   1 
ATOM   682  O O   . ASN A 1 100 ? 8.637   -4.715  -8.755  1.00 12.86 ? 100 ASN A O   1 
ATOM   683  C CB  . ASN A 1 100 ? 7.511   -7.222  -9.328  1.00 13.45 ? 100 ASN A CB  1 
ATOM   684  C CG  . ASN A 1 100 ? 6.699   -8.446  -8.958  1.00 13.67 ? 100 ASN A CG  1 
ATOM   685  O OD1 . ASN A 1 100 ? 6.653   -9.406  -9.708  1.00 16.21 ? 100 ASN A OD1 1 
ATOM   686  N ND2 . ASN A 1 100 ? 6.071   -8.422  -7.793  1.00 13.39 ? 100 ASN A ND2 1 
ATOM   687  N N   . SER A 1 101 ? 7.360   -3.832  -10.403 1.00 13.99 ? 101 SER A N   1 
ATOM   688  C CA  . SER A 1 101 ? 8.182   -2.623  -10.590 1.00 14.79 ? 101 SER A CA  1 
ATOM   689  C C   . SER A 1 101 ? 7.593   -1.430  -9.841  1.00 14.63 ? 101 SER A C   1 
ATOM   690  O O   . SER A 1 101 ? 6.420   -1.450  -9.444  1.00 14.64 ? 101 SER A O   1 
ATOM   691  C CB  . SER A 1 101 ? 8.306   -2.256  -12.085 1.00 14.92 ? 101 SER A CB  1 
ATOM   692  O OG  . SER A 1 101 ? 8.924   -3.308  -12.815 1.00 18.44 ? 101 SER A OG  1 
ATOM   693  N N   . TRP A 1 102 ? 8.399   -0.391  -9.649  1.00 13.56 ? 102 TRP A N   1 
ATOM   694  C CA  . TRP A 1 102 ? 7.843   0.855   -9.127  1.00 14.30 ? 102 TRP A CA  1 
ATOM   695  C C   . TRP A 1 102 ? 6.797   1.388   -10.093 1.00 14.65 ? 102 TRP A C   1 
ATOM   696  O O   . TRP A 1 102 ? 7.041   1.427   -11.295 1.00 15.63 ? 102 TRP A O   1 
ATOM   697  C CB  . TRP A 1 102 ? 8.947   1.884   -8.912  1.00 13.87 ? 102 TRP A CB  1 
ATOM   698  C CG  . TRP A 1 102 ? 9.839   1.567   -7.743  1.00 15.13 ? 102 TRP A CG  1 
ATOM   699  C CD1 . TRP A 1 102 ? 11.125  1.107   -7.803  1.00 14.60 ? 102 TRP A CD1 1 
ATOM   700  C CD2 . TRP A 1 102 ? 9.529   1.709   -6.341  1.00 13.46 ? 102 TRP A CD2 1 
ATOM   701  N NE1 . TRP A 1 102 ? 11.635  0.942   -6.531  1.00 14.31 ? 102 TRP A NE1 1 
ATOM   702  C CE2 . TRP A 1 102 ? 10.677  1.292   -5.616  1.00 14.55 ? 102 TRP A CE2 1 
ATOM   703  C CE3 . TRP A 1 102 ? 8.387   2.115   -5.627  1.00 12.64 ? 102 TRP A CE3 1 
ATOM   704  C CZ2 . TRP A 1 102 ? 10.721  1.293   -4.203  1.00 13.46 ? 102 TRP A CZ2 1 
ATOM   705  C CZ3 . TRP A 1 102 ? 8.432   2.106   -4.228  1.00 14.12 ? 102 TRP A CZ3 1 
ATOM   706  C CH2 . TRP A 1 102 ? 9.595   1.712   -3.534  1.00 14.17 ? 102 TRP A CH2 1 
ATOM   707  N N   . GLU A 1 103 ? 5.655   1.795   -9.548  1.00 14.15 ? 103 GLU A N   1 
ATOM   708  C CA  . GLU A 1 103 ? 4.484   2.224   -10.295 1.00 15.36 ? 103 GLU A CA  1 
ATOM   709  C C   . GLU A 1 103 ? 4.037   3.568   -9.697  1.00 14.23 ? 103 GLU A C   1 
ATOM   710  O O   . GLU A 1 103 ? 4.018   3.743   -8.485  1.00 13.63 ? 103 GLU A O   1 
ATOM   711  C CB  . GLU A 1 103 ? 3.377   1.163   -10.159 1.00 15.53 ? 103 GLU A CB  1 
ATOM   712  C CG  . GLU A 1 103 ? 1.960   1.636   -10.523 1.00 18.61 ? 103 GLU A CG  1 
ATOM   713  C CD  . GLU A 1 103 ? 0.879   0.563   -10.361 1.00 19.30 ? 103 GLU A CD  1 
ATOM   714  O OE1 . GLU A 1 103 ? 1.201   -0.664  -10.303 1.00 20.94 ? 103 GLU A OE1 1 
ATOM   715  O OE2 . GLU A 1 103 ? -0.306  0.975   -10.275 1.00 22.75 ? 103 GLU A OE2 1 
ATOM   716  N N   . ASN A 1 104 ? 3.720   4.527   -10.553 1.00 13.35 ? 104 ASN A N   1 
ATOM   717  C CA  . ASN A 1 104 ? 3.152   5.788   -10.084 1.00 13.41 ? 104 ASN A CA  1 
ATOM   718  C C   . ASN A 1 104 ? 1.773   5.554   -9.462  1.00 12.64 ? 104 ASN A C   1 
ATOM   719  O O   . ASN A 1 104 ? 0.829   5.150   -10.166 1.00 14.26 ? 104 ASN A O   1 
ATOM   720  C CB  . ASN A 1 104 ? 3.058   6.777   -11.260 1.00 13.39 ? 104 ASN A CB  1 
ATOM   721  C CG  . ASN A 1 104 ? 2.699   8.211   -10.830 1.00 15.25 ? 104 ASN A CG  1 
ATOM   722  O OD1 . ASN A 1 104 ? 2.180   8.461   -9.738  1.00 15.45 ? 104 ASN A OD1 1 
ATOM   723  N ND2 . ASN A 1 104 ? 2.984   9.168   -11.723 1.00 17.97 ? 104 ASN A ND2 1 
ATOM   724  N N   . VAL A 1 105 ? 1.641   5.829   -8.165  1.00 11.48 ? 105 VAL A N   1 
ATOM   725  C CA  . VAL A 1 105 ? 0.351   5.596   -7.469  1.00 10.63 ? 105 VAL A CA  1 
ATOM   726  C C   . VAL A 1 105 ? -0.344  6.855   -6.964  1.00 11.26 ? 105 VAL A C   1 
ATOM   727  O O   . VAL A 1 105 ? -1.477  6.784   -6.474  1.00 12.34 ? 105 VAL A O   1 
ATOM   728  C CB  . VAL A 1 105 ? 0.460   4.530   -6.341  1.00 10.12 ? 105 VAL A CB  1 
ATOM   729  C CG1 . VAL A 1 105 ? 0.913   3.173   -6.922  1.00 8.60  ? 105 VAL A CG1 1 
ATOM   730  C CG2 . VAL A 1 105 ? 1.380   5.013   -5.194  1.00 10.10 ? 105 VAL A CG2 1 
ATOM   731  N N   . PHE A 1 106 ? 0.339   7.990   -7.084  1.00 11.15 ? 106 PHE A N   1 
ATOM   732  C CA  . PHE A 1 106 ? -0.231  9.308   -6.767  1.00 11.17 ? 106 PHE A CA  1 
ATOM   733  C C   . PHE A 1 106 ? 0.550   10.339  -7.587  1.00 11.74 ? 106 PHE A C   1 
ATOM   734  O O   . PHE A 1 106 ? 1.733   10.530  -7.358  1.00 12.24 ? 106 PHE A O   1 
ATOM   735  C CB  . PHE A 1 106 ? -0.160  9.632   -5.248  1.00 11.47 ? 106 PHE A CB  1 
ATOM   736  C CG  . PHE A 1 106 ? -0.582  11.051  -4.914  1.00 11.82 ? 106 PHE A CG  1 
ATOM   737  C CD1 . PHE A 1 106 ? -1.707  11.611  -5.518  1.00 11.30 ? 106 PHE A CD1 1 
ATOM   738  C CD2 . PHE A 1 106 ? 0.157   11.823  -4.024  1.00 13.72 ? 106 PHE A CD2 1 
ATOM   739  C CE1 . PHE A 1 106 ? -2.090  12.917  -5.229  1.00 14.43 ? 106 PHE A CE1 1 
ATOM   740  C CE2 . PHE A 1 106 ? -0.227  13.128  -3.722  1.00 14.15 ? 106 PHE A CE2 1 
ATOM   741  C CZ  . PHE A 1 106 ? -1.346  13.674  -4.330  1.00 13.77 ? 106 PHE A CZ  1 
ATOM   742  N N   . SER A 1 107 ? -0.132  10.970  -8.546  1.00 13.01 ? 107 SER A N   1 
ATOM   743  C CA  A SER A 1 107 ? 0.482   11.931  -9.468  0.50 13.43 ? 107 SER A CA  1 
ATOM   744  C CA  B SER A 1 107 ? 0.500   11.921  -9.470  0.50 13.18 ? 107 SER A CA  1 
ATOM   745  C C   . SER A 1 107 ? 1.170   13.090  -8.764  1.00 12.94 ? 107 SER A C   1 
ATOM   746  O O   . SER A 1 107 ? 2.144   13.645  -9.274  1.00 14.33 ? 107 SER A O   1 
ATOM   747  C CB  A SER A 1 107 ? -0.564  12.476  -10.447 0.50 13.41 ? 107 SER A CB  1 
ATOM   748  C CB  B SER A 1 107 ? -0.509  12.455  -10.495 0.50 13.19 ? 107 SER A CB  1 
ATOM   749  O OG  A SER A 1 107 ? -1.082  11.426  -11.247 0.50 16.46 ? 107 SER A OG  1 
ATOM   750  O OG  B SER A 1 107 ? -1.635  13.013  -9.854  0.50 14.58 ? 107 SER A OG  1 
ATOM   751  N N   . GLY A 1 108 ? 0.650   13.470  -7.609  1.00 12.88 ? 108 GLY A N   1 
ATOM   752  C CA  . GLY A 1 108 ? 1.332   14.471  -6.783  1.00 12.33 ? 108 GLY A CA  1 
ATOM   753  C C   . GLY A 1 108 ? 0.621   15.789  -6.569  1.00 12.07 ? 108 GLY A C   1 
ATOM   754  O O   . GLY A 1 108 ? -0.409  16.086  -7.186  1.00 12.39 ? 108 GLY A O   1 
ATOM   755  N N   . TRP A 1 109 ? 1.156   16.571  -5.644  1.00 11.88 ? 109 TRP A N   1 
ATOM   756  C CA  . TRP A 1 109 ? 0.684   17.937  -5.447  1.00 12.64 ? 109 TRP A CA  1 
ATOM   757  C C   . TRP A 1 109 ? 1.851   18.781  -4.927  1.00 12.91 ? 109 TRP A C   1 
ATOM   758  O O   . TRP A 1 109 ? 2.925   18.230  -4.602  1.00 13.08 ? 109 TRP A O   1 
ATOM   759  C CB  . TRP A 1 109 ? -0.482  17.973  -4.459  1.00 12.01 ? 109 TRP A CB  1 
ATOM   760  C CG  . TRP A 1 109 ? -0.080  17.748  -3.036  1.00 12.48 ? 109 TRP A CG  1 
ATOM   761  C CD1 . TRP A 1 109 ? 0.502   16.615  -2.495  1.00 12.82 ? 109 TRP A CD1 1 
ATOM   762  C CD2 . TRP A 1 109 ? -0.244  18.667  -1.958  1.00 13.00 ? 109 TRP A CD2 1 
ATOM   763  N NE1 . TRP A 1 109 ? 0.711   16.797  -1.141  1.00 14.30 ? 109 TRP A NE1 1 
ATOM   764  C CE2 . TRP A 1 109 ? 0.270   18.048  -0.789  1.00 13.95 ? 109 TRP A CE2 1 
ATOM   765  C CE3 . TRP A 1 109 ? -0.751  19.972  -1.869  1.00 13.77 ? 109 TRP A CE3 1 
ATOM   766  C CZ2 . TRP A 1 109 ? 0.280   18.692  0.455   1.00 12.76 ? 109 TRP A CZ2 1 
ATOM   767  C CZ3 . TRP A 1 109 ? -0.740  20.611  -0.640  1.00 11.42 ? 109 TRP A CZ3 1 
ATOM   768  C CH2 . TRP A 1 109 ? -0.246  19.970  0.510   1.00 12.87 ? 109 TRP A CH2 1 
ATOM   769  N N   . CYS A 1 110 ? 1.628   20.098  -4.876  1.00 13.22 ? 110 CYS A N   1 
ATOM   770  C CA  . CYS A 1 110 ? 2.621   21.053  -4.356  1.00 13.18 ? 110 CYS A CA  1 
ATOM   771  C C   . CYS A 1 110 ? 2.021   21.850  -3.208  1.00 13.36 ? 110 CYS A C   1 
ATOM   772  O O   . CYS A 1 110 ? 0.986   22.526  -3.372  1.00 12.91 ? 110 CYS A O   1 
ATOM   773  C CB  . CYS A 1 110 ? 3.082   22.022  -5.444  1.00 13.47 ? 110 CYS A CB  1 
ATOM   774  S SG  . CYS A 1 110 ? 3.751   21.226  -6.898  1.00 14.74 ? 110 CYS A SG  1 
ATOM   775  N N   . VAL A 1 111 ? 2.676   21.788  -2.053  1.00 12.87 ? 111 VAL A N   1 
ATOM   776  C CA  . VAL A 1 111 ? 2.247   22.581  -0.907  1.00 13.26 ? 111 VAL A CA  1 
ATOM   777  C C   . VAL A 1 111 ? 2.487   24.079  -1.198  1.00 13.50 ? 111 VAL A C   1 
ATOM   778  O O   . VAL A 1 111 ? 3.392   24.412  -1.978  1.00 13.78 ? 111 VAL A O   1 
ATOM   779  C CB  . VAL A 1 111 ? 2.992   22.119  0.382   1.00 12.77 ? 111 VAL A CB  1 
ATOM   780  C CG1 . VAL A 1 111 ? 4.496   22.414  0.263   1.00 12.52 ? 111 VAL A CG1 1 
ATOM   781  C CG2 . VAL A 1 111 ? 2.370   22.757  1.633   1.00 13.76 ? 111 VAL A CG2 1 
ATOM   782  N N   . GLY A 1 112 ? 1.706   24.963  -0.555  1.00 14.43 ? 112 GLY A N   1 
ATOM   783  C CA  . GLY A 1 112 ? 1.845   26.414  -0.755  1.00 14.92 ? 112 GLY A CA  1 
ATOM   784  C C   . GLY A 1 112 ? 3.273   26.930  -0.637  1.00 15.60 ? 112 GLY A C   1 
ATOM   785  O O   . GLY A 1 112 ? 4.057   26.435  0.186   1.00 15.23 ? 112 GLY A O   1 
ATOM   786  N N   . ALA A 1 113 ? 3.609   27.928  -1.457  1.00 16.28 ? 113 ALA A N   1 
ATOM   787  C CA  . ALA A 1 113 ? 4.941   28.554  -1.427  1.00 16.34 ? 113 ALA A CA  1 
ATOM   788  C C   . ALA A 1 113 ? 5.282   29.069  -0.035  1.00 16.46 ? 113 ALA A C   1 
ATOM   789  O O   . ALA A 1 113 ? 6.439   29.113  0.334   1.00 16.33 ? 113 ALA A O   1 
ATOM   790  C CB  . ALA A 1 113 ? 5.020   29.712  -2.430  1.00 16.55 ? 113 ALA A CB  1 
ATOM   791  N N   . ASN A 1 114 ? 4.271   29.447  0.747   1.00 16.87 ? 114 ASN A N   1 
ATOM   792  C CA  . ASN A 1 114 ? 4.522   30.108  2.028   1.00 17.11 ? 114 ASN A CA  1 
ATOM   793  C C   . ASN A 1 114 ? 4.018   29.301  3.220   1.00 17.06 ? 114 ASN A C   1 
ATOM   794  O O   . ASN A 1 114 ? 4.029   29.774  4.363   1.00 16.53 ? 114 ASN A O   1 
ATOM   795  C CB  . ASN A 1 114 ? 3.836   31.495  2.035   1.00 18.06 ? 114 ASN A CB  1 
ATOM   796  C CG  . ASN A 1 114 ? 4.223   32.365  0.844   1.00 19.97 ? 114 ASN A CG  1 
ATOM   797  O OD1 . ASN A 1 114 ? 5.400   32.639  0.611   1.00 22.02 ? 114 ASN A OD1 1 
ATOM   798  N ND2 . ASN A 1 114 ? 3.221   32.819  0.093   1.00 22.27 ? 114 ASN A ND2 1 
ATOM   799  N N   . THR A 1 115 ? 3.568   28.075  2.971   1.00 16.53 ? 115 THR A N   1 
ATOM   800  C CA  . THR A 1 115 ? 2.856   27.334  4.012   1.00 16.14 ? 115 THR A CA  1 
ATOM   801  C C   . THR A 1 115 ? 3.406   25.926  4.186   1.00 16.24 ? 115 THR A C   1 
ATOM   802  O O   . THR A 1 115 ? 4.390   25.552  3.528   1.00 15.67 ? 115 THR A O   1 
ATOM   803  C CB  . THR A 1 115 ? 1.338   27.305  3.706   1.00 16.47 ? 115 THR A CB  1 
ATOM   804  O OG1 . THR A 1 115 ? 1.113   26.634  2.456   1.00 18.31 ? 115 THR A OG1 1 
ATOM   805  C CG2 . THR A 1 115 ? 0.782   28.728  3.629   1.00 16.60 ? 115 THR A CG2 1 
ATOM   806  N N   . ALA A 1 116 ? 2.795   25.164  5.092   1.00 16.86 ? 116 ALA A N   1 
ATOM   807  C CA  . ALA A 1 116 ? 3.247   23.796  5.387   1.00 16.69 ? 116 ALA A CA  1 
ATOM   808  C C   . ALA A 1 116 ? 2.069   22.840  5.435   1.00 17.25 ? 116 ALA A C   1 
ATOM   809  O O   . ALA A 1 116 ? 0.928   23.250  5.680   1.00 18.01 ? 116 ALA A O   1 
ATOM   810  C CB  . ALA A 1 116 ? 4.010   23.747  6.690   1.00 17.02 ? 116 ALA A CB  1 
ATOM   811  N N   . SER A 1 117 ? 2.358   21.561  5.197   1.00 16.33 ? 117 SER A N   1 
ATOM   812  C CA  . SER A 1 117 ? 1.368   20.517  5.278   1.00 15.51 ? 117 SER A CA  1 
ATOM   813  C C   . SER A 1 117 ? 2.106   19.188  5.405   1.00 14.43 ? 117 SER A C   1 
ATOM   814  O O   . SER A 1 117 ? 3.267   19.134  5.853   1.00 13.96 ? 117 SER A O   1 
ATOM   815  C CB  . SER A 1 117 ? 0.459   20.526  4.041   1.00 15.66 ? 117 SER A CB  1 
ATOM   816  O OG  . SER A 1 117 ? -0.664  19.678  4.234   1.00 18.81 ? 117 SER A OG  1 
ATOM   817  N N   . THR A 1 118 ? 1.424   18.106  5.043   1.00 13.11 ? 118 THR A N   1 
ATOM   818  C CA  . THR A 1 118 ? 2.039   16.796  5.086   1.00 11.56 ? 118 THR A CA  1 
ATOM   819  C C   . THR A 1 118 ? 1.666   16.039  3.823   1.00 10.62 ? 118 THR A C   1 
ATOM   820  O O   . THR A 1 118 ? 0.692   16.394  3.127   1.00 9.62  ? 118 THR A O   1 
ATOM   821  C CB  . THR A 1 118 ? 1.521   15.956  6.287   1.00 11.19 ? 118 THR A CB  1 
ATOM   822  O OG1 . THR A 1 118 ? 0.103   15.823  6.166   1.00 11.79 ? 118 THR A OG1 1 
ATOM   823  C CG2 . THR A 1 118 ? 1.905   16.603  7.650   1.00 11.51 ? 118 THR A CG2 1 
ATOM   824  N N   . GLN A 1 119 ? 2.420   14.982  3.554   1.00 10.44 ? 119 GLN A N   1 
ATOM   825  C CA  . GLN A 1 119 ? 2.082   14.001  2.523   1.00 10.88 ? 119 GLN A CA  1 
ATOM   826  C C   . GLN A 1 119 ? 1.833   12.639  3.206   1.00 11.03 ? 119 GLN A C   1 
ATOM   827  O O   . GLN A 1 119 ? 2.680   12.163  3.984   1.00 11.40 ? 119 GLN A O   1 
ATOM   828  C CB  . GLN A 1 119 ? 3.229   13.893  1.486   1.00 10.28 ? 119 GLN A CB  1 
ATOM   829  C CG  . GLN A 1 119 ? 3.022   12.768  0.440   1.00 10.12 ? 119 GLN A CG  1 
ATOM   830  C CD  . GLN A 1 119 ? 1.762   12.992  -0.374  1.00 10.60 ? 119 GLN A CD  1 
ATOM   831  O OE1 . GLN A 1 119 ? 1.501   14.122  -0.798  1.00 11.51 ? 119 GLN A OE1 1 
ATOM   832  N NE2 . GLN A 1 119 ? 0.961   11.930  -0.574  1.00 11.11 ? 119 GLN A NE2 1 
ATOM   833  N N   . GLY A 1 120 ? 0.670   12.026  2.927   1.00 11.52 ? 120 GLY A N   1 
ATOM   834  C CA  . GLY A 1 120 ? 0.289   10.752  3.529   1.00 10.57 ? 120 GLY A CA  1 
ATOM   835  C C   . GLY A 1 120 ? 0.243   9.619   2.520   1.00 10.38 ? 120 GLY A C   1 
ATOM   836  O O   . GLY A 1 120 ? 0.648   9.777   1.363   1.00 10.19 ? 120 GLY A O   1 
ATOM   837  N N   . LEU A 1 121 ? -0.255  8.471   2.950   1.00 10.30 ? 121 LEU A N   1 
ATOM   838  C CA  . LEU A 1 121 ? -0.417  7.349   2.027   1.00 10.43 ? 121 LEU A CA  1 
ATOM   839  C C   . LEU A 1 121 ? -1.450  6.356   2.543   1.00 10.83 ? 121 LEU A C   1 
ATOM   840  O O   . LEU A 1 121 ? -1.876  6.416   3.701   1.00 10.14 ? 121 LEU A O   1 
ATOM   841  C CB  . LEU A 1 121 ? 0.942   6.666   1.769   1.00 10.30 ? 121 LEU A CB  1 
ATOM   842  C CG  . LEU A 1 121 ? 1.724   6.209   3.011   1.00 10.96 ? 121 LEU A CG  1 
ATOM   843  C CD1 . LEU A 1 121 ? 1.093   4.951   3.677   1.00 12.30 ? 121 LEU A CD1 1 
ATOM   844  C CD2 . LEU A 1 121 ? 3.219   6.023   2.723   1.00 10.91 ? 121 LEU A CD2 1 
ATOM   845  N N   . SER A 1 122 ? -1.822  5.420   1.671   1.00 11.01 ? 122 SER A N   1 
ATOM   846  C CA  . SER A 1 122 ? -2.719  4.333   2.036   1.00 11.51 ? 122 SER A CA  1 
ATOM   847  C C   . SER A 1 122 ? -2.319  3.070   1.281   1.00 11.64 ? 122 SER A C   1 
ATOM   848  O O   . SER A 1 122 ? -1.864  3.133   0.140   1.00 11.21 ? 122 SER A O   1 
ATOM   849  C CB  . SER A 1 122 ? -4.193  4.696   1.772   1.00 11.89 ? 122 SER A CB  1 
ATOM   850  O OG  . SER A 1 122 ? -4.488  4.754   0.387   1.00 13.83 ? 122 SER A OG  1 
ATOM   851  N N   . VAL A 1 123 ? -2.472  1.933   1.959   1.00 11.96 ? 123 VAL A N   1 
ATOM   852  C CA  . VAL A 1 123 ? -2.299  0.625   1.350   1.00 12.80 ? 123 VAL A CA  1 
ATOM   853  C C   . VAL A 1 123 ? -3.544  -0.163  1.713   1.00 12.83 ? 123 VAL A C   1 
ATOM   854  O O   . VAL A 1 123 ? -3.990  -0.146  2.868   1.00 12.95 ? 123 VAL A O   1 
ATOM   855  C CB  . VAL A 1 123 ? -1.024  -0.086  1.838   1.00 12.88 ? 123 VAL A CB  1 
ATOM   856  C CG1 . VAL A 1 123 ? -0.916  -1.518  1.238   1.00 14.01 ? 123 VAL A CG1 1 
ATOM   857  C CG2 . VAL A 1 123 ? 0.212   0.734   1.452   1.00 13.01 ? 123 VAL A CG2 1 
ATOM   858  N N   . ARG A 1 124 ? -4.100  -0.840  0.722   1.00 12.58 ? 124 ARG A N   1 
ATOM   859  C CA  . ARG A 1 124 ? -5.336  -1.581  0.927   1.00 12.65 ? 124 ARG A CA  1 
ATOM   860  C C   . ARG A 1 124 ? -5.261  -2.879  0.136   1.00 12.69 ? 124 ARG A C   1 
ATOM   861  O O   . ARG A 1 124 ? -4.806  -2.893  -1.010  1.00 12.30 ? 124 ARG A O   1 
ATOM   862  C CB  . ARG A 1 124 ? -6.536  -0.728  0.485   1.00 13.13 ? 124 ARG A CB  1 
ATOM   863  C CG  . ARG A 1 124 ? -7.872  -1.347  0.803   1.00 15.32 ? 124 ARG A CG  1 
ATOM   864  C CD  . ARG A 1 124 ? -9.017  -0.465  0.348   1.00 16.44 ? 124 ARG A CD  1 
ATOM   865  N NE  . ARG A 1 124 ? -9.207  -0.508  -1.099  1.00 15.59 ? 124 ARG A NE  1 
ATOM   866  C CZ  . ARG A 1 124 ? -9.975  -1.391  -1.740  1.00 17.77 ? 124 ARG A CZ  1 
ATOM   867  N NH1 . ARG A 1 124 ? -10.635 -2.320  -1.074  1.00 18.07 ? 124 ARG A NH1 1 
ATOM   868  N NH2 . ARG A 1 124 ? -10.099 -1.334  -3.055  1.00 18.76 ? 124 ARG A NH2 1 
ATOM   869  N N   . VAL A 1 125 ? -5.673  -3.980  0.752   1.00 11.70 ? 125 VAL A N   1 
ATOM   870  C CA  . VAL A 1 125 ? -5.693  -5.261  0.044   1.00 11.81 ? 125 VAL A CA  1 
ATOM   871  C C   . VAL A 1 125 ? -7.028  -5.992  0.244   1.00 11.83 ? 125 VAL A C   1 
ATOM   872  O O   . VAL A 1 125 ? -7.721  -5.780  1.236   1.00 11.68 ? 125 VAL A O   1 
ATOM   873  C CB  . VAL A 1 125 ? -4.523  -6.188  0.460   1.00 12.50 ? 125 VAL A CB  1 
ATOM   874  C CG1 . VAL A 1 125 ? -3.184  -5.449  0.353   1.00 12.02 ? 125 VAL A CG1 1 
ATOM   875  C CG2 . VAL A 1 125 ? -4.738  -6.756  1.872   1.00 13.02 ? 125 VAL A CG2 1 
ATOM   876  N N   . THR A 1 126 ? -7.368  -6.867  -0.694  1.00 12.66 ? 126 THR A N   1 
ATOM   877  C CA  . THR A 1 126 ? -8.539  -7.723  -0.540  1.00 13.16 ? 126 THR A CA  1 
ATOM   878  C C   . THR A 1 126 ? -8.128  -9.140  -0.863  1.00 13.87 ? 126 THR A C   1 
ATOM   879  O O   . THR A 1 126 ? -7.555  -9.385  -1.931  1.00 13.32 ? 126 THR A O   1 
ATOM   880  C CB  . THR A 1 126 ? -9.757  -7.288  -1.417  1.00 13.62 ? 126 THR A CB  1 
ATOM   881  O OG1 . THR A 1 126 ? -9.409  -7.326  -2.795  1.00 15.10 ? 126 THR A OG1 1 
ATOM   882  C CG2 . THR A 1 126 ? -10.244 -5.897  -1.053  1.00 13.73 ? 126 THR A CG2 1 
ATOM   883  N N   . PRO A 1 127 ? -8.415  -10.085 0.065   1.00 14.54 ? 127 PRO A N   1 
ATOM   884  C CA  . PRO A 1 127 ? -8.015  -11.482 -0.119  1.00 14.94 ? 127 PRO A CA  1 
ATOM   885  C C   . PRO A 1 127 ? -8.775  -12.139 -1.267  1.00 14.54 ? 127 PRO A C   1 
ATOM   886  O O   . PRO A 1 127 ? -9.915  -11.763 -1.574  1.00 13.45 ? 127 PRO A O   1 
ATOM   887  C CB  . PRO A 1 127 ? -8.368  -12.144 1.226   1.00 14.83 ? 127 PRO A CB  1 
ATOM   888  C CG  . PRO A 1 127 ? -8.665  -11.005 2.171   1.00 16.10 ? 127 PRO A CG  1 
ATOM   889  C CD  . PRO A 1 127 ? -9.173  -9.898  1.316   1.00 14.88 ? 127 PRO A CD  1 
ATOM   890  N N   . VAL A 1 128 ? -8.104  -13.069 -1.933  1.00 14.73 ? 128 VAL A N   1 
ATOM   891  C CA  . VAL A 1 128 ? -8.694  -13.825 -3.040  1.00 15.63 ? 128 VAL A CA  1 
ATOM   892  C C   . VAL A 1 128 ? -8.425  -15.300 -2.796  1.00 16.42 ? 128 VAL A C   1 
ATOM   893  O O   . VAL A 1 128 ? -7.272  -15.677 -2.560  1.00 15.64 ? 128 VAL A O   1 
ATOM   894  C CB  . VAL A 1 128 ? -8.085  -13.417 -4.413  1.00 16.25 ? 128 VAL A CB  1 
ATOM   895  C CG1 . VAL A 1 128 ? -8.802  -14.130 -5.549  1.00 15.94 ? 128 VAL A CG1 1 
ATOM   896  C CG2 . VAL A 1 128 ? -8.178  -11.894 -4.629  1.00 14.77 ? 128 VAL A CG2 1 
ATOM   897  N N   . ILE A 1 129 ? -9.486  -16.114 -2.827  1.00 17.44 ? 129 ILE A N   1 
ATOM   898  C CA  . ILE A 1 129 ? -9.326  -17.575 -2.837  1.00 19.35 ? 129 ILE A CA  1 
ATOM   899  C C   . ILE A 1 129 ? -8.992  -17.985 -4.257  1.00 20.09 ? 129 ILE A C   1 
ATOM   900  O O   . ILE A 1 129 ? -9.760  -17.726 -5.181  1.00 19.91 ? 129 ILE A O   1 
ATOM   901  C CB  . ILE A 1 129 ? -10.590 -18.353 -2.375  1.00 19.34 ? 129 ILE A CB  1 
ATOM   902  C CG1 . ILE A 1 129 ? -11.038 -17.935 -0.969  1.00 20.89 ? 129 ILE A CG1 1 
ATOM   903  C CG2 . ILE A 1 129 ? -10.354 -19.887 -2.463  1.00 19.38 ? 129 ILE A CG2 1 
ATOM   904  C CD1 . ILE A 1 129 ? -9.993  -18.085 0.087   1.00 24.90 ? 129 ILE A CD1 1 
ATOM   905  N N   . LEU A 1 130 ? -7.825  -18.606 -4.408  1.00 21.71 ? 130 LEU A N   1 
ATOM   906  C CA  . LEU A 1 130 ? -7.308  -19.036 -5.695  1.00 24.03 ? 130 LEU A CA  1 
ATOM   907  C C   . LEU A 1 130 ? -7.687  -20.495 -5.925  1.00 25.99 ? 130 LEU A C   1 
ATOM   908  O O   . LEU A 1 130 ? -7.957  -20.897 -7.060  1.00 26.72 ? 130 LEU A O   1 
ATOM   909  C CB  . LEU A 1 130 ? -5.784  -18.933 -5.698  1.00 23.23 ? 130 LEU A CB  1 
ATOM   910  C CG  . LEU A 1 130 ? -5.191  -17.558 -5.387  1.00 22.50 ? 130 LEU A CG  1 
ATOM   911  C CD1 . LEU A 1 130 ? -3.692  -17.624 -5.356  1.00 22.21 ? 130 LEU A CD1 1 
ATOM   912  C CD2 . LEU A 1 130 ? -5.670  -16.570 -6.438  1.00 22.24 ? 130 LEU A CD2 1 
ATOM   913  N N   . LYS A 1 131 ? -7.670  -21.264 -4.838  1.00 28.03 ? 131 LYS A N   1 
ATOM   914  C CA  . LYS A 1 131 ? -7.939  -22.703 -4.873  1.00 30.11 ? 131 LYS A CA  1 
ATOM   915  C C   . LYS A 1 131 ? -8.439  -23.180 -3.515  1.00 30.98 ? 131 LYS A C   1 
ATOM   916  O O   . LYS A 1 131 ? -7.940  -22.757 -2.476  1.00 31.44 ? 131 LYS A O   1 
ATOM   917  C CB  . LYS A 1 131 ? -6.674  -23.473 -5.280  1.00 30.11 ? 131 LYS A CB  1 
ATOM   918  N N   . ARG A 1 132 ? -9.425  -24.069 -3.531  1.00 32.73 ? 132 ARG A N   1 
ATOM   919  C CA  . ARG A 1 132 ? -10.046 -24.565 -2.308  1.00 33.88 ? 132 ARG A CA  1 
ATOM   920  C C   . ARG A 1 132 ? -9.466  -25.879 -1.798  1.00 34.92 ? 132 ARG A C   1 
ATOM   921  O O   . ARG A 1 132 ? -9.086  -26.763 -2.588  1.00 35.63 ? 132 ARG A O   1 
ATOM   922  C CB  . ARG A 1 132 ? -11.546 -24.706 -2.509  1.00 34.06 ? 132 ARG A CB  1 
ATOM   923  C CG  . ARG A 1 132 ? -12.274 -23.382 -2.443  1.00 34.70 ? 132 ARG A CG  1 
ATOM   924  C CD  . ARG A 1 132 ? -13.772 -23.574 -2.445  1.00 36.25 ? 132 ARG A CD  1 
ATOM   925  N NE  . ARG A 1 132 ? -14.480 -22.324 -2.186  1.00 36.45 ? 132 ARG A NE  1 
ATOM   926  C CZ  . ARG A 1 132 ? -14.935 -21.502 -3.130  1.00 37.68 ? 132 ARG A CZ  1 
ATOM   927  N NH1 . ARG A 1 132 ? -14.759 -21.775 -4.414  1.00 37.32 ? 132 ARG A NH1 1 
ATOM   928  N NH2 . ARG A 1 132 ? -15.564 -20.392 -2.784  1.00 37.92 ? 132 ARG A NH2 1 
ATOM   929  N N   . ASN A 1 133 ? -9.396  -25.980 -0.471  1.00 35.55 ? 133 ASN A N   1 
ATOM   930  C CA  . ASN A 1 133 ? -9.077  -27.215 0.233   1.00 36.12 ? 133 ASN A CA  1 
ATOM   931  C C   . ASN A 1 133 ? -10.380 -27.833 0.743   1.00 36.36 ? 133 ASN A C   1 
ATOM   932  O O   . ASN A 1 133 ? -10.506 -29.046 0.829   1.00 36.71 ? 133 ASN A O   1 
ATOM   933  C CB  . ASN A 1 133 ? -8.129  -26.938 1.410   1.00 35.93 ? 133 ASN A CB  1 
ATOM   934  N N   . ALA A 1 136 ? -12.119 -25.491 4.351   1.00 20.00 ? 136 ALA A N   1 
ATOM   935  C CA  . ALA A 1 136 ? -12.570 -24.172 3.926   1.00 20.00 ? 136 ALA A CA  1 
ATOM   936  C C   . ALA A 1 136 ? -12.333 -23.131 5.015   1.00 20.00 ? 136 ALA A C   1 
ATOM   937  O O   . ALA A 1 136 ? -13.226 -22.405 5.460   1.00 29.61 ? 136 ALA A O   1 
ATOM   938  C CB  . ALA A 1 136 ? -14.041 -24.213 3.541   1.00 20.00 ? 136 ALA A CB  1 
ATOM   939  N N   . ARG A 1 137 ? -11.093 -23.119 5.411   1.00 28.34 ? 137 ARG A N   1 
ATOM   940  C CA  . ARG A 1 137 ? -10.548 -22.201 6.357   1.00 27.82 ? 137 ARG A CA  1 
ATOM   941  C C   . ARG A 1 137 ? -9.116  -22.053 5.924   1.00 26.65 ? 137 ARG A C   1 
ATOM   942  O O   . ARG A 1 137 ? -8.405  -23.010 5.845   1.00 26.29 ? 137 ARG A O   1 
ATOM   943  C CB  . ARG A 1 137 ? -10.617 -22.787 7.714   1.00 28.16 ? 137 ARG A CB  1 
ATOM   944  C CG  . ARG A 1 137 ? -10.086 -21.925 8.811   1.00 30.20 ? 137 ARG A CG  1 
ATOM   945  C CD  . ARG A 1 137 ? -10.932 -22.159 9.994   1.00 32.92 ? 137 ARG A CD  1 
ATOM   946  N NE  . ARG A 1 137 ? -10.745 -21.302 11.137  1.00 35.57 ? 137 ARG A NE  1 
ATOM   947  C CZ  . ARG A 1 137 ? -9.664  -21.289 11.892  1.00 38.84 ? 137 ARG A CZ  1 
ATOM   948  N NH1 . ARG A 1 137 ? -8.632  -22.045 11.561  1.00 40.11 ? 137 ARG A NH1 1 
ATOM   949  N NH2 . ARG A 1 137 ? -9.580  -20.495 12.945  1.00 38.89 ? 137 ARG A NH2 1 
ATOM   950  N N   . TYR A 1 138 ? -8.733  -20.831 5.600   1.00 24.95 ? 138 TYR A N   1 
ATOM   951  C CA  . TYR A 1 138 ? -7.408  -20.569 5.047   1.00 23.64 ? 138 TYR A CA  1 
ATOM   952  C C   . TYR A 1 138 ? -6.711  -19.508 5.863   1.00 22.17 ? 138 TYR A C   1 
ATOM   953  O O   . TYR A 1 138 ? -7.242  -18.423 6.047   1.00 21.39 ? 138 TYR A O   1 
ATOM   954  C CB  . TYR A 1 138 ? -7.517  -20.158 3.573   1.00 24.45 ? 138 TYR A CB  1 
ATOM   955  C CG  . TYR A 1 138 ? -8.425  -21.098 2.815   1.00 25.63 ? 138 TYR A CG  1 
ATOM   956  C CD1 . TYR A 1 138 ? -7.956  -22.329 2.352   1.00 27.37 ? 138 TYR A CD1 1 
ATOM   957  C CD2 . TYR A 1 138 ? -9.775  -20.793 2.636   1.00 27.09 ? 138 TYR A CD2 1 
ATOM   958  C CE1 . TYR A 1 138 ? -8.812  -23.220 1.687   1.00 28.17 ? 138 TYR A CE1 1 
ATOM   959  C CE2 . TYR A 1 138 ? -10.638 -21.665 1.982   1.00 27.25 ? 138 TYR A CE2 1 
ATOM   960  C CZ  . TYR A 1 138 ? -10.153 -22.870 1.506   1.00 27.94 ? 138 TYR A CZ  1 
ATOM   961  O OH  . TYR A 1 138 ? -11.005 -23.731 0.849   1.00 28.58 ? 138 TYR A OH  1 
ATOM   962  N N   . SER A 1 139 ? -5.532  -19.849 6.380   1.00 21.19 ? 139 SER A N   1 
ATOM   963  C CA  . SER A 1 139 ? -4.760  -18.917 7.197   1.00 20.70 ? 139 SER A CA  1 
ATOM   964  C C   . SER A 1 139 ? -3.520  -18.459 6.466   1.00 19.71 ? 139 SER A C   1 
ATOM   965  O O   . SER A 1 139 ? -2.914  -19.217 5.706   1.00 18.82 ? 139 SER A O   1 
ATOM   966  C CB  . SER A 1 139 ? -4.366  -19.549 8.521   1.00 21.30 ? 139 SER A CB  1 
ATOM   967  O OG  . SER A 1 139 ? -5.513  -19.763 9.333   1.00 23.93 ? 139 SER A OG  1 
ATOM   968  N N   . VAL A 1 140 ? -3.176  -17.192 6.675   1.00 18.71 ? 140 VAL A N   1 
ATOM   969  C CA  A VAL A 1 140 ? -1.993  -16.590 6.077   0.33 18.43 ? 140 VAL A CA  1 
ATOM   970  C CA  B VAL A 1 140 ? -1.970  -16.630 6.094   0.33 18.36 ? 140 VAL A CA  1 
ATOM   971  C CA  C VAL A 1 140 ? -1.946  -16.655 6.103   0.33 18.39 ? 140 VAL A CA  1 
ATOM   972  C C   . VAL A 1 140 ? -1.149  -15.973 7.198   1.00 18.30 ? 140 VAL A C   1 
ATOM   973  O O   . VAL A 1 140 ? -1.700  -15.339 8.080   1.00 17.61 ? 140 VAL A O   1 
ATOM   974  C CB  A VAL A 1 140 ? -2.412  -15.508 5.038   0.33 18.53 ? 140 VAL A CB  1 
ATOM   975  C CB  B VAL A 1 140 ? -2.302  -15.640 4.938   0.33 18.47 ? 140 VAL A CB  1 
ATOM   976  C CB  C VAL A 1 140 ? -2.176  -15.691 4.888   0.33 18.49 ? 140 VAL A CB  1 
ATOM   977  C CG1 A VAL A 1 140 ? -1.251  -14.619 4.664   0.33 18.63 ? 140 VAL A CG1 1 
ATOM   978  C CG1 B VAL A 1 140 ? -2.600  -14.237 5.457   0.33 18.28 ? 140 VAL A CG1 1 
ATOM   979  C CG1 C VAL A 1 140 ? -3.014  -16.361 3.788   0.33 18.01 ? 140 VAL A CG1 1 
ATOM   980  C CG2 A VAL A 1 140 ? -3.023  -16.158 3.790   0.33 18.11 ? 140 VAL A CG2 1 
ATOM   981  C CG2 B VAL A 1 140 ? -1.175  -15.609 3.939   0.33 17.87 ? 140 VAL A CG2 1 
ATOM   982  C CG2 C VAL A 1 140 ? -2.795  -14.375 5.327   0.33 18.37 ? 140 VAL A CG2 1 
ATOM   983  N N   . GLN A 1 141 ? 0.171   -16.145 7.147   1.00 18.31 ? 141 GLN A N   1 
ATOM   984  C CA  . GLN A 1 141 ? 1.031   -15.539 8.160   1.00 19.13 ? 141 GLN A CA  1 
ATOM   985  C C   . GLN A 1 141 ? 1.505   -14.157 7.752   1.00 18.66 ? 141 GLN A C   1 
ATOM   986  O O   . GLN A 1 141 ? 1.252   -13.708 6.623   1.00 19.89 ? 141 GLN A O   1 
ATOM   987  C CB  . GLN A 1 141 ? 2.232   -16.438 8.466   1.00 19.44 ? 141 GLN A CB  1 
ATOM   988  C CG  . GLN A 1 141 ? 1.826   -17.865 8.792   1.00 21.08 ? 141 GLN A CG  1 
ATOM   989  C CD  . GLN A 1 141 ? 0.739   -17.927 9.850   1.00 21.96 ? 141 GLN A CD  1 
ATOM   990  O OE1 . GLN A 1 141 ? -0.266  -18.620 9.681   1.00 23.97 ? 141 GLN A OE1 1 
ATOM   991  N NE2 . GLN A 1 141 ? 0.928   -17.188 10.941  1.00 21.57 ? 141 GLN A NE2 1 
ATOM   992  N N   . LYS A 1 142 ? 2.175   -13.496 8.689   1.00 18.52 ? 142 LYS A N   1 
ATOM   993  C CA  . LYS A 1 142 ? 2.708   -12.156 8.487   1.00 18.47 ? 142 LYS A CA  1 
ATOM   994  C C   . LYS A 1 142 ? 3.683   -12.225 7.324   1.00 18.37 ? 142 LYS A C   1 
ATOM   995  O O   . LYS A 1 142 ? 4.524   -13.124 7.265   1.00 17.53 ? 142 LYS A O   1 
ATOM   996  C CB  . LYS A 1 142 ? 3.406   -11.680 9.759   1.00 18.57 ? 142 LYS A CB  1 
ATOM   997  C CG  . LYS A 1 142 ? 3.883   -10.258 9.726   1.00 20.05 ? 142 LYS A CG  1 
ATOM   998  C CD  . LYS A 1 142 ? 3.940   -9.718  11.167  1.00 24.81 ? 142 LYS A CD  1 
ATOM   999  C CE  . LYS A 1 142 ? 4.265   -8.242  11.218  1.00 26.51 ? 142 LYS A CE  1 
ATOM   1000 N NZ  . LYS A 1 142 ? 3.347   -7.490  10.357  1.00 29.57 ? 142 LYS A NZ  1 
ATOM   1001 N N   . THR A 1 143 ? 3.547   -11.298 6.384   1.00 17.62 ? 143 THR A N   1 
ATOM   1002 C CA  . THR A 1 143 ? 4.205   -11.428 5.089   1.00 17.80 ? 143 THR A CA  1 
ATOM   1003 C C   . THR A 1 143 ? 4.536   -10.027 4.575   1.00 16.33 ? 143 THR A C   1 
ATOM   1004 O O   . THR A 1 143 ? 3.661   -9.162  4.557   1.00 15.16 ? 143 THR A O   1 
ATOM   1005 C CB  . THR A 1 143 ? 3.235   -12.079 4.046   1.00 18.79 ? 143 THR A CB  1 
ATOM   1006 O OG1 . THR A 1 143 ? 2.867   -13.408 4.448   1.00 21.64 ? 143 THR A OG1 1 
ATOM   1007 C CG2 . THR A 1 143 ? 3.856   -12.123 2.673   1.00 19.18 ? 143 THR A CG2 1 
ATOM   1008 N N   . SER A 1 144 ? 5.783   -9.804  4.162   1.00 16.19 ? 144 SER A N   1 
ATOM   1009 C CA  . SER A 1 144 ? 6.134   -8.560  3.486   1.00 15.81 ? 144 SER A CA  1 
ATOM   1010 C C   . SER A 1 144 ? 5.289   -8.393  2.206   1.00 15.03 ? 144 SER A C   1 
ATOM   1011 O O   . SER A 1 144 ? 5.165   -9.335  1.398   1.00 14.63 ? 144 SER A O   1 
ATOM   1012 C CB  . SER A 1 144 ? 7.626   -8.531  3.142   1.00 16.76 ? 144 SER A CB  1 
ATOM   1013 O OG  . SER A 1 144 ? 7.948   -7.365  2.388   1.00 19.53 ? 144 SER A OG  1 
ATOM   1014 N N   . ILE A 1 145 ? 4.718   -7.196  2.031   1.00 13.06 ? 145 ILE A N   1 
ATOM   1015 C CA  . ILE A 1 145 ? 3.988   -6.846  0.812   1.00 13.15 ? 145 ILE A CA  1 
ATOM   1016 C C   . ILE A 1 145 ? 4.827   -6.049  -0.191  1.00 12.82 ? 145 ILE A C   1 
ATOM   1017 O O   . ILE A 1 145 ? 4.861   -6.355  -1.377  1.00 11.70 ? 145 ILE A O   1 
ATOM   1018 C CB  . ILE A 1 145 ? 2.723   -6.004  1.121   1.00 12.78 ? 145 ILE A CB  1 
ATOM   1019 C CG1 . ILE A 1 145 ? 1.717   -6.829  1.925   1.00 11.77 ? 145 ILE A CG1 1 
ATOM   1020 C CG2 . ILE A 1 145 ? 2.098   -5.469  -0.212  1.00 13.72 ? 145 ILE A CG2 1 
ATOM   1021 C CD1 . ILE A 1 145 ? 0.644   -5.988  2.600   1.00 11.96 ? 145 ILE A CD1 1 
ATOM   1022 N N   . GLY A 1 146 ? 5.472   -4.992  0.289   1.00 12.02 ? 146 GLY A N   1 
ATOM   1023 C CA  . GLY A 1 146 ? 6.184   -4.097  -0.603  1.00 11.52 ? 146 GLY A CA  1 
ATOM   1024 C C   . GLY A 1 146 ? 6.434   -2.772  0.082   1.00 10.73 ? 146 GLY A C   1 
ATOM   1025 O O   . GLY A 1 146 ? 6.559   -2.717  1.295   1.00 10.99 ? 146 GLY A O   1 
ATOM   1026 N N   . SER A 1 147 ? 6.505   -1.707  -0.707  1.00 10.27 ? 147 SER A N   1 
ATOM   1027 C CA  A SER A 1 147 ? 6.972   -0.414  -0.229  0.70 10.60 ? 147 SER A CA  1 
ATOM   1028 C CA  B SER A 1 147 ? 6.908   -0.411  -0.188  0.30 10.44 ? 147 SER A CA  1 
ATOM   1029 C C   . SER A 1 147 ? 6.330   0.740   -0.994  1.00 10.53 ? 147 SER A C   1 
ATOM   1030 O O   . SER A 1 147 ? 5.821   0.551   -2.100  1.00 10.34 ? 147 SER A O   1 
ATOM   1031 C CB  A SER A 1 147 ? 8.491   -0.307  -0.414  0.70 10.50 ? 147 SER A CB  1 
ATOM   1032 C CB  B SER A 1 147 ? 8.435   -0.303  -0.167  0.30 10.45 ? 147 SER A CB  1 
ATOM   1033 O OG  A SER A 1 147 ? 9.174   -1.335  0.288   0.70 11.42 ? 147 SER A OG  1 
ATOM   1034 O OG  B SER A 1 147 ? 8.981   -0.586  -1.440  0.30 10.06 ? 147 SER A OG  1 
ATOM   1035 N N   . ILE A 1 148 ? 6.408   1.932   -0.417  1.00 10.96 ? 148 ILE A N   1 
ATOM   1036 C CA  . ILE A 1 148 ? 5.983   3.154   -1.091  1.00 11.64 ? 148 ILE A CA  1 
ATOM   1037 C C   . ILE A 1 148 ? 7.104   4.147   -0.908  1.00 12.29 ? 148 ILE A C   1 
ATOM   1038 O O   . ILE A 1 148 ? 7.709   4.186   0.165   1.00 12.77 ? 148 ILE A O   1 
ATOM   1039 C CB  . ILE A 1 148 ? 4.666   3.714   -0.494  1.00 12.21 ? 148 ILE A CB  1 
ATOM   1040 C CG1 . ILE A 1 148 ? 3.477   2.879   -0.978  1.00 10.01 ? 148 ILE A CG1 1 
ATOM   1041 C CG2 . ILE A 1 148 ? 4.467   5.216   -0.845  1.00 10.63 ? 148 ILE A CG2 1 
ATOM   1042 C CD1 . ILE A 1 148 ? 2.132   3.322   -0.376  1.00 10.88 ? 148 ILE A CD1 1 
ATOM   1043 N N   . ARG A 1 149 ? 7.400   4.929   -1.942  1.00 12.30 ? 149 ARG A N   1 
ATOM   1044 C CA  . ARG A 1 149 ? 8.432   5.942   -1.799  1.00 13.72 ? 149 ARG A CA  1 
ATOM   1045 C C   . ARG A 1 149 ? 7.858   7.273   -2.233  1.00 13.74 ? 149 ARG A C   1 
ATOM   1046 O O   . ARG A 1 149 ? 7.047   7.321   -3.159  1.00 13.09 ? 149 ARG A O   1 
ATOM   1047 C CB  . ARG A 1 149 ? 9.668   5.572   -2.628  1.00 14.23 ? 149 ARG A CB  1 
ATOM   1048 C CG  . ARG A 1 149 ? 9.729   6.277   -3.950  1.00 17.43 ? 149 ARG A CG  1 
ATOM   1049 C CD  . ARG A 1 149 ? 9.777   5.403   -5.163  1.00 22.82 ? 149 ARG A CD  1 
ATOM   1050 N NE  . ARG A 1 149 ? 11.108  4.960   -5.522  1.00 25.74 ? 149 ARG A NE  1 
ATOM   1051 C CZ  . ARG A 1 149 ? 11.524  4.642   -6.751  1.00 22.47 ? 149 ARG A CZ  1 
ATOM   1052 N NH1 . ARG A 1 149 ? 10.759  4.778   -7.828  1.00 24.54 ? 149 ARG A NH1 1 
ATOM   1053 N NH2 . ARG A 1 149 ? 12.755  4.207   -6.898  1.00 19.52 ? 149 ARG A NH2 1 
ATOM   1054 N N   . MET A 1 150 ? 8.242   8.346   -1.546  1.00 14.03 ? 150 MET A N   1 
ATOM   1055 C CA  . MET A 1 150 ? 7.888   9.670   -2.016  1.00 15.64 ? 150 MET A CA  1 
ATOM   1056 C C   . MET A 1 150 ? 8.657   9.981   -3.294  1.00 14.02 ? 150 MET A C   1 
ATOM   1057 O O   . MET A 1 150 ? 9.807   9.559   -3.462  1.00 13.70 ? 150 MET A O   1 
ATOM   1058 C CB  . MET A 1 150 ? 8.165   10.731  -0.949  1.00 15.92 ? 150 MET A CB  1 
ATOM   1059 C CG  . MET A 1 150 ? 9.623   10.884  -0.517  1.00 18.66 ? 150 MET A CG  1 
ATOM   1060 S SD  . MET A 1 150 ? 9.914   12.598  -0.041  1.00 21.05 ? 150 MET A SD  1 
ATOM   1061 C CE  . MET A 1 150 ? 11.546  12.519  0.700   1.00 19.67 ? 150 MET A CE  1 
ATOM   1062 N N   . ARG A 1 151 ? 8.015   10.713  -4.189  1.00 12.58 ? 151 ARG A N   1 
ATOM   1063 C CA  . ARG A 1 151 ? 8.630   11.060  -5.461  1.00 12.04 ? 151 ARG A CA  1 
ATOM   1064 C C   . ARG A 1 151 ? 8.572   12.576  -5.569  1.00 11.98 ? 151 ARG A C   1 
ATOM   1065 O O   . ARG A 1 151 ? 7.549   13.119  -5.956  1.00 11.74 ? 151 ARG A O   1 
ATOM   1066 C CB  . ARG A 1 151 ? 7.890   10.358  -6.633  1.00 12.24 ? 151 ARG A CB  1 
ATOM   1067 C CG  . ARG A 1 151 ? 8.389   10.742  -8.046  1.00 12.71 ? 151 ARG A CG  1 
ATOM   1068 C CD  . ARG A 1 151 ? 7.516   10.213  -9.209  1.00 12.18 ? 151 ARG A CD  1 
ATOM   1069 N NE  . ARG A 1 151 ? 6.238   10.942  -9.328  1.00 14.16 ? 151 ARG A NE  1 
ATOM   1070 C CZ  . ARG A 1 151 ? 5.053   10.463  -8.944  1.00 14.56 ? 151 ARG A CZ  1 
ATOM   1071 N NH1 . ARG A 1 151 ? 4.953   9.240   -8.449  1.00 11.92 ? 151 ARG A NH1 1 
ATOM   1072 N NH2 . ARG A 1 151 ? 3.952   11.202  -9.071  1.00 13.28 ? 151 ARG A NH2 1 
ATOM   1073 N N   . PRO A 1 152 ? 9.665   13.282  -5.180  1.00 11.53 ? 152 PRO A N   1 
ATOM   1074 C CA  . PRO A 1 152 ? 9.634   14.740  -5.403  1.00 11.64 ? 152 PRO A CA  1 
ATOM   1075 C C   . PRO A 1 152 ? 9.557   15.071  -6.893  1.00 11.54 ? 152 PRO A C   1 
ATOM   1076 O O   . PRO A 1 152 ? 9.972   14.251  -7.746  1.00 11.69 ? 152 PRO A O   1 
ATOM   1077 C CB  . PRO A 1 152 ? 10.971  15.223  -4.832  1.00 11.87 ? 152 PRO A CB  1 
ATOM   1078 C CG  . PRO A 1 152 ? 11.401  14.116  -3.872  1.00 10.86 ? 152 PRO A CG  1 
ATOM   1079 C CD  . PRO A 1 152 ? 10.927  12.854  -4.546  1.00 12.45 ? 152 PRO A CD  1 
ATOM   1080 N N   . TYR A 1 153 ? 9.054   16.259  -7.211  1.00 11.95 ? 153 TYR A N   1 
ATOM   1081 C CA  . TYR A 1 153 ? 9.085   16.737  -8.611  1.00 11.71 ? 153 TYR A CA  1 
ATOM   1082 C C   . TYR A 1 153 ? 9.227   18.265  -8.681  1.00 12.33 ? 153 TYR A C   1 
ATOM   1083 O O   . TYR A 1 153 ? 9.426   18.906  -7.644  1.00 11.95 ? 153 TYR A O   1 
ATOM   1084 C CB  . TYR A 1 153 ? 7.896   16.192  -9.427  1.00 12.36 ? 153 TYR A CB  1 
ATOM   1085 C CG  . TYR A 1 153 ? 6.504   16.694  -9.030  1.00 13.43 ? 153 TYR A CG  1 
ATOM   1086 C CD1 . TYR A 1 153 ? 5.917   17.780  -9.688  1.00 14.83 ? 153 TYR A CD1 1 
ATOM   1087 C CD2 . TYR A 1 153 ? 5.758   16.052  -8.039  1.00 14.21 ? 153 TYR A CD2 1 
ATOM   1088 C CE1 . TYR A 1 153 ? 4.623   18.229  -9.343  1.00 14.39 ? 153 TYR A CE1 1 
ATOM   1089 C CE2 . TYR A 1 153 ? 4.460   16.482  -7.693  1.00 12.78 ? 153 TYR A CE2 1 
ATOM   1090 C CZ  . TYR A 1 153 ? 3.902   17.569  -8.347  1.00 14.53 ? 153 TYR A CZ  1 
ATOM   1091 O OH  . TYR A 1 153 ? 2.632   17.993  -7.997  1.00 13.98 ? 153 TYR A OH  1 
ATOM   1092 N N   . ASN A 1 154 ? 9.161   18.834  -9.893  1.00 13.16 ? 154 ASN A N   1 
ATOM   1093 C CA  . ASN A 1 154 ? 9.300   20.290  -10.078 1.00 13.87 ? 154 ASN A CA  1 
ATOM   1094 C C   . ASN A 1 154 ? 10.647  20.811  -9.547  1.00 14.07 ? 154 ASN A C   1 
ATOM   1095 O O   . ASN A 1 154 ? 10.764  21.973  -9.140  1.00 14.78 ? 154 ASN A O   1 
ATOM   1096 C CB  . ASN A 1 154 ? 8.146   21.028  -9.369  1.00 14.80 ? 154 ASN A CB  1 
ATOM   1097 C CG  . ASN A 1 154 ? 8.018   22.482  -9.805  1.00 16.29 ? 154 ASN A CG  1 
ATOM   1098 O OD1 . ASN A 1 154 ? 7.922   22.769  -10.998 1.00 19.46 ? 154 ASN A OD1 1 
ATOM   1099 N ND2 . ASN A 1 154 ? 8.022   23.400  -8.845  1.00 19.47 ? 154 ASN A ND2 1 
ATOM   1100 N N   . GLY A 1 155 ? 11.655  19.951  -9.508  1.00 13.73 ? 155 GLY A N   1 
ATOM   1101 C CA  . GLY A 1 155 ? 12.966  20.343  -8.993  1.00 13.78 ? 155 GLY A CA  1 
ATOM   1102 C C   . GLY A 1 155 ? 13.145  20.230  -7.480  1.00 13.91 ? 155 GLY A C   1 
ATOM   1103 O O   . GLY A 1 155 ? 14.261  20.446  -6.955  1.00 14.06 ? 155 GLY A O   1 
ATOM   1104 N N   . SER A 1 156 ? 12.068  19.871  -6.776  1.00 13.97 ? 156 SER A N   1 
ATOM   1105 C CA  . SER A 1 156 ? 12.157  19.542  -5.348  1.00 13.57 ? 156 SER A CA  1 
ATOM   1106 C C   . SER A 1 156 ? 13.159  18.415  -5.110  1.00 14.20 ? 156 SER A C   1 
ATOM   1107 O O   . SER A 1 156 ? 13.344  17.538  -5.954  1.00 13.30 ? 156 SER A O   1 
ATOM   1108 C CB  . SER A 1 156 ? 10.780  19.197  -4.744  1.00 14.14 ? 156 SER A CB  1 
ATOM   1109 O OG  . SER A 1 156 ? 9.922   20.332  -4.732  1.00 12.80 ? 156 SER A OG  1 
ATOM   1110 N N   . SER A 1 157 ? 13.843  18.480  -3.967  1.00 14.59 ? 157 SER A N   1 
ATOM   1111 C CA  . SER A 1 157 ? 14.867  17.490  -3.630  1.00 14.88 ? 157 SER A CA  1 
ATOM   1112 C C   . SER A 1 157 ? 14.589  16.808  -2.287  1.00 14.86 ? 157 SER A C   1 
ATOM   1113 O O   . SER A 1 157 ? 14.225  17.480  -1.329  1.00 15.92 ? 157 SER A O   1 
ATOM   1114 C CB  . SER A 1 157 ? 16.227  18.164  -3.556  1.00 15.51 ? 157 SER A CB  1 
ATOM   1115 O OG  . SER A 1 157 ? 17.210  17.204  -3.218  1.00 15.25 ? 157 SER A OG  1 
ATOM   1116 N N   . ALA A 1 158 ? 14.777  15.486  -2.246  1.00 15.00 ? 158 ALA A N   1 
ATOM   1117 C CA  . ALA A 1 158 ? 14.706  14.701  -1.001  1.00 15.27 ? 158 ALA A CA  1 
ATOM   1118 C C   . ALA A 1 158 ? 15.870  14.991  -0.037  1.00 15.36 ? 158 ALA A C   1 
ATOM   1119 O O   . ALA A 1 158 ? 15.796  14.635  1.136   1.00 15.49 ? 158 ALA A O   1 
ATOM   1120 C CB  . ALA A 1 158 ? 14.659  13.202  -1.327  1.00 15.45 ? 158 ALA A CB  1 
ATOM   1121 N N   . GLY A 1 159 ? 16.953  15.597  -0.527  1.00 15.50 ? 159 GLY A N   1 
ATOM   1122 C CA  . GLY A 1 159 ? 18.175  15.680  0.286   1.00 15.84 ? 159 GLY A CA  1 
ATOM   1123 C C   . GLY A 1 159 ? 18.545  14.262  0.692   1.00 16.33 ? 159 GLY A C   1 
ATOM   1124 O O   . GLY A 1 159 ? 18.603  13.387  -0.163  1.00 17.08 ? 159 GLY A O   1 
ATOM   1125 N N   . SER A 1 160 ? 18.765  14.016  1.980   1.00 16.54 ? 160 SER A N   1 
ATOM   1126 C CA  . SER A 1 160 ? 18.981  12.645  2.450   1.00 16.85 ? 160 SER A CA  1 
ATOM   1127 C C   . SER A 1 160 ? 17.812  12.170  3.324   1.00 16.69 ? 160 SER A C   1 
ATOM   1128 O O   . SER A 1 160 ? 17.944  11.224  4.114   1.00 16.56 ? 160 SER A O   1 
ATOM   1129 C CB  . SER A 1 160 ? 20.302  12.525  3.224   1.00 17.85 ? 160 SER A CB  1 
ATOM   1130 O OG  . SER A 1 160 ? 20.272  13.336  4.387   1.00 18.19 ? 160 SER A OG  1 
ATOM   1131 N N   . VAL A 1 161 ? 16.668  12.843  3.192   1.00 16.10 ? 161 VAL A N   1 
ATOM   1132 C CA  . VAL A 1 161 ? 15.470  12.458  3.922   1.00 15.20 ? 161 VAL A CA  1 
ATOM   1133 C C   . VAL A 1 161 ? 15.089  11.040  3.494   1.00 15.13 ? 161 VAL A C   1 
ATOM   1134 O O   . VAL A 1 161 ? 15.246  10.683  2.325   1.00 14.85 ? 161 VAL A O   1 
ATOM   1135 C CB  . VAL A 1 161 ? 14.304  13.461  3.652   1.00 15.02 ? 161 VAL A CB  1 
ATOM   1136 C CG1 . VAL A 1 161 ? 12.979  12.942  4.223   1.00 16.04 ? 161 VAL A CG1 1 
ATOM   1137 C CG2 . VAL A 1 161 ? 14.628  14.836  4.266   1.00 14.84 ? 161 VAL A CG2 1 
ATOM   1138 N N   . GLN A 1 162 ? 14.597  10.235  4.439   1.00 15.04 ? 162 GLN A N   1 
ATOM   1139 C CA  . GLN A 1 162 ? 14.196  8.871   4.146   1.00 14.79 ? 162 GLN A CA  1 
ATOM   1140 C C   . GLN A 1 162 ? 13.025  8.918   3.170   1.00 13.87 ? 162 GLN A C   1 
ATOM   1141 O O   . GLN A 1 162 ? 12.030  9.562   3.443   1.00 14.45 ? 162 GLN A O   1 
ATOM   1142 C CB  . GLN A 1 162 ? 13.787  8.155   5.431   1.00 15.35 ? 162 GLN A CB  1 
ATOM   1143 C CG  . GLN A 1 162 ? 13.277  6.709   5.221   1.00 15.88 ? 162 GLN A CG  1 
ATOM   1144 C CD  . GLN A 1 162 ? 12.911  6.052   6.548   1.00 16.81 ? 162 GLN A CD  1 
ATOM   1145 O OE1 . GLN A 1 162 ? 13.498  6.378   7.589   1.00 20.74 ? 162 GLN A OE1 1 
ATOM   1146 N NE2 . GLN A 1 162 ? 11.945  5.135   6.524   1.00 16.05 ? 162 GLN A NE2 1 
ATOM   1147 N N   . THR A 1 163 ? 13.167  8.249   2.030   1.00 13.20 ? 163 THR A N   1 
ATOM   1148 C CA  . THR A 1 163 ? 12.164  8.319   0.960   1.00 13.69 ? 163 THR A CA  1 
ATOM   1149 C C   . THR A 1 163 ? 11.145  7.177   1.000   1.00 13.50 ? 163 THR A C   1 
ATOM   1150 O O   . THR A 1 163 ? 10.068  7.309   0.430   1.00 14.31 ? 163 THR A O   1 
ATOM   1151 C CB  . THR A 1 163 ? 12.811  8.231   -0.411  1.00 13.49 ? 163 THR A CB  1 
ATOM   1152 O OG1 . THR A 1 163 ? 13.434  6.941   -0.544  1.00 15.17 ? 163 THR A OG1 1 
ATOM   1153 C CG2 . THR A 1 163 ? 13.867  9.329   -0.595  1.00 14.30 ? 163 THR A CG2 1 
ATOM   1154 N N   . THR A 1 164 ? 11.492  6.070   1.666   1.00 13.27 ? 164 THR A N   1 
ATOM   1155 C CA  . THR A 1 164 ? 10.794  4.789   1.467   1.00 13.36 ? 164 THR A CA  1 
ATOM   1156 C C   . THR A 1 164 ? 10.272  4.207   2.770   1.00 13.41 ? 164 THR A C   1 
ATOM   1157 O O   . THR A 1 164 ? 10.969  4.243   3.784   1.00 12.64 ? 164 THR A O   1 
ATOM   1158 C CB  . THR A 1 164 ? 11.714  3.776   0.746   1.00 13.04 ? 164 THR A CB  1 
ATOM   1159 O OG1 . THR A 1 164 ? 12.138  4.354   -0.494  1.00 13.98 ? 164 THR A OG1 1 
ATOM   1160 C CG2 . THR A 1 164 ? 10.986  2.436   0.456   1.00 13.34 ? 164 THR A CG2 1 
ATOM   1161 N N   . VAL A 1 165 ? 9.033   3.702   2.740   1.00 12.78 ? 165 VAL A N   1 
ATOM   1162 C CA  . VAL A 1 165 ? 8.465   2.988   3.881   1.00 12.73 ? 165 VAL A CA  1 
ATOM   1163 C C   . VAL A 1 165 ? 7.942   1.635   3.399   1.00 11.93 ? 165 VAL A C   1 
ATOM   1164 O O   . VAL A 1 165 ? 7.569   1.488   2.231   1.00 11.92 ? 165 VAL A O   1 
ATOM   1165 C CB  . VAL A 1 165 ? 7.329   3.776   4.632   1.00 12.84 ? 165 VAL A CB  1 
ATOM   1166 C CG1 . VAL A 1 165 ? 7.808   5.134   5.121   1.00 12.80 ? 165 VAL A CG1 1 
ATOM   1167 C CG2 . VAL A 1 165 ? 6.070   3.952   3.763   1.00 14.06 ? 165 VAL A CG2 1 
ATOM   1168 N N   . ASN A 1 166 ? 7.895   0.675   4.314   1.00 12.35 ? 166 ASN A N   1 
ATOM   1169 C CA  . ASN A 1 166 ? 7.590   -0.723  4.007   1.00 12.69 ? 166 ASN A CA  1 
ATOM   1170 C C   . ASN A 1 166 ? 6.293   -1.163  4.636   1.00 12.60 ? 166 ASN A C   1 
ATOM   1171 O O   . ASN A 1 166 ? 5.838   -0.608  5.674   1.00 12.23 ? 166 ASN A O   1 
ATOM   1172 C CB  . ASN A 1 166 ? 8.735   -1.611  4.499   1.00 13.08 ? 166 ASN A CB  1 
ATOM   1173 C CG  . ASN A 1 166 ? 10.089  -1.171  3.936   1.00 15.33 ? 166 ASN A CG  1 
ATOM   1174 O OD1 . ASN A 1 166 ? 10.202  -0.862  2.747   1.00 14.07 ? 166 ASN A OD1 1 
ATOM   1175 N ND2 . ASN A 1 166 ? 11.117  -1.147  4.789   1.00 18.44 ? 166 ASN A ND2 1 
ATOM   1176 N N   . PHE A 1 167 ? 5.704   -2.180  4.019   1.00 11.46 ? 167 PHE A N   1 
ATOM   1177 C CA  . PHE A 1 167 ? 4.438   -2.716  4.491   1.00 11.71 ? 167 PHE A CA  1 
ATOM   1178 C C   . PHE A 1 167 ? 4.482   -4.221  4.603   1.00 12.47 ? 167 PHE A C   1 
ATOM   1179 O O   . PHE A 1 167 ? 4.998   -4.923  3.714   1.00 12.61 ? 167 PHE A O   1 
ATOM   1180 C CB  . PHE A 1 167 ? 3.298   -2.286  3.563   1.00 10.56 ? 167 PHE A CB  1 
ATOM   1181 C CG  . PHE A 1 167 ? 3.196   -0.802  3.447   1.00 10.65 ? 167 PHE A CG  1 
ATOM   1182 C CD1 . PHE A 1 167 ? 2.536   -0.063  4.435   1.00 10.67 ? 167 PHE A CD1 1 
ATOM   1183 C CD2 . PHE A 1 167 ? 3.836   -0.131  2.401   1.00 11.58 ? 167 PHE A CD2 1 
ATOM   1184 C CE1 . PHE A 1 167 ? 2.492   1.347   4.368   1.00 9.73  ? 167 PHE A CE1 1 
ATOM   1185 C CE2 . PHE A 1 167 ? 3.805   1.248   2.331   1.00 11.41 ? 167 PHE A CE2 1 
ATOM   1186 C CZ  . PHE A 1 167 ? 3.134   1.990   3.313   1.00 10.39 ? 167 PHE A CZ  1 
ATOM   1187 N N   . SER A 1 168 ? 3.893   -4.680  5.705   1.00 13.41 ? 168 SER A N   1 
ATOM   1188 C CA  A SER A 1 168 ? 3.730   -6.095  5.984   0.70 13.88 ? 168 SER A CA  1 
ATOM   1189 C CA  B SER A 1 168 ? 3.749   -6.092  6.014   0.30 13.50 ? 168 SER A CA  1 
ATOM   1190 C C   . SER A 1 168 ? 2.273   -6.429  6.235   1.00 13.96 ? 168 SER A C   1 
ATOM   1191 O O   . SER A 1 168 ? 1.562   -5.723  6.980   1.00 14.12 ? 168 SER A O   1 
ATOM   1192 C CB  A SER A 1 168 ? 4.539   -6.491  7.215   0.70 14.64 ? 168 SER A CB  1 
ATOM   1193 C CB  B SER A 1 168 ? 4.565   -6.438  7.270   0.30 13.82 ? 168 SER A CB  1 
ATOM   1194 O OG  A SER A 1 168 ? 5.904   -6.292  6.958   0.70 16.57 ? 168 SER A OG  1 
ATOM   1195 O OG  B SER A 1 168 ? 4.438   -7.805  7.626   0.30 13.56 ? 168 SER A OG  1 
ATOM   1196 N N   . LEU A 1 169 ? 1.832   -7.507  5.605   1.00 13.26 ? 169 LEU A N   1 
ATOM   1197 C CA  . LEU A 1 169 ? 0.496   -8.036  5.826   1.00 13.41 ? 169 LEU A CA  1 
ATOM   1198 C C   . LEU A 1 169 ? 0.410   -8.691  7.208   1.00 14.36 ? 169 LEU A C   1 
ATOM   1199 O O   . LEU A 1 169 ? 1.148   -9.654  7.476   1.00 14.82 ? 169 LEU A O   1 
ATOM   1200 C CB  . LEU A 1 169 ? 0.237   -9.098  4.768   1.00 13.40 ? 169 LEU A CB  1 
ATOM   1201 C CG  . LEU A 1 169 ? -1.147  -9.736  4.763   1.00 12.43 ? 169 LEU A CG  1 
ATOM   1202 C CD1 . LEU A 1 169 ? -2.232  -8.698  4.386   1.00 12.15 ? 169 LEU A CD1 1 
ATOM   1203 C CD2 . LEU A 1 169 ? -1.166  -10.906 3.821   1.00 12.53 ? 169 LEU A CD2 1 
ATOM   1204 N N   . ASN A 1 170 ? -0.488  -8.213  8.074   1.00 13.85 ? 170 ASN A N   1 
ATOM   1205 C CA  . ASN A 1 170 ? -0.734  -8.936  9.335   1.00 13.67 ? 170 ASN A CA  1 
ATOM   1206 C C   . ASN A 1 170 ? -1.384  -10.281 9.037   1.00 13.70 ? 170 ASN A C   1 
ATOM   1207 O O   . ASN A 1 170 ? -2.058  -10.423 8.010   1.00 13.24 ? 170 ASN A O   1 
ATOM   1208 C CB  . ASN A 1 170 ? -1.581  -8.112  10.304  1.00 13.74 ? 170 ASN A CB  1 
ATOM   1209 C CG  . ASN A 1 170 ? -0.729  -7.395  11.360  1.00 14.81 ? 170 ASN A CG  1 
ATOM   1210 O OD1 . ASN A 1 170 ? 0.408   -7.786  11.610  1.00 16.39 ? 170 ASN A OD1 1 
ATOM   1211 N ND2 . ASN A 1 170 ? -1.274  -6.331  11.958  1.00 15.75 ? 170 ASN A ND2 1 
ATOM   1212 N N   . PRO A 1 171 ? -1.173  -11.279 9.920   1.00 14.42 ? 171 PRO A N   1 
ATOM   1213 C CA  . PRO A 1 171 ? -1.770  -12.577 9.656   1.00 14.00 ? 171 PRO A CA  1 
ATOM   1214 C C   . PRO A 1 171 ? -3.286  -12.488 9.726   1.00 13.76 ? 171 PRO A C   1 
ATOM   1215 O O   . PRO A 1 171 ? -3.832  -11.706 10.494  1.00 12.31 ? 171 PRO A O   1 
ATOM   1216 C CB  . PRO A 1 171 ? -1.214  -13.476 10.768  1.00 14.50 ? 171 PRO A CB  1 
ATOM   1217 C CG  . PRO A 1 171 ? -0.689  -12.570 11.792  1.00 15.17 ? 171 PRO A CG  1 
ATOM   1218 C CD  . PRO A 1 171 ? -0.371  -11.259 11.160  1.00 13.79 ? 171 PRO A CD  1 
ATOM   1219 N N   . PHE A 1 172 ? -3.942  -13.262 8.874   1.00 13.35 ? 172 PHE A N   1 
ATOM   1220 C CA  . PHE A 1 172 ? -5.403  -13.325 8.849   1.00 13.59 ? 172 PHE A CA  1 
ATOM   1221 C C   . PHE A 1 172 ? -5.907  -14.722 8.528   1.00 13.84 ? 172 PHE A C   1 
ATOM   1222 O O   . PHE A 1 172 ? -5.134  -15.592 8.110   1.00 13.25 ? 172 PHE A O   1 
ATOM   1223 C CB  . PHE A 1 172 ? -6.037  -12.228 7.949   1.00 13.26 ? 172 PHE A CB  1 
ATOM   1224 C CG  . PHE A 1 172 ? -5.810  -12.397 6.445   1.00 13.48 ? 172 PHE A CG  1 
ATOM   1225 C CD1 . PHE A 1 172 ? -6.329  -13.488 5.733   1.00 12.59 ? 172 PHE A CD1 1 
ATOM   1226 C CD2 . PHE A 1 172 ? -5.148  -11.400 5.735   1.00 13.17 ? 172 PHE A CD2 1 
ATOM   1227 C CE1 . PHE A 1 172 ? -6.136  -13.607 4.332   1.00 13.96 ? 172 PHE A CE1 1 
ATOM   1228 C CE2 . PHE A 1 172 ? -4.967  -11.499 4.334   1.00 13.85 ? 172 PHE A CE2 1 
ATOM   1229 C CZ  . PHE A 1 172 ? -5.460  -12.606 3.638   1.00 13.10 ? 172 PHE A CZ  1 
ATOM   1230 N N   . THR A 1 173 ? -7.197  -14.939 8.766   1.00 14.20 ? 173 THR A N   1 
ATOM   1231 C CA  . THR A 1 173 ? -7.841  -16.198 8.463   1.00 14.98 ? 173 THR A CA  1 
ATOM   1232 C C   . THR A 1 173 ? -9.099  -15.895 7.654   1.00 15.15 ? 173 THR A C   1 
ATOM   1233 O O   . THR A 1 173 ? -9.853  -14.974 7.987   1.00 14.93 ? 173 THR A O   1 
ATOM   1234 C CB  . THR A 1 173 ? -8.201  -16.993 9.733   1.00 15.13 ? 173 THR A CB  1 
ATOM   1235 O OG1 . THR A 1 173 ? -7.000  -17.300 10.479  1.00 17.66 ? 173 THR A OG1 1 
ATOM   1236 C CG2 . THR A 1 173 ? -8.883  -18.296 9.363   1.00 17.03 ? 173 THR A CG2 1 
ATOM   1237 N N   . LEU A 1 174 ? -9.284  -16.656 6.581   1.00 15.40 ? 174 LEU A N   1 
ATOM   1238 C CA  . LEU A 1 174 ? -10.493 -16.593 5.768   1.00 16.75 ? 174 LEU A CA  1 
ATOM   1239 C C   . LEU A 1 174 ? -11.367 -17.798 6.029   1.00 18.25 ? 174 LEU A C   1 
ATOM   1240 O O   . LEU A 1 174 ? -10.907 -18.939 5.968   1.00 17.73 ? 174 LEU A O   1 
ATOM   1241 C CB  . LEU A 1 174 ? -10.137 -16.581 4.283   1.00 16.66 ? 174 LEU A CB  1 
ATOM   1242 C CG  . LEU A 1 174 ? -9.175  -15.486 3.806   1.00 17.70 ? 174 LEU A CG  1 
ATOM   1243 C CD1 . LEU A 1 174 ? -8.867  -15.710 2.341   1.00 14.69 ? 174 LEU A CD1 1 
ATOM   1244 C CD2 . LEU A 1 174 ? -9.726  -14.062 4.040   1.00 15.44 ? 174 LEU A CD2 1 
ATOM   1245 N N   . ASN A 1 175 ? -12.636 -17.533 6.311   1.00 20.21 ? 175 ASN A N   1 
ATOM   1246 C CA  . ASN A 1 175 ? -13.610 -18.599 6.487   1.00 23.16 ? 175 ASN A CA  1 
ATOM   1247 C C   . ASN A 1 175 ? -14.490 -18.663 5.252   1.00 24.23 ? 175 ASN A C   1 
ATOM   1248 O O   . ASN A 1 175 ? -15.036 -17.650 4.810   1.00 24.76 ? 175 ASN A O   1 
ATOM   1249 C CB  . ASN A 1 175 ? -14.421 -18.356 7.756   1.00 23.46 ? 175 ASN A CB  1 
ATOM   1250 C CG  . ASN A 1 175 ? -13.554 -18.442 9.016   1.00 26.28 ? 175 ASN A CG  1 
ATOM   1251 O OD1 . ASN A 1 175 ? -13.259 -17.434 9.646   1.00 27.08 ? 175 ASN A OD1 1 
ATOM   1252 N ND2 . ASN A 1 175 ? -13.112 -19.650 9.353   1.00 30.19 ? 175 ASN A ND2 1 
ATOM   1253 N N   . ASP A 1 176 ? -14.579 -19.845 4.662   1.00 26.92 ? 176 ASP A N   1 
ATOM   1254 C CA  . ASP A 1 176 ? -15.464 -20.050 3.526   1.00 29.42 ? 176 ASP A CA  1 
ATOM   1255 C C   . ASP A 1 176 ? -16.530 -21.059 3.924   1.00 30.25 ? 176 ASP A C   1 
ATOM   1256 O O   . ASP A 1 176 ? -16.768 -21.309 5.126   1.00 31.21 ? 176 ASP A O   1 
ATOM   1257 C CB  . ASP A 1 176 ? -14.669 -20.540 2.304   1.00 30.28 ? 176 ASP A CB  1 
ATOM   1258 C CG  . ASP A 1 176 ? -15.413 -20.331 0.978   1.00 32.96 ? 176 ASP A CG  1 
ATOM   1259 O OD1 . ASP A 1 176 ? -16.470 -19.644 0.936   1.00 36.80 ? 176 ASP A OD1 1 
ATOM   1260 O OD2 . ASP A 1 176 ? -14.921 -20.852 -0.041  1.00 37.42 ? 176 ASP A OD2 1 
HETATM 1261 C C1  . MBG B 2 .   ? -4.049  21.650  2.167   1.00 15.20 ? 1   MBG B C1  1 
HETATM 1262 C C2  . MBG B 2 .   ? -3.925  20.333  2.940   1.00 15.10 ? 1   MBG B C2  1 
HETATM 1263 C C3  . MBG B 2 .   ? -3.484  19.198  2.002   1.00 12.78 ? 1   MBG B C3  1 
HETATM 1264 C C4  . MBG B 2 .   ? -4.288  19.139  0.656   1.00 14.12 ? 1   MBG B C4  1 
HETATM 1265 C C5  . MBG B 2 .   ? -4.404  20.544  0.042   1.00 15.36 ? 1   MBG B C5  1 
HETATM 1266 C C6  . MBG B 2 .   ? -5.345  20.651  -1.181  1.00 17.09 ? 1   MBG B C6  1 
HETATM 1267 C C7  . MBG B 2 .   ? -4.442  23.987  2.358   1.00 14.42 ? 1   MBG B C7  1 
HETATM 1268 O O1  . MBG B 2 .   ? -4.602  22.682  2.991   1.00 15.36 ? 1   MBG B O1  1 
HETATM 1269 O O2  . MBG B 2 .   ? -2.957  20.473  4.010   1.00 14.05 ? 1   MBG B O2  1 
HETATM 1270 O O3  . MBG B 2 .   ? -3.636  18.026  2.824   1.00 13.12 ? 1   MBG B O3  1 
HETATM 1271 O O4  . MBG B 2 .   ? -5.577  18.593  0.916   1.00 13.12 ? 1   MBG B O4  1 
HETATM 1272 O O5  . MBG B 2 .   ? -4.922  21.462  1.020   1.00 15.29 ? 1   MBG B O5  1 
HETATM 1273 O O6  . MBG B 2 .   ? -5.197  21.974  -1.695  1.00 17.68 ? 1   MBG B O6  1 
HETATM 1274 C C1  . NAG B 2 .   ? -2.660  17.001  2.529   1.00 14.34 ? 2   NAG B C1  1 
HETATM 1275 C C2  . NAG B 2 .   ? -2.816  15.816  3.540   1.00 11.45 ? 2   NAG B C2  1 
HETATM 1276 C C3  . NAG B 2 .   ? -1.994  14.561  3.152   1.00 12.69 ? 2   NAG B C3  1 
HETATM 1277 C C4  . NAG B 2 .   ? -2.148  14.197  1.647   1.00 10.73 ? 2   NAG B C4  1 
HETATM 1278 C C5  . NAG B 2 .   ? -1.929  15.469  0.795   1.00 12.16 ? 2   NAG B C5  1 
HETATM 1279 C C6  . NAG B 2 .   ? -2.084  15.249  -0.715  1.00 11.38 ? 2   NAG B C6  1 
HETATM 1280 C C7  . NAG B 2 .   ? -3.327  16.446  5.839   1.00 14.85 ? 2   NAG B C7  1 
HETATM 1281 C C8  . NAG B 2 .   ? -4.786  16.122  5.481   1.00 16.52 ? 2   NAG B C8  1 
HETATM 1282 N N2  . NAG B 2 .   ? -2.419  16.264  4.885   1.00 13.56 ? 2   NAG B N2  1 
HETATM 1283 O O3  . NAG B 2 .   ? -2.451  13.510  4.016   1.00 10.59 ? 2   NAG B O3  1 
HETATM 1284 O O4  . NAG B 2 .   ? -1.230  13.172  1.243   1.00 9.68  ? 2   NAG B O4  1 
HETATM 1285 O O5  . NAG B 2 .   ? -2.907  16.494  1.199   1.00 12.09 ? 2   NAG B O5  1 
HETATM 1286 O O6  . NAG B 2 .   ? -3.442  14.932  -0.967  1.00 12.91 ? 2   NAG B O6  1 
HETATM 1287 O O7  . NAG B 2 .   ? -3.027  16.833  6.968   1.00 20.07 ? 2   NAG B O7  1 
HETATM 1288 O O   . HOH C 3 .   ? -3.505  -5.776  -7.460  1.00 11.10 ? 301 HOH A O   1 
HETATM 1289 O O   . HOH C 3 .   ? -13.620 -8.140  -8.559  1.00 39.64 ? 302 HOH A O   1 
HETATM 1290 O O   . HOH C 3 .   ? -13.968 -6.913  -2.385  1.00 33.51 ? 303 HOH A O   1 
HETATM 1291 O O   . HOH C 3 .   ? -15.064 -8.725  5.860   1.00 26.01 ? 304 HOH A O   1 
HETATM 1292 O O   . HOH C 3 .   ? -3.979  18.560  -4.663  1.00 29.71 ? 305 HOH A O   1 
HETATM 1293 O O   . HOH C 3 .   ? 14.851  20.719  4.850   1.00 33.07 ? 306 HOH A O   1 
HETATM 1294 O O   . HOH C 3 .   ? 8.827   20.914  6.117   1.00 31.57 ? 307 HOH A O   1 
HETATM 1295 O O   . HOH C 3 .   ? 15.937  7.295   1.570   1.00 27.45 ? 308 HOH A O   1 
HETATM 1296 O O   . HOH C 3 .   ? -10.247 12.073  -2.689  1.00 37.40 ? 309 HOH A O   1 
HETATM 1297 O O   . HOH C 3 .   ? -19.646 -20.395 5.292   1.00 39.81 ? 310 HOH A O   1 
HETATM 1298 O O   . HOH C 3 .   ? -3.475  8.059   -5.125  1.00 10.03 ? 311 HOH A O   1 
HETATM 1299 O O   . HOH C 3 .   ? -10.094 7.161   3.568   1.00 11.90 ? 312 HOH A O   1 
HETATM 1300 O O   . HOH C 3 .   ? -3.974  -8.557  7.557   1.00 11.72 ? 313 HOH A O   1 
HETATM 1301 O O   . HOH C 3 .   ? -4.726  2.594   -1.299  1.00 15.60 ? 314 HOH A O   1 
HETATM 1302 O O   . HOH C 3 .   ? -7.426  1.899   -1.844  1.00 13.17 ? 315 HOH A O   1 
HETATM 1303 O O   . HOH C 3 .   ? 4.748   -3.318  -8.055  1.00 13.30 ? 316 HOH A O   1 
HETATM 1304 O O   . HOH C 3 .   ? 4.213   5.400   8.196   1.00 17.17 ? 317 HOH A O   1 
HETATM 1305 O O   . HOH C 3 .   ? -9.764  6.790   -7.493  1.00 12.92 ? 318 HOH A O   1 
HETATM 1306 O O   . HOH C 3 .   ? -0.597  23.862  0.794   1.00 14.11 ? 319 HOH A O   1 
HETATM 1307 O O   . HOH C 3 .   ? 13.642  13.667  8.083   1.00 18.90 ? 320 HOH A O   1 
HETATM 1308 O O   . HOH C 3 .   ? -6.336  -8.731  9.074   1.00 15.94 ? 321 HOH A O   1 
HETATM 1309 O O   . HOH C 3 .   ? 1.617   -0.354  11.707  1.00 17.59 ? 322 HOH A O   1 
HETATM 1310 O O   . HOH C 3 .   ? -5.936  11.767  0.050   1.00 12.99 ? 323 HOH A O   1 
HETATM 1311 O O   . HOH C 3 .   ? 9.475   -6.038  -6.583  1.00 15.85 ? 324 HOH A O   1 
HETATM 1312 O O   . HOH C 3 .   ? -9.424  -4.453  2.897   1.00 15.22 ? 325 HOH A O   1 
HETATM 1313 O O   . HOH C 3 .   ? 11.271  22.252  -3.071  1.00 15.09 ? 326 HOH A O   1 
HETATM 1314 O O   . HOH C 3 .   ? -4.315  2.525   9.371   1.00 17.94 ? 327 HOH A O   1 
HETATM 1315 O O   . HOH C 3 .   ? -3.617  22.233  6.014   1.00 20.62 ? 328 HOH A O   1 
HETATM 1316 O O   . HOH C 3 .   ? -0.787  24.778  3.517   1.00 16.76 ? 329 HOH A O   1 
HETATM 1317 O O   . HOH C 3 .   ? 13.521  20.805  -2.442  1.00 15.55 ? 330 HOH A O   1 
HETATM 1318 O O   . HOH C 3 .   ? 5.052   -2.953  -11.954 1.00 16.85 ? 331 HOH A O   1 
HETATM 1319 O O   . HOH C 3 .   ? -19.327 -15.120 9.503   1.00 16.93 ? 332 HOH A O   1 
HETATM 1320 O O   . HOH C 3 .   ? -7.335  5.803   -8.275  1.00 15.46 ? 333 HOH A O   1 
HETATM 1321 O O   . HOH C 3 .   ? 1.109   26.362  7.056   1.00 22.56 ? 334 HOH A O   1 
HETATM 1322 O O   . HOH C 3 .   ? -2.990  10.312  -8.845  1.00 22.13 ? 335 HOH A O   1 
HETATM 1323 O O   . HOH C 3 .   ? 5.822   -11.984 -10.209 1.00 19.22 ? 336 HOH A O   1 
HETATM 1324 O O   . HOH C 3 .   ? 3.236   1.801   11.553  1.00 19.86 ? 337 HOH A O   1 
HETATM 1325 O O   . HOH C 3 .   ? 4.376   -15.083 -1.521  1.00 15.72 ? 338 HOH A O   1 
HETATM 1326 O O   . HOH C 3 .   ? 6.731   -3.576  7.501   1.00 19.71 ? 339 HOH A O   1 
HETATM 1327 O O   . HOH C 3 .   ? 7.953   -4.743  2.906   1.00 22.35 ? 340 HOH A O   1 
HETATM 1328 O O   . HOH C 3 .   ? 5.712   -4.167  10.002  1.00 16.75 ? 341 HOH A O   1 
HETATM 1329 O O   . HOH C 3 .   ? 1.277   -17.671 4.929   1.00 22.02 ? 342 HOH A O   1 
HETATM 1330 O O   . HOH C 3 .   ? 15.257  21.729  -4.639  1.00 23.09 ? 343 HOH A O   1 
HETATM 1331 O O   . HOH C 3 .   ? 13.641  2.636   -2.023  1.00 21.66 ? 344 HOH A O   1 
HETATM 1332 O O   . HOH C 3 .   ? 1.848   -1.366  -13.137 1.00 23.45 ? 345 HOH A O   1 
HETATM 1333 O O   . HOH C 3 .   ? -4.073  14.379  9.994   1.00 23.08 ? 346 HOH A O   1 
HETATM 1334 O O   . HOH C 3 .   ? -12.108 -3.543  -3.599  1.00 23.72 ? 347 HOH A O   1 
HETATM 1335 O O   . HOH C 3 .   ? 14.945  11.141  7.214   1.00 15.66 ? 348 HOH A O   1 
HETATM 1336 O O   . HOH C 3 .   ? 10.405  -3.246  -1.322  1.00 27.46 ? 349 HOH A O   1 
HETATM 1337 O O   . HOH C 3 .   ? 13.962  4.111   -4.331  1.00 28.84 ? 350 HOH A O   1 
HETATM 1338 O O   . HOH C 3 .   ? 19.389  17.919  -1.869  1.00 28.34 ? 351 HOH A O   1 
HETATM 1339 O O   . HOH C 3 .   ? 16.964  10.915  0.217   1.00 20.02 ? 352 HOH A O   1 
HETATM 1340 O O   . HOH C 3 .   ? -11.676 -6.208  -4.220  1.00 18.19 ? 353 HOH A O   1 
HETATM 1341 O O   . HOH C 3 .   ? -0.756  -9.092  -13.579 1.00 22.95 ? 354 HOH A O   1 
HETATM 1342 O O   . HOH C 3 .   ? 12.536  -0.689  1.360   1.00 17.45 ? 355 HOH A O   1 
HETATM 1343 O O   . HOH C 3 .   ? 3.814   3.835   -13.367 1.00 20.45 ? 356 HOH A O   1 
HETATM 1344 O O   . HOH C 3 .   ? 10.053  -4.769  5.770   1.00 27.25 ? 357 HOH A O   1 
HETATM 1345 O O   . HOH C 3 .   ? 9.828   9.227   11.587  1.00 24.21 ? 358 HOH A O   1 
HETATM 1346 O O   . HOH C 3 .   ? -7.256  23.048  0.528   1.00 20.74 ? 359 HOH A O   1 
HETATM 1347 O O   . HOH C 3 .   ? -9.175  2.751   -6.210  1.00 28.75 ? 360 HOH A O   1 
HETATM 1348 O O   . HOH C 3 .   ? -2.841  23.798  -0.829  1.00 19.79 ? 361 HOH A O   1 
HETATM 1349 O O   . HOH C 3 .   ? -14.618 -15.409 9.512   1.00 19.68 ? 362 HOH A O   1 
HETATM 1350 O O   . HOH C 3 .   ? 2.868   9.554   11.244  1.00 22.83 ? 363 HOH A O   1 
HETATM 1351 O O   . HOH C 3 .   ? -11.237 10.148  -4.613  1.00 17.93 ? 364 HOH A O   1 
HETATM 1352 O O   . HOH C 3 .   ? 11.009  -0.248  -11.135 1.00 27.03 ? 365 HOH A O   1 
HETATM 1353 O O   . HOH C 3 .   ? -3.849  9.587   9.445   1.00 21.09 ? 366 HOH A O   1 
HETATM 1354 O O   . HOH C 3 .   ? 10.071  16.968  11.036  1.00 27.63 ? 367 HOH A O   1 
HETATM 1355 O O   . HOH C 3 .   ? -0.652  21.211  -6.222  1.00 19.96 ? 368 HOH A O   1 
HETATM 1356 O O   . HOH C 3 .   ? 10.502  23.344  -0.427  1.00 15.87 ? 369 HOH A O   1 
HETATM 1357 O O   . HOH C 3 .   ? 5.434   0.967   12.912  1.00 28.33 ? 370 HOH A O   1 
HETATM 1358 O O   . HOH C 3 .   ? 7.049   -6.492  -12.995 1.00 24.13 ? 371 HOH A O   1 
HETATM 1359 O O   . HOH C 3 .   ? -3.621  -20.252 2.724   1.00 25.06 ? 372 HOH A O   1 
HETATM 1360 O O   . HOH C 3 .   ? 8.833   22.353  -6.141  1.00 19.54 ? 373 HOH A O   1 
HETATM 1361 O O   . HOH C 3 .   ? -1.020  24.146  -2.939  1.00 24.13 ? 374 HOH A O   1 
HETATM 1362 O O   . HOH C 3 .   ? 6.149   24.826  -5.944  1.00 21.48 ? 375 HOH A O   1 
HETATM 1363 O O   . HOH C 3 .   ? 2.292   -14.886 11.398  1.00 27.70 ? 376 HOH A O   1 
HETATM 1364 O O   . HOH C 3 .   ? 17.701  11.323  7.038   1.00 25.98 ? 377 HOH A O   1 
HETATM 1365 O O   . HOH C 3 .   ? -7.271  2.172   8.209   1.00 20.62 ? 378 HOH A O   1 
HETATM 1366 O O   . HOH C 3 .   ? -2.721  -2.028  -12.243 1.00 22.84 ? 379 HOH A O   1 
HETATM 1367 O O   . HOH C 3 .   ? 14.173  -0.080  -5.661  1.00 31.91 ? 380 HOH A O   1 
HETATM 1368 O O   . HOH C 3 .   ? -14.459 -5.114  -0.510  1.00 28.90 ? 381 HOH A O   1 
HETATM 1369 O O   . HOH C 3 .   ? -4.535  -22.466 6.278   1.00 21.16 ? 382 HOH A O   1 
HETATM 1370 O O   . HOH C 3 .   ? -13.706 -0.505  5.650   1.00 32.06 ? 383 HOH A O   1 
HETATM 1371 O O   . HOH C 3 .   ? 13.729  3.022   -9.165  1.00 33.39 ? 384 HOH A O   1 
HETATM 1372 O O   . HOH C 3 .   ? 7.135   -8.807  7.337   1.00 32.52 ? 385 HOH A O   1 
HETATM 1373 O O   . HOH C 3 .   ? -5.748  7.203   9.173   1.00 29.44 ? 386 HOH A O   1 
HETATM 1374 O O   . HOH C 3 .   ? 6.785   -11.524 1.130   1.00 20.53 ? 387 HOH A O   1 
HETATM 1375 O O   . HOH C 3 .   ? 5.239   -0.509  -12.963 1.00 24.10 ? 388 HOH A O   1 
HETATM 1376 O O   . HOH C 3 .   ? 0.508   -18.477 -11.803 1.00 28.15 ? 389 HOH A O   1 
HETATM 1377 O O   . HOH C 3 .   ? 12.030  25.129  2.643   1.00 29.71 ? 390 HOH A O   1 
HETATM 1378 O O   . HOH C 3 .   ? 1.849   4.499   11.718  1.00 25.50 ? 391 HOH A O   1 
HETATM 1379 O O   . HOH C 3 .   ? -1.400  -23.692 1.734   1.00 37.42 ? 392 HOH A O   1 
HETATM 1380 O O   . HOH C 3 .   ? 7.668   -11.713 4.259   1.00 27.62 ? 393 HOH A O   1 
HETATM 1381 O O   . HOH C 3 .   ? -18.431 -17.548 4.764   1.00 37.06 ? 394 HOH A O   1 
HETATM 1382 O O   . HOH C 3 .   ? 9.817   4.173   12.314  1.00 26.10 ? 395 HOH A O   1 
HETATM 1383 O O   . HOH C 3 .   ? 11.920  2.519   -11.083 1.00 43.47 ? 396 HOH A O   1 
HETATM 1384 O O   . HOH C 3 .   ? -9.327  -14.934 14.791  1.00 29.30 ? 397 HOH A O   1 
HETATM 1385 O O   . HOH C 3 .   ? 9.376   -7.445  0.420   1.00 25.66 ? 398 HOH A O   1 
HETATM 1386 O O   . HOH C 3 .   ? 8.485   -12.286 -5.407  1.00 17.55 ? 399 HOH A O   1 
HETATM 1387 O O   . HOH C 3 .   ? 9.282   1.180   12.106  1.00 23.93 ? 400 HOH A O   1 
HETATM 1388 O O   . HOH C 3 .   ? 14.039  6.885   -3.282  1.00 27.47 ? 401 HOH A O   1 
HETATM 1389 O O   . HOH C 3 .   ? -0.928  8.380   -10.560 1.00 31.11 ? 402 HOH A O   1 
HETATM 1390 O O   . HOH C 3 .   ? -15.489 -13.080 -6.309  1.00 28.25 ? 403 HOH A O   1 
HETATM 1391 O O   . HOH C 3 .   ? -10.424 -10.279 -15.716 1.00 23.40 ? 404 HOH A O   1 
HETATM 1392 O O   . HOH C 3 .   ? -9.266  -0.155  -8.929  1.00 26.84 ? 405 HOH A O   1 
HETATM 1393 O O   . HOH C 3 .   ? 12.175  8.770   -4.174  1.00 22.42 ? 406 HOH A O   1 
HETATM 1394 O O   . HOH C 3 .   ? -6.870  -8.711  -16.203 1.00 26.18 ? 407 HOH A O   1 
HETATM 1395 O O   . HOH C 3 .   ? -16.169 -10.891 7.201   1.00 16.17 ? 408 HOH A O   1 
HETATM 1396 O O   . HOH C 3 .   ? -4.649  9.820   -6.900  1.00 16.40 ? 409 HOH A O   1 
HETATM 1397 O O   . HOH C 3 .   ? -1.317  27.687  6.318   1.00 26.72 ? 410 HOH A O   1 
HETATM 1398 O O   . HOH C 3 .   ? -5.708  15.159  8.034   1.00 31.18 ? 411 HOH A O   1 
HETATM 1399 O O   . HOH C 3 .   ? -5.687  15.864  0.083   1.00 20.83 ? 412 HOH A O   1 
HETATM 1400 O O   . HOH C 3 .   ? -9.755  9.453   -7.136  1.00 25.89 ? 413 HOH A O   1 
HETATM 1401 O O   . HOH C 3 .   ? 1.522   19.897  -9.551  1.00 25.07 ? 414 HOH A O   1 
HETATM 1402 O O   . HOH C 3 .   ? 7.661   -5.471  5.207   1.00 30.67 ? 415 HOH A O   1 
HETATM 1403 O O   . HOH C 3 .   ? 1.733   -15.482 3.431   1.00 25.23 ? 416 HOH A O   1 
HETATM 1404 O O   . HOH C 3 .   ? -9.293  1.310   -3.882  1.00 26.29 ? 417 HOH A O   1 
HETATM 1405 O O   . HOH C 3 .   ? 1.395   29.163  -2.896  1.00 18.91 ? 418 HOH A O   1 
HETATM 1406 O O   . HOH C 3 .   ? 14.326  19.129  3.212   1.00 26.30 ? 419 HOH A O   1 
HETATM 1407 O O   . HOH C 3 .   ? 1.048   -22.858 0.212   1.00 25.82 ? 420 HOH A O   1 
HETATM 1408 O O   . HOH C 3 .   ? -2.164  5.959   10.820  1.00 33.25 ? 421 HOH A O   1 
HETATM 1409 O O   . HOH C 3 .   ? -2.672  8.360   11.826  1.00 26.97 ? 422 HOH A O   1 
HETATM 1410 O O   . HOH C 3 .   ? 16.533  10.385  -2.476  1.00 25.31 ? 423 HOH A O   1 
HETATM 1411 O O   . HOH C 3 .   ? 6.431   -3.287  12.374  1.00 27.66 ? 424 HOH A O   1 
HETATM 1412 O O   . HOH C 3 .   ? -0.604  -11.291 -15.004 1.00 26.52 ? 425 HOH A O   1 
HETATM 1413 O O   . HOH C 3 .   ? -0.130  -4.800  13.967  1.00 24.64 ? 426 HOH A O   1 
HETATM 1414 O O   . HOH C 3 .   ? 5.373   -1.403  13.268  1.00 39.24 ? 427 HOH A O   1 
HETATM 1415 O O   . HOH C 3 .   ? -0.457  -20.130 7.528   1.00 28.71 ? 428 HOH A O   1 
HETATM 1416 O O   . HOH C 3 .   ? 12.567  -0.080  -1.418  1.00 28.51 ? 429 HOH A O   1 
HETATM 1417 O O   . HOH C 3 .   ? 5.980   8.320   13.406  1.00 24.79 ? 430 HOH A O   1 
HETATM 1418 O O   . HOH C 3 .   ? 15.502  18.982  0.283   1.00 27.44 ? 431 HOH A O   1 
HETATM 1419 O O   . HOH C 3 .   ? 14.291  1.049   2.606   1.00 24.54 ? 432 HOH A O   1 
HETATM 1420 O O   . HOH C 3 .   ? 22.182  14.988  4.379   1.00 26.82 ? 433 HOH A O   1 
HETATM 1421 O O   . HOH C 3 .   ? 3.843   6.495   12.242  1.00 24.59 ? 434 HOH A O   1 
HETATM 1422 O O   . HOH C 3 .   ? 9.526   0.960   -13.316 1.00 42.68 ? 435 HOH A O   1 
HETATM 1423 O O   . HOH C 3 .   ? -3.604  -5.169  15.140  1.00 29.13 ? 436 HOH A O   1 
HETATM 1424 O O   . HOH C 3 .   ? 11.053  -4.698  3.092   1.00 34.87 ? 437 HOH A O   1 
HETATM 1425 O O   . HOH C 3 .   ? 17.936  8.167   3.127   1.00 37.50 ? 438 HOH A O   1 
HETATM 1426 O O   . HOH C 3 .   ? 5.355   -12.016 -13.113 1.00 36.33 ? 439 HOH A O   1 
HETATM 1427 O O   . HOH C 3 .   ? -6.157  13.569  2.103   1.00 25.37 ? 440 HOH A O   1 
HETATM 1428 O O   . HOH C 3 .   ? -3.924  15.704  -4.955  1.00 36.77 ? 441 HOH A O   1 
HETATM 1429 O O   . HOH C 3 .   ? 6.773   6.500   -11.243 1.00 34.36 ? 442 HOH A O   1 
HETATM 1430 O O   . HOH C 3 .   ? -5.358  13.002  -3.717  1.00 30.55 ? 443 HOH A O   1 
HETATM 1431 O O   . HOH C 3 .   ? 3.277   25.449  -4.353  1.00 28.55 ? 444 HOH A O   1 
HETATM 1432 O O   . HOH C 3 .   ? -12.178 -6.779  -10.248 1.00 29.39 ? 445 HOH A O   1 
HETATM 1433 O O   . HOH C 3 .   ? 5.397   -4.781  -14.335 1.00 28.80 ? 446 HOH A O   1 
HETATM 1434 O O   . HOH C 3 .   ? -6.794  21.844  -3.914  1.00 30.04 ? 447 HOH A O   1 
HETATM 1435 O O   . HOH C 3 .   ? 9.267   -11.789 2.130   1.00 37.92 ? 448 HOH A O   1 
HETATM 1436 O O   . HOH C 3 .   ? 2.447   31.366  5.890   1.00 30.73 ? 449 HOH A O   1 
HETATM 1437 O O   . HOH C 3 .   ? 13.279  -1.315  8.725   1.00 30.99 ? 450 HOH A O   1 
HETATM 1438 O O   . HOH C 3 .   ? -8.792  -14.175 -12.710 1.00 28.97 ? 451 HOH A O   1 
HETATM 1439 O O   . HOH C 3 .   ? -4.293  20.140  7.587   1.00 27.88 ? 452 HOH A O   1 
HETATM 1440 O O   . HOH C 3 .   ? -1.068  0.566   12.233  1.00 34.19 ? 453 HOH A O   1 
HETATM 1441 O O   . HOH C 3 .   ? 13.462  3.049   4.178   1.00 28.63 ? 454 HOH A O   1 
HETATM 1442 O O   . HOH C 3 .   ? -8.274  -0.222  8.202   1.00 33.67 ? 455 HOH A O   1 
HETATM 1443 O O   . HOH C 3 .   ? 13.865  3.195   10.112  1.00 38.26 ? 456 HOH A O   1 
HETATM 1444 O O   . HOH C 3 .   ? 20.757  11.563  -0.671  1.00 31.36 ? 457 HOH A O   1 
HETATM 1445 O O   . HOH C 3 .   ? -5.313  -21.703 10.911  1.00 39.31 ? 458 HOH A O   1 
HETATM 1446 O O   . HOH C 3 .   ? -0.935  23.071  7.331   1.00 28.89 ? 459 HOH A O   1 
HETATM 1447 O O   . HOH C 3 .   ? 7.169   -11.508 8.122   1.00 37.04 ? 460 HOH A O   1 
HETATM 1448 O O   . HOH C 3 .   ? 12.589  -4.888  -6.431  1.00 44.29 ? 461 HOH A O   1 
HETATM 1449 O O   . HOH C 3 .   ? 8.818   30.099  -0.492  1.00 39.47 ? 462 HOH A O   1 
HETATM 1450 O O   . HOH C 3 .   ? 4.202   33.358  -3.103  1.00 35.01 ? 463 HOH A O   1 
HETATM 1451 O O   . HOH C 3 .   ? 4.175   -18.888 5.552   1.00 34.95 ? 464 HOH A O   1 
HETATM 1452 O O   . HOH C 3 .   ? 9.445   24.669  6.863   1.00 35.88 ? 465 HOH A O   1 
HETATM 1453 O O   . HOH C 3 .   ? 7.156   -11.443 11.103  1.00 30.55 ? 466 HOH A O   1 
HETATM 1454 O O   . HOH C 3 .   ? -6.812  -7.742  15.957  1.00 26.46 ? 467 HOH A O   1 
HETATM 1455 O O   . HOH C 3 .   ? -5.490  -15.210 -13.735 1.00 21.23 ? 468 HOH A O   1 
HETATM 1456 O O   . HOH C 3 .   ? 1.988   -7.928  -13.940 1.00 39.25 ? 469 HOH A O   1 
HETATM 1457 O O   . HOH C 3 .   ? 10.595  19.606  7.239   1.00 35.45 ? 470 HOH A O   1 
HETATM 1458 O O   . HOH C 3 .   ? 13.749  19.064  7.001   1.00 32.02 ? 471 HOH A O   1 
HETATM 1459 O O   . HOH C 3 .   ? 14.411  9.436   9.272   1.00 32.51 ? 472 HOH A O   1 
HETATM 1460 O O   . HOH C 3 .   ? 2.811   -1.854  13.905  1.00 26.13 ? 473 HOH A O   1 
HETATM 1461 O O   . HOH C 3 .   ? -6.748  9.735   -10.736 1.00 26.74 ? 474 HOH A O   1 
HETATM 1462 O O   . HOH C 3 .   ? -0.464  15.857  -10.172 1.00 26.66 ? 475 HOH A O   1 
HETATM 1463 O O   . HOH C 3 .   ? 14.555  5.322   2.202   1.00 31.19 ? 476 HOH A O   1 
HETATM 1464 O O   . HOH C 3 .   ? -10.882 9.519   4.911   1.00 33.21 ? 477 HOH A O   1 
HETATM 1465 O O   . HOH C 3 .   ? -11.513 2.111   -2.764  1.00 30.26 ? 478 HOH A O   1 
HETATM 1466 O O   . HOH C 3 .   ? -1.985  -2.768  13.223  1.00 38.69 ? 479 HOH A O   1 
HETATM 1467 O O   . HOH C 3 .   ? -5.602  13.475  4.430   1.00 23.12 ? 480 HOH A O   1 
HETATM 1468 O O   . HOH C 3 .   ? -6.075  7.985   -8.417  1.00 35.00 ? 481 HOH A O   1 
# 
